data_3C1R
# 
_entry.id   3C1R 
# 
_audit_conform.dict_name       mmcif_pdbx.dic 
_audit_conform.dict_version    5.397 
_audit_conform.dict_location   http://mmcif.pdb.org/dictionaries/ascii/mmcif_pdbx.dic 
# 
loop_
_database_2.database_id 
_database_2.database_code 
_database_2.pdbx_database_accession 
_database_2.pdbx_DOI 
PDB   3C1R         pdb_00003c1r 10.2210/pdb3c1r/pdb 
RCSB  RCSB046232   ?            ?                   
WWPDB D_1000046232 ?            ?                   
# 
loop_
_pdbx_audit_revision_history.ordinal 
_pdbx_audit_revision_history.data_content_type 
_pdbx_audit_revision_history.major_revision 
_pdbx_audit_revision_history.minor_revision 
_pdbx_audit_revision_history.revision_date 
1 'Structure model' 1 0 2008-12-09 
2 'Structure model' 1 1 2011-07-13 
3 'Structure model' 1 2 2023-11-01 
4 'Structure model' 1 3 2024-10-16 
# 
_pdbx_audit_revision_details.ordinal             1 
_pdbx_audit_revision_details.revision_ordinal    1 
_pdbx_audit_revision_details.data_content_type   'Structure model' 
_pdbx_audit_revision_details.provider            repository 
_pdbx_audit_revision_details.type                'Initial release' 
_pdbx_audit_revision_details.description         ? 
_pdbx_audit_revision_details.details             ? 
# 
loop_
_pdbx_audit_revision_group.ordinal 
_pdbx_audit_revision_group.revision_ordinal 
_pdbx_audit_revision_group.data_content_type 
_pdbx_audit_revision_group.group 
1 2 'Structure model' 'Version format compliance' 
2 3 'Structure model' 'Data collection'           
3 3 'Structure model' 'Database references'       
4 3 'Structure model' 'Derived calculations'      
5 3 'Structure model' 'Refinement description'    
6 4 'Structure model' 'Structure summary'         
# 
loop_
_pdbx_audit_revision_category.ordinal 
_pdbx_audit_revision_category.revision_ordinal 
_pdbx_audit_revision_category.data_content_type 
_pdbx_audit_revision_category.category 
1 3 'Structure model' chem_comp_atom                
2 3 'Structure model' chem_comp_bond                
3 3 'Structure model' database_2                    
4 3 'Structure model' pdbx_initial_refinement_model 
5 3 'Structure model' struct_ref_seq_dif            
6 3 'Structure model' struct_site                   
7 4 'Structure model' pdbx_entry_details            
8 4 'Structure model' pdbx_modification_feature     
# 
loop_
_pdbx_audit_revision_item.ordinal 
_pdbx_audit_revision_item.revision_ordinal 
_pdbx_audit_revision_item.data_content_type 
_pdbx_audit_revision_item.item 
1 3 'Structure model' '_database_2.pdbx_DOI'                
2 3 'Structure model' '_database_2.pdbx_database_accession' 
3 3 'Structure model' '_struct_ref_seq_dif.details'         
4 3 'Structure model' '_struct_site.pdbx_auth_asym_id'      
5 3 'Structure model' '_struct_site.pdbx_auth_comp_id'      
6 3 'Structure model' '_struct_site.pdbx_auth_seq_id'       
# 
_pdbx_database_status.status_code                     REL 
_pdbx_database_status.entry_id                        3C1R 
_pdbx_database_status.recvd_initial_deposition_date   2008-01-24 
_pdbx_database_status.deposit_site                    RCSB 
_pdbx_database_status.process_site                    PDBJ 
_pdbx_database_status.status_code_sf                  REL 
_pdbx_database_status.status_code_mr                  ? 
_pdbx_database_status.SG_entry                        ? 
_pdbx_database_status.pdb_format_compatible           Y 
_pdbx_database_status.status_code_cs                  ? 
_pdbx_database_status.status_code_nmr_data            ? 
_pdbx_database_status.methods_development_category    ? 
# 
_pdbx_database_related.db_name        PDB 
_pdbx_database_related.db_id          3C1S 
_pdbx_database_related.details        . 
_pdbx_database_related.content_type   unspecified 
# 
loop_
_audit_author.name 
_audit_author.pdbx_ordinal 
'Yu, J.'     1 
'Zhou, C.Z.' 2 
# 
_citation.id                        primary 
_citation.title                     
'Glutathionylation-triggered conformational changes of glutaredoxin Grx1 from the yeast Saccharomyces cerevisiae.' 
_citation.journal_abbrev            Proteins 
_citation.journal_volume            72 
_citation.page_first                1077 
_citation.page_last                 1083 
_citation.year                      2008 
_citation.journal_id_ASTM           PSFGEY 
_citation.country                   US 
_citation.journal_id_ISSN           0887-3585 
_citation.journal_id_CSD            0867 
_citation.book_publisher            ? 
_citation.pdbx_database_id_PubMed   18473363 
_citation.pdbx_database_id_DOI      10.1002/prot.22096 
# 
loop_
_citation_author.citation_id 
_citation_author.name 
_citation_author.ordinal 
_citation_author.identifier_ORCID 
primary 'Yu, J.'      1 ? 
primary 'Zhang, N.N.' 2 ? 
primary 'Yin, P.D.'   3 ? 
primary 'Cui, P.X.'   4 ? 
primary 'Zhou, C.Z.'  5 ? 
# 
loop_
_entity.id 
_entity.type 
_entity.src_method 
_entity.pdbx_description 
_entity.formula_weight 
_entity.pdbx_number_of_molecules 
_entity.pdbx_ec 
_entity.pdbx_mutation 
_entity.pdbx_fragment 
_entity.details 
1 polymer     man Glutaredoxin-1                         13411.281 1   1.20.4.1 ? ? ? 
2 non-polymer syn '2-(N-MORPHOLINO)-ETHANESULFONIC ACID' 195.237   1   ?        ? ? ? 
3 water       nat water                                  18.015    117 ?        ? ? ? 
# 
_entity_name_com.entity_id   1 
_entity_name_com.name        'Glutathione-dependent oxidoreductase 1' 
# 
_entity_poly.entity_id                      1 
_entity_poly.type                           'polypeptide(L)' 
_entity_poly.nstd_linkage                   no 
_entity_poly.nstd_monomer                   no 
_entity_poly.pdbx_seq_one_letter_code       
;MGHHHHHHMVSQETIKHVKDLIAENEIFVASKTYCPYCHAALNTLFEKLKVPRSKVLVLQLNDMKEGADIQAALYEINGQ
RTVPNIYINGKHIGGNDDLQELRETGELEELLEPILAN
;
_entity_poly.pdbx_seq_one_letter_code_can   
;MGHHHHHHMVSQETIKHVKDLIAENEIFVASKTYCPYCHAALNTLFEKLKVPRSKVLVLQLNDMKEGADIQAALYEINGQ
RTVPNIYINGKHIGGNDDLQELRETGELEELLEPILAN
;
_entity_poly.pdbx_strand_id                 A 
_entity_poly.pdbx_target_identifier         ? 
# 
loop_
_pdbx_entity_nonpoly.entity_id 
_pdbx_entity_nonpoly.name 
_pdbx_entity_nonpoly.comp_id 
2 '2-(N-MORPHOLINO)-ETHANESULFONIC ACID' MES 
3 water                                  HOH 
# 
loop_
_entity_poly_seq.entity_id 
_entity_poly_seq.num 
_entity_poly_seq.mon_id 
_entity_poly_seq.hetero 
1 1   MET n 
1 2   GLY n 
1 3   HIS n 
1 4   HIS n 
1 5   HIS n 
1 6   HIS n 
1 7   HIS n 
1 8   HIS n 
1 9   MET n 
1 10  VAL n 
1 11  SER n 
1 12  GLN n 
1 13  GLU n 
1 14  THR n 
1 15  ILE n 
1 16  LYS n 
1 17  HIS n 
1 18  VAL n 
1 19  LYS n 
1 20  ASP n 
1 21  LEU n 
1 22  ILE n 
1 23  ALA n 
1 24  GLU n 
1 25  ASN n 
1 26  GLU n 
1 27  ILE n 
1 28  PHE n 
1 29  VAL n 
1 30  ALA n 
1 31  SER n 
1 32  LYS n 
1 33  THR n 
1 34  TYR n 
1 35  CYS n 
1 36  PRO n 
1 37  TYR n 
1 38  CYS n 
1 39  HIS n 
1 40  ALA n 
1 41  ALA n 
1 42  LEU n 
1 43  ASN n 
1 44  THR n 
1 45  LEU n 
1 46  PHE n 
1 47  GLU n 
1 48  LYS n 
1 49  LEU n 
1 50  LYS n 
1 51  VAL n 
1 52  PRO n 
1 53  ARG n 
1 54  SER n 
1 55  LYS n 
1 56  VAL n 
1 57  LEU n 
1 58  VAL n 
1 59  LEU n 
1 60  GLN n 
1 61  LEU n 
1 62  ASN n 
1 63  ASP n 
1 64  MET n 
1 65  LYS n 
1 66  GLU n 
1 67  GLY n 
1 68  ALA n 
1 69  ASP n 
1 70  ILE n 
1 71  GLN n 
1 72  ALA n 
1 73  ALA n 
1 74  LEU n 
1 75  TYR n 
1 76  GLU n 
1 77  ILE n 
1 78  ASN n 
1 79  GLY n 
1 80  GLN n 
1 81  ARG n 
1 82  THR n 
1 83  VAL n 
1 84  PRO n 
1 85  ASN n 
1 86  ILE n 
1 87  TYR n 
1 88  ILE n 
1 89  ASN n 
1 90  GLY n 
1 91  LYS n 
1 92  HIS n 
1 93  ILE n 
1 94  GLY n 
1 95  GLY n 
1 96  ASN n 
1 97  ASP n 
1 98  ASP n 
1 99  LEU n 
1 100 GLN n 
1 101 GLU n 
1 102 LEU n 
1 103 ARG n 
1 104 GLU n 
1 105 THR n 
1 106 GLY n 
1 107 GLU n 
1 108 LEU n 
1 109 GLU n 
1 110 GLU n 
1 111 LEU n 
1 112 LEU n 
1 113 GLU n 
1 114 PRO n 
1 115 ILE n 
1 116 LEU n 
1 117 ALA n 
1 118 ASN n 
# 
_entity_src_gen.entity_id                          1 
_entity_src_gen.pdbx_src_id                        1 
_entity_src_gen.pdbx_alt_source_flag               sample 
_entity_src_gen.pdbx_seq_type                      ? 
_entity_src_gen.pdbx_beg_seq_num                   ? 
_entity_src_gen.pdbx_end_seq_num                   ? 
_entity_src_gen.gene_src_common_name               
;Baker's yeast
;
_entity_src_gen.gene_src_genus                     ? 
_entity_src_gen.pdbx_gene_src_gene                 GRX1 
_entity_src_gen.gene_src_species                   ? 
_entity_src_gen.gene_src_strain                    S288C 
_entity_src_gen.gene_src_tissue                    ? 
_entity_src_gen.gene_src_tissue_fraction           ? 
_entity_src_gen.gene_src_details                   ? 
_entity_src_gen.pdbx_gene_src_fragment             ? 
_entity_src_gen.pdbx_gene_src_scientific_name      'Saccharomyces cerevisiae' 
_entity_src_gen.pdbx_gene_src_ncbi_taxonomy_id     4932 
_entity_src_gen.pdbx_gene_src_variant              ? 
_entity_src_gen.pdbx_gene_src_cell_line            ? 
_entity_src_gen.pdbx_gene_src_atcc                 ? 
_entity_src_gen.pdbx_gene_src_organ                ? 
_entity_src_gen.pdbx_gene_src_organelle            ? 
_entity_src_gen.pdbx_gene_src_cell                 ? 
_entity_src_gen.pdbx_gene_src_cellular_location    ? 
_entity_src_gen.host_org_common_name               ? 
_entity_src_gen.pdbx_host_org_scientific_name      'ESCHERICHIA COLI' 
_entity_src_gen.pdbx_host_org_ncbi_taxonomy_id     562 
_entity_src_gen.host_org_genus                     ? 
_entity_src_gen.pdbx_host_org_gene                 ? 
_entity_src_gen.pdbx_host_org_organ                ? 
_entity_src_gen.host_org_species                   ? 
_entity_src_gen.pdbx_host_org_tissue               ? 
_entity_src_gen.pdbx_host_org_tissue_fraction      ? 
_entity_src_gen.pdbx_host_org_strain               'BL21(DE3)' 
_entity_src_gen.pdbx_host_org_variant              ? 
_entity_src_gen.pdbx_host_org_cell_line            ? 
_entity_src_gen.pdbx_host_org_atcc                 ? 
_entity_src_gen.pdbx_host_org_culture_collection   ? 
_entity_src_gen.pdbx_host_org_cell                 ? 
_entity_src_gen.pdbx_host_org_organelle            ? 
_entity_src_gen.pdbx_host_org_cellular_location    ? 
_entity_src_gen.pdbx_host_org_vector_type          PLASMID 
_entity_src_gen.pdbx_host_org_vector               ? 
_entity_src_gen.host_org_details                   ? 
_entity_src_gen.expression_system_id               ? 
_entity_src_gen.plasmid_name                       PET28B 
_entity_src_gen.plasmid_details                    ? 
_entity_src_gen.pdbx_description                   ? 
# 
loop_
_chem_comp.id 
_chem_comp.type 
_chem_comp.mon_nstd_flag 
_chem_comp.name 
_chem_comp.pdbx_synonyms 
_chem_comp.formula 
_chem_comp.formula_weight 
ALA 'L-peptide linking' y ALANINE                                ? 'C3 H7 N O2'     89.093  
ARG 'L-peptide linking' y ARGININE                               ? 'C6 H15 N4 O2 1' 175.209 
ASN 'L-peptide linking' y ASPARAGINE                             ? 'C4 H8 N2 O3'    132.118 
ASP 'L-peptide linking' y 'ASPARTIC ACID'                        ? 'C4 H7 N O4'     133.103 
CYS 'L-peptide linking' y CYSTEINE                               ? 'C3 H7 N O2 S'   121.158 
GLN 'L-peptide linking' y GLUTAMINE                              ? 'C5 H10 N2 O3'   146.144 
GLU 'L-peptide linking' y 'GLUTAMIC ACID'                        ? 'C5 H9 N O4'     147.129 
GLY 'peptide linking'   y GLYCINE                                ? 'C2 H5 N O2'     75.067  
HIS 'L-peptide linking' y HISTIDINE                              ? 'C6 H10 N3 O2 1' 156.162 
HOH non-polymer         . WATER                                  ? 'H2 O'           18.015  
ILE 'L-peptide linking' y ISOLEUCINE                             ? 'C6 H13 N O2'    131.173 
LEU 'L-peptide linking' y LEUCINE                                ? 'C6 H13 N O2'    131.173 
LYS 'L-peptide linking' y LYSINE                                 ? 'C6 H15 N2 O2 1' 147.195 
MES non-polymer         . '2-(N-MORPHOLINO)-ETHANESULFONIC ACID' ? 'C6 H13 N O4 S'  195.237 
MET 'L-peptide linking' y METHIONINE                             ? 'C5 H11 N O2 S'  149.211 
PHE 'L-peptide linking' y PHENYLALANINE                          ? 'C9 H11 N O2'    165.189 
PRO 'L-peptide linking' y PROLINE                                ? 'C5 H9 N O2'     115.130 
SER 'L-peptide linking' y SERINE                                 ? 'C3 H7 N O3'     105.093 
THR 'L-peptide linking' y THREONINE                              ? 'C4 H9 N O3'     119.119 
TYR 'L-peptide linking' y TYROSINE                               ? 'C9 H11 N O3'    181.189 
VAL 'L-peptide linking' y VALINE                                 ? 'C5 H11 N O2'    117.146 
# 
loop_
_pdbx_poly_seq_scheme.asym_id 
_pdbx_poly_seq_scheme.entity_id 
_pdbx_poly_seq_scheme.seq_id 
_pdbx_poly_seq_scheme.mon_id 
_pdbx_poly_seq_scheme.ndb_seq_num 
_pdbx_poly_seq_scheme.pdb_seq_num 
_pdbx_poly_seq_scheme.auth_seq_num 
_pdbx_poly_seq_scheme.pdb_mon_id 
_pdbx_poly_seq_scheme.auth_mon_id 
_pdbx_poly_seq_scheme.pdb_strand_id 
_pdbx_poly_seq_scheme.pdb_ins_code 
_pdbx_poly_seq_scheme.hetero 
A 1 1   MET 1   -7  ?   ?   ?   A . n 
A 1 2   GLY 2   -6  ?   ?   ?   A . n 
A 1 3   HIS 3   -5  ?   ?   ?   A . n 
A 1 4   HIS 4   -4  ?   ?   ?   A . n 
A 1 5   HIS 5   -3  ?   ?   ?   A . n 
A 1 6   HIS 6   -2  ?   ?   ?   A . n 
A 1 7   HIS 7   -1  ?   ?   ?   A . n 
A 1 8   HIS 8   0   0   HIS HIS A . n 
A 1 9   MET 9   1   1   MET MET A . n 
A 1 10  VAL 10  2   2   VAL VAL A . n 
A 1 11  SER 11  3   3   SER SER A . n 
A 1 12  GLN 12  4   4   GLN GLN A . n 
A 1 13  GLU 13  5   5   GLU GLU A . n 
A 1 14  THR 14  6   6   THR THR A . n 
A 1 15  ILE 15  7   7   ILE ILE A . n 
A 1 16  LYS 16  8   8   LYS LYS A . n 
A 1 17  HIS 17  9   9   HIS HIS A . n 
A 1 18  VAL 18  10  10  VAL VAL A . n 
A 1 19  LYS 19  11  11  LYS LYS A . n 
A 1 20  ASP 20  12  12  ASP ASP A . n 
A 1 21  LEU 21  13  13  LEU LEU A . n 
A 1 22  ILE 22  14  14  ILE ILE A . n 
A 1 23  ALA 23  15  15  ALA ALA A . n 
A 1 24  GLU 24  16  16  GLU GLU A . n 
A 1 25  ASN 25  17  17  ASN ASN A . n 
A 1 26  GLU 26  18  18  GLU GLU A . n 
A 1 27  ILE 27  19  19  ILE ILE A . n 
A 1 28  PHE 28  20  20  PHE PHE A . n 
A 1 29  VAL 29  21  21  VAL VAL A . n 
A 1 30  ALA 30  22  22  ALA ALA A . n 
A 1 31  SER 31  23  23  SER SER A . n 
A 1 32  LYS 32  24  24  LYS LYS A . n 
A 1 33  THR 33  25  25  THR THR A . n 
A 1 34  TYR 34  26  26  TYR TYR A . n 
A 1 35  CYS 35  27  27  CYS CYS A . n 
A 1 36  PRO 36  28  28  PRO PRO A . n 
A 1 37  TYR 37  29  29  TYR TYR A . n 
A 1 38  CYS 38  30  30  CYS CYS A . n 
A 1 39  HIS 39  31  31  HIS HIS A . n 
A 1 40  ALA 40  32  32  ALA ALA A . n 
A 1 41  ALA 41  33  33  ALA ALA A . n 
A 1 42  LEU 42  34  34  LEU LEU A . n 
A 1 43  ASN 43  35  35  ASN ASN A . n 
A 1 44  THR 44  36  36  THR THR A . n 
A 1 45  LEU 45  37  37  LEU LEU A . n 
A 1 46  PHE 46  38  38  PHE PHE A . n 
A 1 47  GLU 47  39  39  GLU GLU A . n 
A 1 48  LYS 48  40  40  LYS LYS A . n 
A 1 49  LEU 49  41  41  LEU LEU A . n 
A 1 50  LYS 50  42  42  LYS LYS A . n 
A 1 51  VAL 51  43  43  VAL VAL A . n 
A 1 52  PRO 52  44  44  PRO PRO A . n 
A 1 53  ARG 53  45  45  ARG ARG A . n 
A 1 54  SER 54  46  46  SER SER A . n 
A 1 55  LYS 55  47  47  LYS LYS A . n 
A 1 56  VAL 56  48  48  VAL VAL A . n 
A 1 57  LEU 57  49  49  LEU LEU A . n 
A 1 58  VAL 58  50  50  VAL VAL A . n 
A 1 59  LEU 59  51  51  LEU LEU A . n 
A 1 60  GLN 60  52  52  GLN GLN A . n 
A 1 61  LEU 61  53  53  LEU LEU A . n 
A 1 62  ASN 62  54  54  ASN ASN A . n 
A 1 63  ASP 63  55  55  ASP ASP A . n 
A 1 64  MET 64  56  56  MET MET A . n 
A 1 65  LYS 65  57  57  LYS LYS A . n 
A 1 66  GLU 66  58  58  GLU GLU A . n 
A 1 67  GLY 67  59  59  GLY GLY A . n 
A 1 68  ALA 68  60  60  ALA ALA A . n 
A 1 69  ASP 69  61  61  ASP ASP A . n 
A 1 70  ILE 70  62  62  ILE ILE A . n 
A 1 71  GLN 71  63  63  GLN GLN A . n 
A 1 72  ALA 72  64  64  ALA ALA A . n 
A 1 73  ALA 73  65  65  ALA ALA A . n 
A 1 74  LEU 74  66  66  LEU LEU A . n 
A 1 75  TYR 75  67  67  TYR TYR A . n 
A 1 76  GLU 76  68  68  GLU GLU A . n 
A 1 77  ILE 77  69  69  ILE ILE A . n 
A 1 78  ASN 78  70  70  ASN ASN A . n 
A 1 79  GLY 79  71  71  GLY GLY A . n 
A 1 80  GLN 80  72  72  GLN GLN A . n 
A 1 81  ARG 81  73  73  ARG ARG A . n 
A 1 82  THR 82  74  74  THR THR A . n 
A 1 83  VAL 83  75  75  VAL VAL A . n 
A 1 84  PRO 84  76  76  PRO PRO A . n 
A 1 85  ASN 85  77  77  ASN ASN A . n 
A 1 86  ILE 86  78  78  ILE ILE A . n 
A 1 87  TYR 87  79  79  TYR TYR A . n 
A 1 88  ILE 88  80  80  ILE ILE A . n 
A 1 89  ASN 89  81  81  ASN ASN A . n 
A 1 90  GLY 90  82  82  GLY GLY A . n 
A 1 91  LYS 91  83  83  LYS LYS A . n 
A 1 92  HIS 92  84  84  HIS HIS A . n 
A 1 93  ILE 93  85  85  ILE ILE A . n 
A 1 94  GLY 94  86  86  GLY GLY A . n 
A 1 95  GLY 95  87  87  GLY GLY A . n 
A 1 96  ASN 96  88  88  ASN ASN A . n 
A 1 97  ASP 97  89  89  ASP ASP A . n 
A 1 98  ASP 98  90  90  ASP ASP A . n 
A 1 99  LEU 99  91  91  LEU LEU A . n 
A 1 100 GLN 100 92  92  GLN GLN A . n 
A 1 101 GLU 101 93  93  GLU GLU A . n 
A 1 102 LEU 102 94  94  LEU LEU A . n 
A 1 103 ARG 103 95  95  ARG ARG A . n 
A 1 104 GLU 104 96  96  GLU GLU A . n 
A 1 105 THR 105 97  97  THR THR A . n 
A 1 106 GLY 106 98  98  GLY GLY A . n 
A 1 107 GLU 107 99  99  GLU GLU A . n 
A 1 108 LEU 108 100 100 LEU LEU A . n 
A 1 109 GLU 109 101 101 GLU GLU A . n 
A 1 110 GLU 110 102 102 GLU GLU A . n 
A 1 111 LEU 111 103 103 LEU LEU A . n 
A 1 112 LEU 112 104 104 LEU LEU A . n 
A 1 113 GLU 113 105 105 GLU GLU A . n 
A 1 114 PRO 114 106 106 PRO PRO A . n 
A 1 115 ILE 115 107 107 ILE ILE A . n 
A 1 116 LEU 116 108 108 LEU LEU A . n 
A 1 117 ALA 117 109 109 ALA ALA A . n 
A 1 118 ASN 118 110 ?   ?   ?   A . n 
# 
loop_
_pdbx_nonpoly_scheme.asym_id 
_pdbx_nonpoly_scheme.entity_id 
_pdbx_nonpoly_scheme.mon_id 
_pdbx_nonpoly_scheme.ndb_seq_num 
_pdbx_nonpoly_scheme.pdb_seq_num 
_pdbx_nonpoly_scheme.auth_seq_num 
_pdbx_nonpoly_scheme.pdb_mon_id 
_pdbx_nonpoly_scheme.auth_mon_id 
_pdbx_nonpoly_scheme.pdb_strand_id 
_pdbx_nonpoly_scheme.pdb_ins_code 
B 2 MES 1   3440 3440 MES MES A . 
C 3 HOH 1   3441 3441 HOH HOH A . 
C 3 HOH 2   3442 3442 HOH HOH A . 
C 3 HOH 3   3443 3443 HOH HOH A . 
C 3 HOH 4   3444 3444 HOH HOH A . 
C 3 HOH 5   3445 3445 HOH HOH A . 
C 3 HOH 6   3446 3446 HOH HOH A . 
C 3 HOH 7   3447 3447 HOH HOH A . 
C 3 HOH 8   3448 3448 HOH HOH A . 
C 3 HOH 9   3449 3449 HOH HOH A . 
C 3 HOH 10  3450 3450 HOH HOH A . 
C 3 HOH 11  3451 3451 HOH HOH A . 
C 3 HOH 12  3452 3452 HOH HOH A . 
C 3 HOH 13  3453 3453 HOH HOH A . 
C 3 HOH 14  3454 3454 HOH HOH A . 
C 3 HOH 15  3455 3455 HOH HOH A . 
C 3 HOH 16  3456 3456 HOH HOH A . 
C 3 HOH 17  3457 3457 HOH HOH A . 
C 3 HOH 18  3458 3458 HOH HOH A . 
C 3 HOH 19  3459 3459 HOH HOH A . 
C 3 HOH 20  3460 3460 HOH HOH A . 
C 3 HOH 21  3461 3461 HOH HOH A . 
C 3 HOH 22  3462 3462 HOH HOH A . 
C 3 HOH 23  3463 3463 HOH HOH A . 
C 3 HOH 24  3464 3464 HOH HOH A . 
C 3 HOH 25  3465 3465 HOH HOH A . 
C 3 HOH 26  3466 3466 HOH HOH A . 
C 3 HOH 27  3467 3467 HOH HOH A . 
C 3 HOH 28  3468 3468 HOH HOH A . 
C 3 HOH 29  3469 3469 HOH HOH A . 
C 3 HOH 30  3470 3470 HOH HOH A . 
C 3 HOH 31  3471 3471 HOH HOH A . 
C 3 HOH 32  3472 3472 HOH HOH A . 
C 3 HOH 33  3473 3473 HOH HOH A . 
C 3 HOH 34  3474 3474 HOH HOH A . 
C 3 HOH 35  3475 3475 HOH HOH A . 
C 3 HOH 36  3476 3476 HOH HOH A . 
C 3 HOH 37  3477 3477 HOH HOH A . 
C 3 HOH 38  3478 3478 HOH HOH A . 
C 3 HOH 39  3479 3479 HOH HOH A . 
C 3 HOH 40  3480 3480 HOH HOH A . 
C 3 HOH 41  3481 3481 HOH HOH A . 
C 3 HOH 42  3482 3482 HOH HOH A . 
C 3 HOH 43  3483 3483 HOH HOH A . 
C 3 HOH 44  3484 3484 HOH HOH A . 
C 3 HOH 45  3485 3485 HOH HOH A . 
C 3 HOH 46  3486 3486 HOH HOH A . 
C 3 HOH 47  3487 3487 HOH HOH A . 
C 3 HOH 48  3488 3488 HOH HOH A . 
C 3 HOH 49  3489 3489 HOH HOH A . 
C 3 HOH 50  3490 3490 HOH HOH A . 
C 3 HOH 51  3491 3491 HOH HOH A . 
C 3 HOH 52  3492 3492 HOH HOH A . 
C 3 HOH 53  3493 3493 HOH HOH A . 
C 3 HOH 54  3494 3494 HOH HOH A . 
C 3 HOH 55  3495 3495 HOH HOH A . 
C 3 HOH 56  3496 3496 HOH HOH A . 
C 3 HOH 57  3497 3497 HOH HOH A . 
C 3 HOH 58  3498 3498 HOH HOH A . 
C 3 HOH 59  3499 3499 HOH HOH A . 
C 3 HOH 60  3500 3500 HOH HOH A . 
C 3 HOH 61  3501 3501 HOH HOH A . 
C 3 HOH 62  3502 3502 HOH HOH A . 
C 3 HOH 63  3503 3503 HOH HOH A . 
C 3 HOH 64  3504 3504 HOH HOH A . 
C 3 HOH 65  3505 3505 HOH HOH A . 
C 3 HOH 66  3506 3506 HOH HOH A . 
C 3 HOH 67  3507 3507 HOH HOH A . 
C 3 HOH 68  3508 3508 HOH HOH A . 
C 3 HOH 69  3509 3509 HOH HOH A . 
C 3 HOH 70  3510 3510 HOH HOH A . 
C 3 HOH 71  3511 3511 HOH HOH A . 
C 3 HOH 72  3512 3512 HOH HOH A . 
C 3 HOH 73  3513 3513 HOH HOH A . 
C 3 HOH 74  3514 3514 HOH HOH A . 
C 3 HOH 75  3515 3515 HOH HOH A . 
C 3 HOH 76  3516 3516 HOH HOH A . 
C 3 HOH 77  3517 3517 HOH HOH A . 
C 3 HOH 78  3518 3518 HOH HOH A . 
C 3 HOH 79  3519 3519 HOH HOH A . 
C 3 HOH 80  3520 3520 HOH HOH A . 
C 3 HOH 81  3521 3521 HOH HOH A . 
C 3 HOH 82  3522 3522 HOH HOH A . 
C 3 HOH 83  3523 3523 HOH HOH A . 
C 3 HOH 84  3524 3524 HOH HOH A . 
C 3 HOH 85  3525 3525 HOH HOH A . 
C 3 HOH 86  3526 3526 HOH HOH A . 
C 3 HOH 87  3527 3527 HOH HOH A . 
C 3 HOH 88  3528 3528 HOH HOH A . 
C 3 HOH 89  3529 3529 HOH HOH A . 
C 3 HOH 90  3530 3530 HOH HOH A . 
C 3 HOH 91  3531 3531 HOH HOH A . 
C 3 HOH 92  3532 3532 HOH HOH A . 
C 3 HOH 93  3533 3533 HOH HOH A . 
C 3 HOH 94  3534 3534 HOH HOH A . 
C 3 HOH 95  3535 3535 HOH HOH A . 
C 3 HOH 96  3536 3536 HOH HOH A . 
C 3 HOH 97  3537 3537 HOH HOH A . 
C 3 HOH 98  3538 3538 HOH HOH A . 
C 3 HOH 99  3539 3539 HOH HOH A . 
C 3 HOH 100 3540 3540 HOH HOH A . 
C 3 HOH 101 3541 3541 HOH HOH A . 
C 3 HOH 102 3542 3542 HOH HOH A . 
C 3 HOH 103 3543 3543 HOH HOH A . 
C 3 HOH 104 3544 3544 HOH HOH A . 
C 3 HOH 105 3545 3545 HOH HOH A . 
C 3 HOH 106 3546 3546 HOH HOH A . 
C 3 HOH 107 3547 3547 HOH HOH A . 
C 3 HOH 108 3548 3548 HOH HOH A . 
C 3 HOH 109 3549 3549 HOH HOH A . 
C 3 HOH 110 3550 3550 HOH HOH A . 
C 3 HOH 111 3551 3551 HOH HOH A . 
C 3 HOH 112 3552 3552 HOH HOH A . 
C 3 HOH 113 3553 3553 HOH HOH A . 
C 3 HOH 114 3554 3554 HOH HOH A . 
C 3 HOH 115 3555 3555 HOH HOH A . 
C 3 HOH 116 3556 3556 HOH HOH A . 
C 3 HOH 117 3557 3557 HOH HOH A . 
# 
loop_
_software.name 
_software.classification 
_software.version 
_software.citation_id 
_software.pdbx_ordinal 
MOLREP    phasing           .   ? 1 
CNS       refinement        1.1 ? 2 
MAR345dtb 'data collection' .   ? 3 
AUTOMAR   'data reduction'  .   ? 4 
# 
_cell.entry_id           3C1R 
_cell.length_a           28.210 
_cell.length_b           49.631 
_cell.length_c           39.701 
_cell.angle_alpha        90.00 
_cell.angle_beta         94.95 
_cell.angle_gamma        90.00 
_cell.Z_PDB              2 
_cell.pdbx_unique_axis   ? 
_cell.length_a_esd       ? 
_cell.length_b_esd       ? 
_cell.length_c_esd       ? 
_cell.angle_alpha_esd    ? 
_cell.angle_beta_esd     ? 
_cell.angle_gamma_esd    ? 
# 
_symmetry.entry_id                         3C1R 
_symmetry.space_group_name_H-M             'P 1 21 1' 
_symmetry.pdbx_full_space_group_name_H-M   ? 
_symmetry.cell_setting                     ? 
_symmetry.Int_Tables_number                4 
_symmetry.space_group_name_Hall            ? 
# 
_exptl.entry_id          3C1R 
_exptl.method            'X-RAY DIFFRACTION' 
_exptl.crystals_number   1 
# 
_exptl_crystal.id                    1 
_exptl_crystal.density_meas          ? 
_exptl_crystal.density_Matthews      2.06 
_exptl_crystal.density_percent_sol   40.41 
_exptl_crystal.description           ? 
_exptl_crystal.F_000                 ? 
_exptl_crystal.preparation           ? 
# 
_exptl_crystal_grow.crystal_id      1 
_exptl_crystal_grow.method          'VAPOR DIFFUSION, HANGING DROP' 
_exptl_crystal_grow.temp            289 
_exptl_crystal_grow.temp_details    ? 
_exptl_crystal_grow.pH              6.50 
_exptl_crystal_grow.pdbx_details    '12% PEG 20000, 0.1M MES, pH 6.50, VAPOR DIFFUSION, HANGING DROP, temperature 289K' 
_exptl_crystal_grow.pdbx_pH_range   . 
# 
_diffrn.id                     1 
_diffrn.ambient_temp           100.0 
_diffrn.ambient_temp_details   ? 
_diffrn.crystal_id             1 
# 
_diffrn_detector.diffrn_id              1 
_diffrn_detector.detector               'IMAGE PLATE' 
_diffrn_detector.type                   'MAR scanner 345 mm plate' 
_diffrn_detector.pdbx_collection_date   ? 
_diffrn_detector.details                MIRRORS 
# 
_diffrn_radiation.diffrn_id                        1 
_diffrn_radiation.wavelength_id                    1 
_diffrn_radiation.pdbx_monochromatic_or_laue_m_l   M 
_diffrn_radiation.monochromator                    'YALE MIRRORS' 
_diffrn_radiation.pdbx_diffrn_protocol             'SINGLE WAVELENGTH' 
_diffrn_radiation.pdbx_scattering_type             x-ray 
# 
_diffrn_radiation_wavelength.id           1 
_diffrn_radiation_wavelength.wavelength   1.5418 
_diffrn_radiation_wavelength.wt           1.0 
# 
_diffrn_source.diffrn_id                   1 
_diffrn_source.source                      'ROTATING ANODE' 
_diffrn_source.type                        RIGAKU 
_diffrn_source.pdbx_synchrotron_site       ? 
_diffrn_source.pdbx_synchrotron_beamline   ? 
_diffrn_source.pdbx_wavelength             ? 
_diffrn_source.pdbx_wavelength_list        1.5418 
# 
_reflns.entry_id                     3C1R 
_reflns.observed_criterion_sigma_I   1.000 
_reflns.observed_criterion_sigma_F   ? 
_reflns.d_resolution_low             28.110 
_reflns.d_resolution_high            2.000 
_reflns.number_obs                   7126 
_reflns.number_all                   ? 
_reflns.percent_possible_obs         95.3 
_reflns.pdbx_Rmerge_I_obs            0.061 
_reflns.pdbx_Rsym_value              ? 
_reflns.pdbx_netI_over_sigmaI        9.6000 
_reflns.B_iso_Wilson_estimate        8.20 
_reflns.pdbx_redundancy              4.050 
_reflns.R_free_details               ? 
_reflns.limit_h_max                  ? 
_reflns.limit_h_min                  ? 
_reflns.limit_k_max                  ? 
_reflns.limit_k_min                  ? 
_reflns.limit_l_max                  ? 
_reflns.limit_l_min                  ? 
_reflns.observed_criterion_F_max     ? 
_reflns.observed_criterion_F_min     ? 
_reflns.pdbx_chi_squared             ? 
_reflns.pdbx_scaling_rejects         ? 
_reflns.pdbx_diffrn_id               1 
_reflns.pdbx_ordinal                 1 
# 
_reflns_shell.d_res_high             2.00 
_reflns_shell.d_res_low              2.07 
_reflns_shell.percent_possible_all   90.9 
_reflns_shell.Rmerge_I_obs           0.107 
_reflns_shell.pdbx_Rsym_value        ? 
_reflns_shell.meanI_over_sigI_obs    5.200 
_reflns_shell.pdbx_redundancy        4.12 
_reflns_shell.percent_possible_obs   ? 
_reflns_shell.number_unique_all      632 
_reflns_shell.number_measured_all    ? 
_reflns_shell.number_measured_obs    ? 
_reflns_shell.number_unique_obs      ? 
_reflns_shell.pdbx_chi_squared       ? 
_reflns_shell.pdbx_diffrn_id         ? 
_reflns_shell.pdbx_ordinal           1 
# 
_refine.entry_id                                 3C1R 
_refine.ls_number_reflns_obs                     7126 
_refine.ls_number_reflns_all                     ? 
_refine.pdbx_ls_sigma_I                          ? 
_refine.pdbx_ls_sigma_F                          2.000 
_refine.pdbx_data_cutoff_high_absF               616709.750 
_refine.pdbx_data_cutoff_low_absF                0.0000 
_refine.pdbx_data_cutoff_high_rms_absF           ? 
_refine.ls_d_res_low                             28.11 
_refine.ls_d_res_high                            2.00 
_refine.ls_percent_reflns_obs                    95.3 
_refine.ls_R_factor_obs                          0.193 
_refine.ls_R_factor_all                          ? 
_refine.ls_R_factor_R_work                       0.193 
_refine.ls_R_factor_R_free                       0.205 
_refine.ls_R_factor_R_free_error                 0.011 
_refine.ls_R_factor_R_free_error_details         ? 
_refine.ls_percent_reflns_R_free                 5.100 
_refine.ls_number_reflns_R_free                  364 
_refine.ls_number_parameters                     ? 
_refine.ls_number_restraints                     ? 
_refine.occupancy_min                            ? 
_refine.occupancy_max                            ? 
_refine.correlation_coeff_Fo_to_Fc               ? 
_refine.correlation_coeff_Fo_to_Fc_free          ? 
_refine.B_iso_mean                               16.20 
_refine.aniso_B[1][1]                            0.00000 
_refine.aniso_B[2][2]                            0.00000 
_refine.aniso_B[3][3]                            0.00000 
_refine.aniso_B[1][2]                            0.00000 
_refine.aniso_B[1][3]                            0.00000 
_refine.aniso_B[2][3]                            0.00000 
_refine.solvent_model_details                    'FLAT MODEL' 
_refine.solvent_model_param_ksol                 0.36 
_refine.solvent_model_param_bsol                 37.67 
_refine.pdbx_solvent_vdw_probe_radii             ? 
_refine.pdbx_solvent_ion_probe_radii             ? 
_refine.pdbx_solvent_shrinkage_radii             ? 
_refine.pdbx_ls_cross_valid_method               THROUGHOUT 
_refine.details                                  ? 
_refine.pdbx_starting_model                      2FLS 
_refine.pdbx_method_to_determine_struct          'MOLECULAR REPLACEMENT' 
_refine.pdbx_isotropic_thermal_model             RESTRAINED 
_refine.pdbx_stereochemistry_target_values       'Engh & Huber' 
_refine.pdbx_stereochem_target_val_spec_case     ? 
_refine.pdbx_R_Free_selection_details            RANDOM 
_refine.pdbx_overall_ESU_R                       ? 
_refine.pdbx_overall_ESU_R_Free                  ? 
_refine.overall_SU_ML                            ? 
_refine.overall_SU_B                             ? 
_refine.ls_redundancy_reflns_obs                 ? 
_refine.B_iso_min                                ? 
_refine.B_iso_max                                ? 
_refine.overall_SU_R_Cruickshank_DPI             ? 
_refine.overall_SU_R_free                        ? 
_refine.ls_wR_factor_R_free                      ? 
_refine.ls_wR_factor_R_work                      ? 
_refine.overall_FOM_free_R_set                   ? 
_refine.overall_FOM_work_R_set                   ? 
_refine.pdbx_overall_phase_error                 ? 
_refine.pdbx_refine_id                           'X-RAY DIFFRACTION' 
_refine.pdbx_diffrn_id                           1 
_refine.pdbx_TLS_residual_ADP_flag               ? 
_refine.pdbx_overall_SU_R_free_Cruickshank_DPI   ? 
_refine.pdbx_overall_SU_R_Blow_DPI               ? 
_refine.pdbx_overall_SU_R_free_Blow_DPI          ? 
# 
_refine_analyze.entry_id                        3C1R 
_refine_analyze.Luzzati_coordinate_error_obs    0.21 
_refine_analyze.Luzzati_sigma_a_obs             0.12 
_refine_analyze.Luzzati_d_res_low_obs           5.00 
_refine_analyze.Luzzati_coordinate_error_free   0.24 
_refine_analyze.Luzzati_sigma_a_free            0.12 
_refine_analyze.Luzzati_d_res_low_free          ? 
_refine_analyze.number_disordered_residues      ? 
_refine_analyze.occupancy_sum_hydrogen          ? 
_refine_analyze.occupancy_sum_non_hydrogen      ? 
_refine_analyze.pdbx_Luzzati_d_res_high_obs     ? 
_refine_analyze.pdbx_refine_id                  'X-RAY DIFFRACTION' 
# 
_refine_hist.pdbx_refine_id                   'X-RAY DIFFRACTION' 
_refine_hist.cycle_id                         LAST 
_refine_hist.pdbx_number_atoms_protein        870 
_refine_hist.pdbx_number_atoms_nucleic_acid   0 
_refine_hist.pdbx_number_atoms_ligand         12 
_refine_hist.number_atoms_solvent             117 
_refine_hist.number_atoms_total               999 
_refine_hist.d_res_high                       2.00 
_refine_hist.d_res_low                        28.11 
# 
loop_
_refine_ls_restr.type 
_refine_ls_restr.dev_ideal 
_refine_ls_restr.dev_ideal_target 
_refine_ls_restr.weight 
_refine_ls_restr.number 
_refine_ls_restr.pdbx_refine_id 
_refine_ls_restr.pdbx_restraint_function 
c_bond_d                0.009 ? ? ? 'X-RAY DIFFRACTION' ? 
c_bond_d_na             ?     ? ? ? 'X-RAY DIFFRACTION' ? 
c_bond_d_prot           ?     ? ? ? 'X-RAY DIFFRACTION' ? 
c_angle_d               ?     ? ? ? 'X-RAY DIFFRACTION' ? 
c_angle_d_na            ?     ? ? ? 'X-RAY DIFFRACTION' ? 
c_angle_d_prot          ?     ? ? ? 'X-RAY DIFFRACTION' ? 
c_angle_deg             1.30  ? ? ? 'X-RAY DIFFRACTION' ? 
c_angle_deg_na          ?     ? ? ? 'X-RAY DIFFRACTION' ? 
c_angle_deg_prot        ?     ? ? ? 'X-RAY DIFFRACTION' ? 
c_dihedral_angle_d      23.60 ? ? ? 'X-RAY DIFFRACTION' ? 
c_dihedral_angle_d_na   ?     ? ? ? 'X-RAY DIFFRACTION' ? 
c_dihedral_angle_d_prot ?     ? ? ? 'X-RAY DIFFRACTION' ? 
c_improper_angle_d      1.49  ? ? ? 'X-RAY DIFFRACTION' ? 
c_improper_angle_d_na   ?     ? ? ? 'X-RAY DIFFRACTION' ? 
c_improper_angle_d_prot ?     ? ? ? 'X-RAY DIFFRACTION' ? 
c_mcbond_it             ?     ? ? ? 'X-RAY DIFFRACTION' ? 
c_mcangle_it            ?     ? ? ? 'X-RAY DIFFRACTION' ? 
c_scbond_it             ?     ? ? ? 'X-RAY DIFFRACTION' ? 
c_scangle_it            ?     ? ? ? 'X-RAY DIFFRACTION' ? 
# 
_refine_ls_shell.pdbx_total_number_of_bins_used   10 
_refine_ls_shell.d_res_high                       2.00 
_refine_ls_shell.d_res_low                        2.07 
_refine_ls_shell.number_reflns_R_work             632 
_refine_ls_shell.R_factor_R_work                  0.202 
_refine_ls_shell.percent_reflns_obs               90.30 
_refine_ls_shell.R_factor_R_free                  0.219 
_refine_ls_shell.R_factor_R_free_error            0.037 
_refine_ls_shell.percent_reflns_R_free            5.20 
_refine_ls_shell.number_reflns_R_free             364 
_refine_ls_shell.number_reflns_all                ? 
_refine_ls_shell.R_factor_all                     ? 
_refine_ls_shell.number_reflns_obs                7126 
_refine_ls_shell.redundancy_reflns_obs            ? 
_refine_ls_shell.pdbx_refine_id                   'X-RAY DIFFRACTION' 
# 
loop_
_pdbx_xplor_file.serial_no 
_pdbx_xplor_file.param_file 
_pdbx_xplor_file.topol_file 
_pdbx_xplor_file.pdbx_refine_id 
1 PROTEIN_REP.PARAM PROTEIN.TOP 'X-RAY DIFFRACTION' 
2 WATER_REP.PARAM   WATER.TOP   'X-RAY DIFFRACTION' 
3 MES_PAR.PARAM     MES_TOP.TOP 'X-RAY DIFFRACTION' 
# 
_struct.entry_id                  3C1R 
_struct.title                     'Crystal structure of oxidized GRX1' 
_struct.pdbx_model_details        ? 
_struct.pdbx_CASP_flag            N 
_struct.pdbx_model_type_details   ? 
# 
_struct_keywords.entry_id        3C1R 
_struct_keywords.pdbx_keywords   OXIDOREDUCTASE 
_struct_keywords.text            'OXIDIZED FORM, OXIDOREDUCTASE, Cytoplasm, Electron transport, Redox-active center, Transport' 
# 
loop_
_struct_asym.id 
_struct_asym.pdbx_blank_PDB_chainid_flag 
_struct_asym.pdbx_modified 
_struct_asym.entity_id 
_struct_asym.details 
A N N 1 ? 
B N N 2 ? 
C N N 3 ? 
# 
_struct_ref.id                         1 
_struct_ref.db_name                    UNP 
_struct_ref.db_code                    GLRX1_YEAST 
_struct_ref.pdbx_db_accession          P25373 
_struct_ref.entity_id                  1 
_struct_ref.pdbx_seq_one_letter_code   
;MVSQETIKHVKDLIAENEIFVASKTYCPYCHAALNTLFEKLKVPRSKVLVLQLNDMKEGADIQAALYEINGQRTVPNIYI
NGKHIGGNDDLQELRETGELEELLEPILAN
;
_struct_ref.pdbx_align_begin           1 
_struct_ref.pdbx_db_isoform            ? 
# 
_struct_ref_seq.align_id                      1 
_struct_ref_seq.ref_id                        1 
_struct_ref_seq.pdbx_PDB_id_code              3C1R 
_struct_ref_seq.pdbx_strand_id                A 
_struct_ref_seq.seq_align_beg                 9 
_struct_ref_seq.pdbx_seq_align_beg_ins_code   ? 
_struct_ref_seq.seq_align_end                 118 
_struct_ref_seq.pdbx_seq_align_end_ins_code   ? 
_struct_ref_seq.pdbx_db_accession             P25373 
_struct_ref_seq.db_align_beg                  1 
_struct_ref_seq.pdbx_db_align_beg_ins_code    ? 
_struct_ref_seq.db_align_end                  110 
_struct_ref_seq.pdbx_db_align_end_ins_code    ? 
_struct_ref_seq.pdbx_auth_seq_align_beg       1 
_struct_ref_seq.pdbx_auth_seq_align_end       110 
# 
loop_
_struct_ref_seq_dif.align_id 
_struct_ref_seq_dif.pdbx_pdb_id_code 
_struct_ref_seq_dif.mon_id 
_struct_ref_seq_dif.pdbx_pdb_strand_id 
_struct_ref_seq_dif.seq_num 
_struct_ref_seq_dif.pdbx_pdb_ins_code 
_struct_ref_seq_dif.pdbx_seq_db_name 
_struct_ref_seq_dif.pdbx_seq_db_accession_code 
_struct_ref_seq_dif.db_mon_id 
_struct_ref_seq_dif.pdbx_seq_db_seq_num 
_struct_ref_seq_dif.details 
_struct_ref_seq_dif.pdbx_auth_seq_num 
_struct_ref_seq_dif.pdbx_ordinal 
1 3C1R MET A 1 ? UNP P25373 ? ? 'expression tag' -7 1 
1 3C1R GLY A 2 ? UNP P25373 ? ? 'expression tag' -6 2 
1 3C1R HIS A 3 ? UNP P25373 ? ? 'expression tag' -5 3 
1 3C1R HIS A 4 ? UNP P25373 ? ? 'expression tag' -4 4 
1 3C1R HIS A 5 ? UNP P25373 ? ? 'expression tag' -3 5 
1 3C1R HIS A 6 ? UNP P25373 ? ? 'expression tag' -2 6 
1 3C1R HIS A 7 ? UNP P25373 ? ? 'expression tag' -1 7 
1 3C1R HIS A 8 ? UNP P25373 ? ? 'expression tag' 0  8 
# 
_pdbx_struct_assembly.id                   1 
_pdbx_struct_assembly.details              author_and_software_defined_assembly 
_pdbx_struct_assembly.method_details       PISA 
_pdbx_struct_assembly.oligomeric_details   monomeric 
_pdbx_struct_assembly.oligomeric_count     1 
# 
_pdbx_struct_assembly_gen.assembly_id       1 
_pdbx_struct_assembly_gen.oper_expression   1 
_pdbx_struct_assembly_gen.asym_id_list      A,B,C 
# 
_pdbx_struct_oper_list.id                   1 
_pdbx_struct_oper_list.type                 'identity operation' 
_pdbx_struct_oper_list.name                 1_555 
_pdbx_struct_oper_list.symmetry_operation   x,y,z 
_pdbx_struct_oper_list.matrix[1][1]         1.0000000000 
_pdbx_struct_oper_list.matrix[1][2]         0.0000000000 
_pdbx_struct_oper_list.matrix[1][3]         0.0000000000 
_pdbx_struct_oper_list.vector[1]            0.0000000000 
_pdbx_struct_oper_list.matrix[2][1]         0.0000000000 
_pdbx_struct_oper_list.matrix[2][2]         1.0000000000 
_pdbx_struct_oper_list.matrix[2][3]         0.0000000000 
_pdbx_struct_oper_list.vector[2]            0.0000000000 
_pdbx_struct_oper_list.matrix[3][1]         0.0000000000 
_pdbx_struct_oper_list.matrix[3][2]         0.0000000000 
_pdbx_struct_oper_list.matrix[3][3]         1.0000000000 
_pdbx_struct_oper_list.vector[3]            0.0000000000 
# 
_struct_biol.id        1 
_struct_biol.details   ? 
# 
loop_
_struct_conf.conf_type_id 
_struct_conf.id 
_struct_conf.pdbx_PDB_helix_id 
_struct_conf.beg_label_comp_id 
_struct_conf.beg_label_asym_id 
_struct_conf.beg_label_seq_id 
_struct_conf.pdbx_beg_PDB_ins_code 
_struct_conf.end_label_comp_id 
_struct_conf.end_label_asym_id 
_struct_conf.end_label_seq_id 
_struct_conf.pdbx_end_PDB_ins_code 
_struct_conf.beg_auth_comp_id 
_struct_conf.beg_auth_asym_id 
_struct_conf.beg_auth_seq_id 
_struct_conf.end_auth_comp_id 
_struct_conf.end_auth_asym_id 
_struct_conf.end_auth_seq_id 
_struct_conf.pdbx_PDB_helix_class 
_struct_conf.details 
_struct_conf.pdbx_PDB_helix_length 
HELX_P HELX_P1 1 SER A 11  ? ASN A 25  ? SER A 3  ASN A 17  1 ? 15 
HELX_P HELX_P2 2 CYS A 35  ? GLU A 47  ? CYS A 27 GLU A 39  1 ? 13 
HELX_P HELX_P3 3 PRO A 52  ? SER A 54  ? PRO A 44 SER A 46  5 ? 3  
HELX_P HELX_P4 4 ASN A 62  ? MET A 64  ? ASN A 54 MET A 56  5 ? 3  
HELX_P HELX_P5 5 GLU A 66  ? GLY A 79  ? GLU A 58 GLY A 71  1 ? 14 
HELX_P HELX_P6 6 GLY A 95  ? THR A 105 ? GLY A 87 THR A 97  1 ? 11 
HELX_P HELX_P7 7 GLY A 106 ? ALA A 117 ? GLY A 98 ALA A 109 1 ? 12 
# 
_struct_conf_type.id          HELX_P 
_struct_conf_type.criteria    ? 
_struct_conf_type.reference   ? 
# 
_struct_conn.id                            disulf1 
_struct_conn.conn_type_id                  disulf 
_struct_conn.pdbx_leaving_atom_flag        ? 
_struct_conn.pdbx_PDB_id                   ? 
_struct_conn.ptnr1_label_asym_id           A 
_struct_conn.ptnr1_label_comp_id           CYS 
_struct_conn.ptnr1_label_seq_id            35 
_struct_conn.ptnr1_label_atom_id           SG 
_struct_conn.pdbx_ptnr1_label_alt_id       ? 
_struct_conn.pdbx_ptnr1_PDB_ins_code       ? 
_struct_conn.pdbx_ptnr1_standard_comp_id   ? 
_struct_conn.ptnr1_symmetry                1_555 
_struct_conn.ptnr2_label_asym_id           A 
_struct_conn.ptnr2_label_comp_id           CYS 
_struct_conn.ptnr2_label_seq_id            38 
_struct_conn.ptnr2_label_atom_id           SG 
_struct_conn.pdbx_ptnr2_label_alt_id       ? 
_struct_conn.pdbx_ptnr2_PDB_ins_code       ? 
_struct_conn.ptnr1_auth_asym_id            A 
_struct_conn.ptnr1_auth_comp_id            CYS 
_struct_conn.ptnr1_auth_seq_id             27 
_struct_conn.ptnr2_auth_asym_id            A 
_struct_conn.ptnr2_auth_comp_id            CYS 
_struct_conn.ptnr2_auth_seq_id             30 
_struct_conn.ptnr2_symmetry                1_555 
_struct_conn.pdbx_ptnr3_label_atom_id      ? 
_struct_conn.pdbx_ptnr3_label_seq_id       ? 
_struct_conn.pdbx_ptnr3_label_comp_id      ? 
_struct_conn.pdbx_ptnr3_label_asym_id      ? 
_struct_conn.pdbx_ptnr3_label_alt_id       ? 
_struct_conn.pdbx_ptnr3_PDB_ins_code       ? 
_struct_conn.details                       ? 
_struct_conn.pdbx_dist_value               2.064 
_struct_conn.pdbx_value_order              ? 
_struct_conn.pdbx_role                     ? 
# 
_struct_conn_type.id          disulf 
_struct_conn_type.criteria    ? 
_struct_conn_type.reference   ? 
# 
_pdbx_modification_feature.ordinal                            1 
_pdbx_modification_feature.label_comp_id                      CYS 
_pdbx_modification_feature.label_asym_id                      A 
_pdbx_modification_feature.label_seq_id                       35 
_pdbx_modification_feature.label_alt_id                       ? 
_pdbx_modification_feature.modified_residue_label_comp_id     CYS 
_pdbx_modification_feature.modified_residue_label_asym_id     A 
_pdbx_modification_feature.modified_residue_label_seq_id      38 
_pdbx_modification_feature.modified_residue_label_alt_id      ? 
_pdbx_modification_feature.auth_comp_id                       CYS 
_pdbx_modification_feature.auth_asym_id                       A 
_pdbx_modification_feature.auth_seq_id                        27 
_pdbx_modification_feature.PDB_ins_code                       ? 
_pdbx_modification_feature.symmetry                           1_555 
_pdbx_modification_feature.modified_residue_auth_comp_id      CYS 
_pdbx_modification_feature.modified_residue_auth_asym_id      A 
_pdbx_modification_feature.modified_residue_auth_seq_id       30 
_pdbx_modification_feature.modified_residue_PDB_ins_code      ? 
_pdbx_modification_feature.modified_residue_symmetry          1_555 
_pdbx_modification_feature.comp_id_linking_atom               SG 
_pdbx_modification_feature.modified_residue_id_linking_atom   SG 
_pdbx_modification_feature.modified_residue_id                . 
_pdbx_modification_feature.ref_pcm_id                         . 
_pdbx_modification_feature.ref_comp_id                        . 
_pdbx_modification_feature.type                               None 
_pdbx_modification_feature.category                           'Disulfide bridge' 
# 
_struct_mon_prot_cis.pdbx_id                1 
_struct_mon_prot_cis.label_comp_id          VAL 
_struct_mon_prot_cis.label_seq_id           83 
_struct_mon_prot_cis.label_asym_id          A 
_struct_mon_prot_cis.label_alt_id           . 
_struct_mon_prot_cis.pdbx_PDB_ins_code      ? 
_struct_mon_prot_cis.auth_comp_id           VAL 
_struct_mon_prot_cis.auth_seq_id            75 
_struct_mon_prot_cis.auth_asym_id           A 
_struct_mon_prot_cis.pdbx_label_comp_id_2   PRO 
_struct_mon_prot_cis.pdbx_label_seq_id_2    84 
_struct_mon_prot_cis.pdbx_label_asym_id_2   A 
_struct_mon_prot_cis.pdbx_PDB_ins_code_2    ? 
_struct_mon_prot_cis.pdbx_auth_comp_id_2    PRO 
_struct_mon_prot_cis.pdbx_auth_seq_id_2     76 
_struct_mon_prot_cis.pdbx_auth_asym_id_2    A 
_struct_mon_prot_cis.pdbx_PDB_model_num     1 
_struct_mon_prot_cis.pdbx_omega_angle       3.35 
# 
_struct_sheet.id               A 
_struct_sheet.type             ? 
_struct_sheet.number_strands   4 
_struct_sheet.details          ? 
# 
loop_
_struct_sheet_order.sheet_id 
_struct_sheet_order.range_id_1 
_struct_sheet_order.range_id_2 
_struct_sheet_order.offset 
_struct_sheet_order.sense 
A 1 2 ? parallel      
A 2 3 ? anti-parallel 
A 3 4 ? anti-parallel 
# 
loop_
_struct_sheet_range.sheet_id 
_struct_sheet_range.id 
_struct_sheet_range.beg_label_comp_id 
_struct_sheet_range.beg_label_asym_id 
_struct_sheet_range.beg_label_seq_id 
_struct_sheet_range.pdbx_beg_PDB_ins_code 
_struct_sheet_range.end_label_comp_id 
_struct_sheet_range.end_label_asym_id 
_struct_sheet_range.end_label_seq_id 
_struct_sheet_range.pdbx_end_PDB_ins_code 
_struct_sheet_range.beg_auth_comp_id 
_struct_sheet_range.beg_auth_asym_id 
_struct_sheet_range.beg_auth_seq_id 
_struct_sheet_range.end_auth_comp_id 
_struct_sheet_range.end_auth_asym_id 
_struct_sheet_range.end_auth_seq_id 
A 1 VAL A 56 ? GLN A 60 ? VAL A 48 GLN A 52 
A 2 ILE A 27 ? SER A 31 ? ILE A 19 SER A 23 
A 3 ASN A 85 ? ILE A 88 ? ASN A 77 ILE A 80 
A 4 LYS A 91 ? GLY A 94 ? LYS A 83 GLY A 86 
# 
loop_
_pdbx_struct_sheet_hbond.sheet_id 
_pdbx_struct_sheet_hbond.range_id_1 
_pdbx_struct_sheet_hbond.range_id_2 
_pdbx_struct_sheet_hbond.range_1_label_atom_id 
_pdbx_struct_sheet_hbond.range_1_label_comp_id 
_pdbx_struct_sheet_hbond.range_1_label_asym_id 
_pdbx_struct_sheet_hbond.range_1_label_seq_id 
_pdbx_struct_sheet_hbond.range_1_PDB_ins_code 
_pdbx_struct_sheet_hbond.range_1_auth_atom_id 
_pdbx_struct_sheet_hbond.range_1_auth_comp_id 
_pdbx_struct_sheet_hbond.range_1_auth_asym_id 
_pdbx_struct_sheet_hbond.range_1_auth_seq_id 
_pdbx_struct_sheet_hbond.range_2_label_atom_id 
_pdbx_struct_sheet_hbond.range_2_label_comp_id 
_pdbx_struct_sheet_hbond.range_2_label_asym_id 
_pdbx_struct_sheet_hbond.range_2_label_seq_id 
_pdbx_struct_sheet_hbond.range_2_PDB_ins_code 
_pdbx_struct_sheet_hbond.range_2_auth_atom_id 
_pdbx_struct_sheet_hbond.range_2_auth_comp_id 
_pdbx_struct_sheet_hbond.range_2_auth_asym_id 
_pdbx_struct_sheet_hbond.range_2_auth_seq_id 
A 1 2 O LEU A 59 ? O LEU A 51 N SER A 31 ? N SER A 23 
A 2 3 N ALA A 30 ? N ALA A 22 O ASN A 85 ? O ASN A 77 
A 3 4 N ILE A 86 ? N ILE A 78 O GLY A 94 ? O GLY A 86 
# 
_struct_site.id                   AC1 
_struct_site.pdbx_evidence_code   Software 
_struct_site.pdbx_auth_asym_id    A 
_struct_site.pdbx_auth_comp_id    MES 
_struct_site.pdbx_auth_seq_id     3440 
_struct_site.pdbx_auth_ins_code   ? 
_struct_site.pdbx_num_residues    10 
_struct_site.details              'BINDING SITE FOR RESIDUE MES A 3440' 
# 
loop_
_struct_site_gen.id 
_struct_site_gen.site_id 
_struct_site_gen.pdbx_num_res 
_struct_site_gen.label_comp_id 
_struct_site_gen.label_asym_id 
_struct_site_gen.label_seq_id 
_struct_site_gen.pdbx_auth_ins_code 
_struct_site_gen.auth_comp_id 
_struct_site_gen.auth_asym_id 
_struct_site_gen.auth_seq_id 
_struct_site_gen.label_atom_id 
_struct_site_gen.label_alt_id 
_struct_site_gen.symmetry 
_struct_site_gen.details 
1  AC1 10 ALA A 23 ? ALA A 15   . ? 1_655 ? 
2  AC1 10 TYR A 37 ? TYR A 29   . ? 1_555 ? 
3  AC1 10 PRO A 84 ? PRO A 76   . ? 1_555 ? 
4  AC1 10 ASN A 89 ? ASN A 81   . ? 1_655 ? 
5  AC1 10 GLY A 90 ? GLY A 82   . ? 1_655 ? 
6  AC1 10 GLY A 95 ? GLY A 87   . ? 1_555 ? 
7  AC1 10 ASN A 96 ? ASN A 88   . ? 1_555 ? 
8  AC1 10 ASP A 97 ? ASP A 89   . ? 1_555 ? 
9  AC1 10 HOH C .  ? HOH A 3461 . ? 1_555 ? 
10 AC1 10 HOH C .  ? HOH A 3465 . ? 1_555 ? 
# 
_pdbx_entry_details.entry_id                   3C1R 
_pdbx_entry_details.compound_details           ? 
_pdbx_entry_details.source_details             ? 
_pdbx_entry_details.nonpolymer_details         ? 
_pdbx_entry_details.sequence_details           ? 
_pdbx_entry_details.has_ligand_of_interest     ? 
_pdbx_entry_details.has_protein_modification   Y 
# 
loop_
_pdbx_unobs_or_zero_occ_residues.id 
_pdbx_unobs_or_zero_occ_residues.PDB_model_num 
_pdbx_unobs_or_zero_occ_residues.polymer_flag 
_pdbx_unobs_or_zero_occ_residues.occupancy_flag 
_pdbx_unobs_or_zero_occ_residues.auth_asym_id 
_pdbx_unobs_or_zero_occ_residues.auth_comp_id 
_pdbx_unobs_or_zero_occ_residues.auth_seq_id 
_pdbx_unobs_or_zero_occ_residues.PDB_ins_code 
_pdbx_unobs_or_zero_occ_residues.label_asym_id 
_pdbx_unobs_or_zero_occ_residues.label_comp_id 
_pdbx_unobs_or_zero_occ_residues.label_seq_id 
1 1 Y 1 A MET -7  ? A MET 1   
2 1 Y 1 A GLY -6  ? A GLY 2   
3 1 Y 1 A HIS -5  ? A HIS 3   
4 1 Y 1 A HIS -4  ? A HIS 4   
5 1 Y 1 A HIS -3  ? A HIS 5   
6 1 Y 1 A HIS -2  ? A HIS 6   
7 1 Y 1 A HIS -1  ? A HIS 7   
8 1 Y 1 A ASN 110 ? A ASN 118 
# 
loop_
_chem_comp_atom.comp_id 
_chem_comp_atom.atom_id 
_chem_comp_atom.type_symbol 
_chem_comp_atom.pdbx_aromatic_flag 
_chem_comp_atom.pdbx_stereo_config 
_chem_comp_atom.pdbx_ordinal 
ALA N    N N N 1   
ALA CA   C N S 2   
ALA C    C N N 3   
ALA O    O N N 4   
ALA CB   C N N 5   
ALA OXT  O N N 6   
ALA H    H N N 7   
ALA H2   H N N 8   
ALA HA   H N N 9   
ALA HB1  H N N 10  
ALA HB2  H N N 11  
ALA HB3  H N N 12  
ALA HXT  H N N 13  
ARG N    N N N 14  
ARG CA   C N S 15  
ARG C    C N N 16  
ARG O    O N N 17  
ARG CB   C N N 18  
ARG CG   C N N 19  
ARG CD   C N N 20  
ARG NE   N N N 21  
ARG CZ   C N N 22  
ARG NH1  N N N 23  
ARG NH2  N N N 24  
ARG OXT  O N N 25  
ARG H    H N N 26  
ARG H2   H N N 27  
ARG HA   H N N 28  
ARG HB2  H N N 29  
ARG HB3  H N N 30  
ARG HG2  H N N 31  
ARG HG3  H N N 32  
ARG HD2  H N N 33  
ARG HD3  H N N 34  
ARG HE   H N N 35  
ARG HH11 H N N 36  
ARG HH12 H N N 37  
ARG HH21 H N N 38  
ARG HH22 H N N 39  
ARG HXT  H N N 40  
ASN N    N N N 41  
ASN CA   C N S 42  
ASN C    C N N 43  
ASN O    O N N 44  
ASN CB   C N N 45  
ASN CG   C N N 46  
ASN OD1  O N N 47  
ASN ND2  N N N 48  
ASN OXT  O N N 49  
ASN H    H N N 50  
ASN H2   H N N 51  
ASN HA   H N N 52  
ASN HB2  H N N 53  
ASN HB3  H N N 54  
ASN HD21 H N N 55  
ASN HD22 H N N 56  
ASN HXT  H N N 57  
ASP N    N N N 58  
ASP CA   C N S 59  
ASP C    C N N 60  
ASP O    O N N 61  
ASP CB   C N N 62  
ASP CG   C N N 63  
ASP OD1  O N N 64  
ASP OD2  O N N 65  
ASP OXT  O N N 66  
ASP H    H N N 67  
ASP H2   H N N 68  
ASP HA   H N N 69  
ASP HB2  H N N 70  
ASP HB3  H N N 71  
ASP HD2  H N N 72  
ASP HXT  H N N 73  
CYS N    N N N 74  
CYS CA   C N R 75  
CYS C    C N N 76  
CYS O    O N N 77  
CYS CB   C N N 78  
CYS SG   S N N 79  
CYS OXT  O N N 80  
CYS H    H N N 81  
CYS H2   H N N 82  
CYS HA   H N N 83  
CYS HB2  H N N 84  
CYS HB3  H N N 85  
CYS HG   H N N 86  
CYS HXT  H N N 87  
GLN N    N N N 88  
GLN CA   C N S 89  
GLN C    C N N 90  
GLN O    O N N 91  
GLN CB   C N N 92  
GLN CG   C N N 93  
GLN CD   C N N 94  
GLN OE1  O N N 95  
GLN NE2  N N N 96  
GLN OXT  O N N 97  
GLN H    H N N 98  
GLN H2   H N N 99  
GLN HA   H N N 100 
GLN HB2  H N N 101 
GLN HB3  H N N 102 
GLN HG2  H N N 103 
GLN HG3  H N N 104 
GLN HE21 H N N 105 
GLN HE22 H N N 106 
GLN HXT  H N N 107 
GLU N    N N N 108 
GLU CA   C N S 109 
GLU C    C N N 110 
GLU O    O N N 111 
GLU CB   C N N 112 
GLU CG   C N N 113 
GLU CD   C N N 114 
GLU OE1  O N N 115 
GLU OE2  O N N 116 
GLU OXT  O N N 117 
GLU H    H N N 118 
GLU H2   H N N 119 
GLU HA   H N N 120 
GLU HB2  H N N 121 
GLU HB3  H N N 122 
GLU HG2  H N N 123 
GLU HG3  H N N 124 
GLU HE2  H N N 125 
GLU HXT  H N N 126 
GLY N    N N N 127 
GLY CA   C N N 128 
GLY C    C N N 129 
GLY O    O N N 130 
GLY OXT  O N N 131 
GLY H    H N N 132 
GLY H2   H N N 133 
GLY HA2  H N N 134 
GLY HA3  H N N 135 
GLY HXT  H N N 136 
HIS N    N N N 137 
HIS CA   C N S 138 
HIS C    C N N 139 
HIS O    O N N 140 
HIS CB   C N N 141 
HIS CG   C Y N 142 
HIS ND1  N Y N 143 
HIS CD2  C Y N 144 
HIS CE1  C Y N 145 
HIS NE2  N Y N 146 
HIS OXT  O N N 147 
HIS H    H N N 148 
HIS H2   H N N 149 
HIS HA   H N N 150 
HIS HB2  H N N 151 
HIS HB3  H N N 152 
HIS HD1  H N N 153 
HIS HD2  H N N 154 
HIS HE1  H N N 155 
HIS HE2  H N N 156 
HIS HXT  H N N 157 
HOH O    O N N 158 
HOH H1   H N N 159 
HOH H2   H N N 160 
ILE N    N N N 161 
ILE CA   C N S 162 
ILE C    C N N 163 
ILE O    O N N 164 
ILE CB   C N S 165 
ILE CG1  C N N 166 
ILE CG2  C N N 167 
ILE CD1  C N N 168 
ILE OXT  O N N 169 
ILE H    H N N 170 
ILE H2   H N N 171 
ILE HA   H N N 172 
ILE HB   H N N 173 
ILE HG12 H N N 174 
ILE HG13 H N N 175 
ILE HG21 H N N 176 
ILE HG22 H N N 177 
ILE HG23 H N N 178 
ILE HD11 H N N 179 
ILE HD12 H N N 180 
ILE HD13 H N N 181 
ILE HXT  H N N 182 
LEU N    N N N 183 
LEU CA   C N S 184 
LEU C    C N N 185 
LEU O    O N N 186 
LEU CB   C N N 187 
LEU CG   C N N 188 
LEU CD1  C N N 189 
LEU CD2  C N N 190 
LEU OXT  O N N 191 
LEU H    H N N 192 
LEU H2   H N N 193 
LEU HA   H N N 194 
LEU HB2  H N N 195 
LEU HB3  H N N 196 
LEU HG   H N N 197 
LEU HD11 H N N 198 
LEU HD12 H N N 199 
LEU HD13 H N N 200 
LEU HD21 H N N 201 
LEU HD22 H N N 202 
LEU HD23 H N N 203 
LEU HXT  H N N 204 
LYS N    N N N 205 
LYS CA   C N S 206 
LYS C    C N N 207 
LYS O    O N N 208 
LYS CB   C N N 209 
LYS CG   C N N 210 
LYS CD   C N N 211 
LYS CE   C N N 212 
LYS NZ   N N N 213 
LYS OXT  O N N 214 
LYS H    H N N 215 
LYS H2   H N N 216 
LYS HA   H N N 217 
LYS HB2  H N N 218 
LYS HB3  H N N 219 
LYS HG2  H N N 220 
LYS HG3  H N N 221 
LYS HD2  H N N 222 
LYS HD3  H N N 223 
LYS HE2  H N N 224 
LYS HE3  H N N 225 
LYS HZ1  H N N 226 
LYS HZ2  H N N 227 
LYS HZ3  H N N 228 
LYS HXT  H N N 229 
MES O1   O N N 230 
MES C2   C N N 231 
MES C3   C N N 232 
MES N4   N N N 233 
MES C5   C N N 234 
MES C6   C N N 235 
MES C7   C N N 236 
MES C8   C N N 237 
MES S    S N N 238 
MES O1S  O N N 239 
MES O2S  O N N 240 
MES O3S  O N N 241 
MES H21  H N N 242 
MES H22  H N N 243 
MES H31  H N N 244 
MES H32  H N N 245 
MES HN4  H N N 246 
MES H51  H N N 247 
MES H52  H N N 248 
MES H61  H N N 249 
MES H62  H N N 250 
MES H71  H N N 251 
MES H72  H N N 252 
MES H81  H N N 253 
MES H82  H N N 254 
MET N    N N N 255 
MET CA   C N S 256 
MET C    C N N 257 
MET O    O N N 258 
MET CB   C N N 259 
MET CG   C N N 260 
MET SD   S N N 261 
MET CE   C N N 262 
MET OXT  O N N 263 
MET H    H N N 264 
MET H2   H N N 265 
MET HA   H N N 266 
MET HB2  H N N 267 
MET HB3  H N N 268 
MET HG2  H N N 269 
MET HG3  H N N 270 
MET HE1  H N N 271 
MET HE2  H N N 272 
MET HE3  H N N 273 
MET HXT  H N N 274 
PHE N    N N N 275 
PHE CA   C N S 276 
PHE C    C N N 277 
PHE O    O N N 278 
PHE CB   C N N 279 
PHE CG   C Y N 280 
PHE CD1  C Y N 281 
PHE CD2  C Y N 282 
PHE CE1  C Y N 283 
PHE CE2  C Y N 284 
PHE CZ   C Y N 285 
PHE OXT  O N N 286 
PHE H    H N N 287 
PHE H2   H N N 288 
PHE HA   H N N 289 
PHE HB2  H N N 290 
PHE HB3  H N N 291 
PHE HD1  H N N 292 
PHE HD2  H N N 293 
PHE HE1  H N N 294 
PHE HE2  H N N 295 
PHE HZ   H N N 296 
PHE HXT  H N N 297 
PRO N    N N N 298 
PRO CA   C N S 299 
PRO C    C N N 300 
PRO O    O N N 301 
PRO CB   C N N 302 
PRO CG   C N N 303 
PRO CD   C N N 304 
PRO OXT  O N N 305 
PRO H    H N N 306 
PRO HA   H N N 307 
PRO HB2  H N N 308 
PRO HB3  H N N 309 
PRO HG2  H N N 310 
PRO HG3  H N N 311 
PRO HD2  H N N 312 
PRO HD3  H N N 313 
PRO HXT  H N N 314 
SER N    N N N 315 
SER CA   C N S 316 
SER C    C N N 317 
SER O    O N N 318 
SER CB   C N N 319 
SER OG   O N N 320 
SER OXT  O N N 321 
SER H    H N N 322 
SER H2   H N N 323 
SER HA   H N N 324 
SER HB2  H N N 325 
SER HB3  H N N 326 
SER HG   H N N 327 
SER HXT  H N N 328 
THR N    N N N 329 
THR CA   C N S 330 
THR C    C N N 331 
THR O    O N N 332 
THR CB   C N R 333 
THR OG1  O N N 334 
THR CG2  C N N 335 
THR OXT  O N N 336 
THR H    H N N 337 
THR H2   H N N 338 
THR HA   H N N 339 
THR HB   H N N 340 
THR HG1  H N N 341 
THR HG21 H N N 342 
THR HG22 H N N 343 
THR HG23 H N N 344 
THR HXT  H N N 345 
TYR N    N N N 346 
TYR CA   C N S 347 
TYR C    C N N 348 
TYR O    O N N 349 
TYR CB   C N N 350 
TYR CG   C Y N 351 
TYR CD1  C Y N 352 
TYR CD2  C Y N 353 
TYR CE1  C Y N 354 
TYR CE2  C Y N 355 
TYR CZ   C Y N 356 
TYR OH   O N N 357 
TYR OXT  O N N 358 
TYR H    H N N 359 
TYR H2   H N N 360 
TYR HA   H N N 361 
TYR HB2  H N N 362 
TYR HB3  H N N 363 
TYR HD1  H N N 364 
TYR HD2  H N N 365 
TYR HE1  H N N 366 
TYR HE2  H N N 367 
TYR HH   H N N 368 
TYR HXT  H N N 369 
VAL N    N N N 370 
VAL CA   C N S 371 
VAL C    C N N 372 
VAL O    O N N 373 
VAL CB   C N N 374 
VAL CG1  C N N 375 
VAL CG2  C N N 376 
VAL OXT  O N N 377 
VAL H    H N N 378 
VAL H2   H N N 379 
VAL HA   H N N 380 
VAL HB   H N N 381 
VAL HG11 H N N 382 
VAL HG12 H N N 383 
VAL HG13 H N N 384 
VAL HG21 H N N 385 
VAL HG22 H N N 386 
VAL HG23 H N N 387 
VAL HXT  H N N 388 
# 
loop_
_chem_comp_bond.comp_id 
_chem_comp_bond.atom_id_1 
_chem_comp_bond.atom_id_2 
_chem_comp_bond.value_order 
_chem_comp_bond.pdbx_aromatic_flag 
_chem_comp_bond.pdbx_stereo_config 
_chem_comp_bond.pdbx_ordinal 
ALA N   CA   sing N N 1   
ALA N   H    sing N N 2   
ALA N   H2   sing N N 3   
ALA CA  C    sing N N 4   
ALA CA  CB   sing N N 5   
ALA CA  HA   sing N N 6   
ALA C   O    doub N N 7   
ALA C   OXT  sing N N 8   
ALA CB  HB1  sing N N 9   
ALA CB  HB2  sing N N 10  
ALA CB  HB3  sing N N 11  
ALA OXT HXT  sing N N 12  
ARG N   CA   sing N N 13  
ARG N   H    sing N N 14  
ARG N   H2   sing N N 15  
ARG CA  C    sing N N 16  
ARG CA  CB   sing N N 17  
ARG CA  HA   sing N N 18  
ARG C   O    doub N N 19  
ARG C   OXT  sing N N 20  
ARG CB  CG   sing N N 21  
ARG CB  HB2  sing N N 22  
ARG CB  HB3  sing N N 23  
ARG CG  CD   sing N N 24  
ARG CG  HG2  sing N N 25  
ARG CG  HG3  sing N N 26  
ARG CD  NE   sing N N 27  
ARG CD  HD2  sing N N 28  
ARG CD  HD3  sing N N 29  
ARG NE  CZ   sing N N 30  
ARG NE  HE   sing N N 31  
ARG CZ  NH1  sing N N 32  
ARG CZ  NH2  doub N N 33  
ARG NH1 HH11 sing N N 34  
ARG NH1 HH12 sing N N 35  
ARG NH2 HH21 sing N N 36  
ARG NH2 HH22 sing N N 37  
ARG OXT HXT  sing N N 38  
ASN N   CA   sing N N 39  
ASN N   H    sing N N 40  
ASN N   H2   sing N N 41  
ASN CA  C    sing N N 42  
ASN CA  CB   sing N N 43  
ASN CA  HA   sing N N 44  
ASN C   O    doub N N 45  
ASN C   OXT  sing N N 46  
ASN CB  CG   sing N N 47  
ASN CB  HB2  sing N N 48  
ASN CB  HB3  sing N N 49  
ASN CG  OD1  doub N N 50  
ASN CG  ND2  sing N N 51  
ASN ND2 HD21 sing N N 52  
ASN ND2 HD22 sing N N 53  
ASN OXT HXT  sing N N 54  
ASP N   CA   sing N N 55  
ASP N   H    sing N N 56  
ASP N   H2   sing N N 57  
ASP CA  C    sing N N 58  
ASP CA  CB   sing N N 59  
ASP CA  HA   sing N N 60  
ASP C   O    doub N N 61  
ASP C   OXT  sing N N 62  
ASP CB  CG   sing N N 63  
ASP CB  HB2  sing N N 64  
ASP CB  HB3  sing N N 65  
ASP CG  OD1  doub N N 66  
ASP CG  OD2  sing N N 67  
ASP OD2 HD2  sing N N 68  
ASP OXT HXT  sing N N 69  
CYS N   CA   sing N N 70  
CYS N   H    sing N N 71  
CYS N   H2   sing N N 72  
CYS CA  C    sing N N 73  
CYS CA  CB   sing N N 74  
CYS CA  HA   sing N N 75  
CYS C   O    doub N N 76  
CYS C   OXT  sing N N 77  
CYS CB  SG   sing N N 78  
CYS CB  HB2  sing N N 79  
CYS CB  HB3  sing N N 80  
CYS SG  HG   sing N N 81  
CYS OXT HXT  sing N N 82  
GLN N   CA   sing N N 83  
GLN N   H    sing N N 84  
GLN N   H2   sing N N 85  
GLN CA  C    sing N N 86  
GLN CA  CB   sing N N 87  
GLN CA  HA   sing N N 88  
GLN C   O    doub N N 89  
GLN C   OXT  sing N N 90  
GLN CB  CG   sing N N 91  
GLN CB  HB2  sing N N 92  
GLN CB  HB3  sing N N 93  
GLN CG  CD   sing N N 94  
GLN CG  HG2  sing N N 95  
GLN CG  HG3  sing N N 96  
GLN CD  OE1  doub N N 97  
GLN CD  NE2  sing N N 98  
GLN NE2 HE21 sing N N 99  
GLN NE2 HE22 sing N N 100 
GLN OXT HXT  sing N N 101 
GLU N   CA   sing N N 102 
GLU N   H    sing N N 103 
GLU N   H2   sing N N 104 
GLU CA  C    sing N N 105 
GLU CA  CB   sing N N 106 
GLU CA  HA   sing N N 107 
GLU C   O    doub N N 108 
GLU C   OXT  sing N N 109 
GLU CB  CG   sing N N 110 
GLU CB  HB2  sing N N 111 
GLU CB  HB3  sing N N 112 
GLU CG  CD   sing N N 113 
GLU CG  HG2  sing N N 114 
GLU CG  HG3  sing N N 115 
GLU CD  OE1  doub N N 116 
GLU CD  OE2  sing N N 117 
GLU OE2 HE2  sing N N 118 
GLU OXT HXT  sing N N 119 
GLY N   CA   sing N N 120 
GLY N   H    sing N N 121 
GLY N   H2   sing N N 122 
GLY CA  C    sing N N 123 
GLY CA  HA2  sing N N 124 
GLY CA  HA3  sing N N 125 
GLY C   O    doub N N 126 
GLY C   OXT  sing N N 127 
GLY OXT HXT  sing N N 128 
HIS N   CA   sing N N 129 
HIS N   H    sing N N 130 
HIS N   H2   sing N N 131 
HIS CA  C    sing N N 132 
HIS CA  CB   sing N N 133 
HIS CA  HA   sing N N 134 
HIS C   O    doub N N 135 
HIS C   OXT  sing N N 136 
HIS CB  CG   sing N N 137 
HIS CB  HB2  sing N N 138 
HIS CB  HB3  sing N N 139 
HIS CG  ND1  sing Y N 140 
HIS CG  CD2  doub Y N 141 
HIS ND1 CE1  doub Y N 142 
HIS ND1 HD1  sing N N 143 
HIS CD2 NE2  sing Y N 144 
HIS CD2 HD2  sing N N 145 
HIS CE1 NE2  sing Y N 146 
HIS CE1 HE1  sing N N 147 
HIS NE2 HE2  sing N N 148 
HIS OXT HXT  sing N N 149 
HOH O   H1   sing N N 150 
HOH O   H2   sing N N 151 
ILE N   CA   sing N N 152 
ILE N   H    sing N N 153 
ILE N   H2   sing N N 154 
ILE CA  C    sing N N 155 
ILE CA  CB   sing N N 156 
ILE CA  HA   sing N N 157 
ILE C   O    doub N N 158 
ILE C   OXT  sing N N 159 
ILE CB  CG1  sing N N 160 
ILE CB  CG2  sing N N 161 
ILE CB  HB   sing N N 162 
ILE CG1 CD1  sing N N 163 
ILE CG1 HG12 sing N N 164 
ILE CG1 HG13 sing N N 165 
ILE CG2 HG21 sing N N 166 
ILE CG2 HG22 sing N N 167 
ILE CG2 HG23 sing N N 168 
ILE CD1 HD11 sing N N 169 
ILE CD1 HD12 sing N N 170 
ILE CD1 HD13 sing N N 171 
ILE OXT HXT  sing N N 172 
LEU N   CA   sing N N 173 
LEU N   H    sing N N 174 
LEU N   H2   sing N N 175 
LEU CA  C    sing N N 176 
LEU CA  CB   sing N N 177 
LEU CA  HA   sing N N 178 
LEU C   O    doub N N 179 
LEU C   OXT  sing N N 180 
LEU CB  CG   sing N N 181 
LEU CB  HB2  sing N N 182 
LEU CB  HB3  sing N N 183 
LEU CG  CD1  sing N N 184 
LEU CG  CD2  sing N N 185 
LEU CG  HG   sing N N 186 
LEU CD1 HD11 sing N N 187 
LEU CD1 HD12 sing N N 188 
LEU CD1 HD13 sing N N 189 
LEU CD2 HD21 sing N N 190 
LEU CD2 HD22 sing N N 191 
LEU CD2 HD23 sing N N 192 
LEU OXT HXT  sing N N 193 
LYS N   CA   sing N N 194 
LYS N   H    sing N N 195 
LYS N   H2   sing N N 196 
LYS CA  C    sing N N 197 
LYS CA  CB   sing N N 198 
LYS CA  HA   sing N N 199 
LYS C   O    doub N N 200 
LYS C   OXT  sing N N 201 
LYS CB  CG   sing N N 202 
LYS CB  HB2  sing N N 203 
LYS CB  HB3  sing N N 204 
LYS CG  CD   sing N N 205 
LYS CG  HG2  sing N N 206 
LYS CG  HG3  sing N N 207 
LYS CD  CE   sing N N 208 
LYS CD  HD2  sing N N 209 
LYS CD  HD3  sing N N 210 
LYS CE  NZ   sing N N 211 
LYS CE  HE2  sing N N 212 
LYS CE  HE3  sing N N 213 
LYS NZ  HZ1  sing N N 214 
LYS NZ  HZ2  sing N N 215 
LYS NZ  HZ3  sing N N 216 
LYS OXT HXT  sing N N 217 
MES O1  C2   sing N N 218 
MES O1  C6   sing N N 219 
MES C2  C3   sing N N 220 
MES C2  H21  sing N N 221 
MES C2  H22  sing N N 222 
MES C3  N4   sing N N 223 
MES C3  H31  sing N N 224 
MES C3  H32  sing N N 225 
MES N4  C5   sing N N 226 
MES N4  C7   sing N N 227 
MES N4  HN4  sing N N 228 
MES C5  C6   sing N N 229 
MES C5  H51  sing N N 230 
MES C5  H52  sing N N 231 
MES C6  H61  sing N N 232 
MES C6  H62  sing N N 233 
MES C7  C8   sing N N 234 
MES C7  H71  sing N N 235 
MES C7  H72  sing N N 236 
MES C8  S    sing N N 237 
MES C8  H81  sing N N 238 
MES C8  H82  sing N N 239 
MES S   O1S  doub N N 240 
MES S   O2S  doub N N 241 
MES S   O3S  sing N N 242 
MET N   CA   sing N N 243 
MET N   H    sing N N 244 
MET N   H2   sing N N 245 
MET CA  C    sing N N 246 
MET CA  CB   sing N N 247 
MET CA  HA   sing N N 248 
MET C   O    doub N N 249 
MET C   OXT  sing N N 250 
MET CB  CG   sing N N 251 
MET CB  HB2  sing N N 252 
MET CB  HB3  sing N N 253 
MET CG  SD   sing N N 254 
MET CG  HG2  sing N N 255 
MET CG  HG3  sing N N 256 
MET SD  CE   sing N N 257 
MET CE  HE1  sing N N 258 
MET CE  HE2  sing N N 259 
MET CE  HE3  sing N N 260 
MET OXT HXT  sing N N 261 
PHE N   CA   sing N N 262 
PHE N   H    sing N N 263 
PHE N   H2   sing N N 264 
PHE CA  C    sing N N 265 
PHE CA  CB   sing N N 266 
PHE CA  HA   sing N N 267 
PHE C   O    doub N N 268 
PHE C   OXT  sing N N 269 
PHE CB  CG   sing N N 270 
PHE CB  HB2  sing N N 271 
PHE CB  HB3  sing N N 272 
PHE CG  CD1  doub Y N 273 
PHE CG  CD2  sing Y N 274 
PHE CD1 CE1  sing Y N 275 
PHE CD1 HD1  sing N N 276 
PHE CD2 CE2  doub Y N 277 
PHE CD2 HD2  sing N N 278 
PHE CE1 CZ   doub Y N 279 
PHE CE1 HE1  sing N N 280 
PHE CE2 CZ   sing Y N 281 
PHE CE2 HE2  sing N N 282 
PHE CZ  HZ   sing N N 283 
PHE OXT HXT  sing N N 284 
PRO N   CA   sing N N 285 
PRO N   CD   sing N N 286 
PRO N   H    sing N N 287 
PRO CA  C    sing N N 288 
PRO CA  CB   sing N N 289 
PRO CA  HA   sing N N 290 
PRO C   O    doub N N 291 
PRO C   OXT  sing N N 292 
PRO CB  CG   sing N N 293 
PRO CB  HB2  sing N N 294 
PRO CB  HB3  sing N N 295 
PRO CG  CD   sing N N 296 
PRO CG  HG2  sing N N 297 
PRO CG  HG3  sing N N 298 
PRO CD  HD2  sing N N 299 
PRO CD  HD3  sing N N 300 
PRO OXT HXT  sing N N 301 
SER N   CA   sing N N 302 
SER N   H    sing N N 303 
SER N   H2   sing N N 304 
SER CA  C    sing N N 305 
SER CA  CB   sing N N 306 
SER CA  HA   sing N N 307 
SER C   O    doub N N 308 
SER C   OXT  sing N N 309 
SER CB  OG   sing N N 310 
SER CB  HB2  sing N N 311 
SER CB  HB3  sing N N 312 
SER OG  HG   sing N N 313 
SER OXT HXT  sing N N 314 
THR N   CA   sing N N 315 
THR N   H    sing N N 316 
THR N   H2   sing N N 317 
THR CA  C    sing N N 318 
THR CA  CB   sing N N 319 
THR CA  HA   sing N N 320 
THR C   O    doub N N 321 
THR C   OXT  sing N N 322 
THR CB  OG1  sing N N 323 
THR CB  CG2  sing N N 324 
THR CB  HB   sing N N 325 
THR OG1 HG1  sing N N 326 
THR CG2 HG21 sing N N 327 
THR CG2 HG22 sing N N 328 
THR CG2 HG23 sing N N 329 
THR OXT HXT  sing N N 330 
TYR N   CA   sing N N 331 
TYR N   H    sing N N 332 
TYR N   H2   sing N N 333 
TYR CA  C    sing N N 334 
TYR CA  CB   sing N N 335 
TYR CA  HA   sing N N 336 
TYR C   O    doub N N 337 
TYR C   OXT  sing N N 338 
TYR CB  CG   sing N N 339 
TYR CB  HB2  sing N N 340 
TYR CB  HB3  sing N N 341 
TYR CG  CD1  doub Y N 342 
TYR CG  CD2  sing Y N 343 
TYR CD1 CE1  sing Y N 344 
TYR CD1 HD1  sing N N 345 
TYR CD2 CE2  doub Y N 346 
TYR CD2 HD2  sing N N 347 
TYR CE1 CZ   doub Y N 348 
TYR CE1 HE1  sing N N 349 
TYR CE2 CZ   sing Y N 350 
TYR CE2 HE2  sing N N 351 
TYR CZ  OH   sing N N 352 
TYR OH  HH   sing N N 353 
TYR OXT HXT  sing N N 354 
VAL N   CA   sing N N 355 
VAL N   H    sing N N 356 
VAL N   H2   sing N N 357 
VAL CA  C    sing N N 358 
VAL CA  CB   sing N N 359 
VAL CA  HA   sing N N 360 
VAL C   O    doub N N 361 
VAL C   OXT  sing N N 362 
VAL CB  CG1  sing N N 363 
VAL CB  CG2  sing N N 364 
VAL CB  HB   sing N N 365 
VAL CG1 HG11 sing N N 366 
VAL CG1 HG12 sing N N 367 
VAL CG1 HG13 sing N N 368 
VAL CG2 HG21 sing N N 369 
VAL CG2 HG22 sing N N 370 
VAL CG2 HG23 sing N N 371 
VAL OXT HXT  sing N N 372 
# 
_pdbx_initial_refinement_model.id               1 
_pdbx_initial_refinement_model.entity_id_list   ? 
_pdbx_initial_refinement_model.type             'experimental model' 
_pdbx_initial_refinement_model.source_name      PDB 
_pdbx_initial_refinement_model.accession_code   2FLS 
_pdbx_initial_refinement_model.details          ? 
# 
_atom_sites.entry_id                    3C1R 
_atom_sites.fract_transf_matrix[1][1]   0.00674607 
_atom_sites.fract_transf_matrix[1][2]   -0.00332554 
_atom_sites.fract_transf_matrix[1][3]   -0.03477667 
_atom_sites.fract_transf_matrix[2][1]   -0.01715987 
_atom_sites.fract_transf_matrix[2][2]   -0.01029692 
_atom_sites.fract_transf_matrix[2][3]   -0.00234407 
_atom_sites.fract_transf_matrix[3][1]   -0.01189403 
_atom_sites.fract_transf_matrix[3][2]   0.02131888 
_atom_sites.fract_transf_matrix[3][3]   -0.00657779 
_atom_sites.fract_transf_vector[1]      0.469225 
_atom_sites.fract_transf_vector[2]      -0.007185 
_atom_sites.fract_transf_vector[3]      0.223729 
# 
loop_
_atom_type.symbol 
C 
N 
O 
S 
# 
loop_
_atom_site.group_PDB 
_atom_site.id 
_atom_site.type_symbol 
_atom_site.label_atom_id 
_atom_site.label_alt_id 
_atom_site.label_comp_id 
_atom_site.label_asym_id 
_atom_site.label_entity_id 
_atom_site.label_seq_id 
_atom_site.pdbx_PDB_ins_code 
_atom_site.Cartn_x 
_atom_site.Cartn_y 
_atom_site.Cartn_z 
_atom_site.occupancy 
_atom_site.B_iso_or_equiv 
_atom_site.pdbx_formal_charge 
_atom_site.auth_seq_id 
_atom_site.auth_comp_id 
_atom_site.auth_asym_id 
_atom_site.auth_atom_id 
_atom_site.pdbx_PDB_model_num 
ATOM   1   N N   . HIS A 1 8   ? -2.865  20.638  -5.779  1.00 22.93 ? 0    HIS A N   1 
ATOM   2   C CA  . HIS A 1 8   ? -4.023  20.806  -4.833  1.00 23.59 ? 0    HIS A CA  1 
ATOM   3   C C   . HIS A 1 8   ? -5.326  20.452  -5.536  1.00 23.31 ? 0    HIS A C   1 
ATOM   4   O O   . HIS A 1 8   ? -6.281  21.231  -5.553  1.00 23.73 ? 0    HIS A O   1 
ATOM   5   C CB  . HIS A 1 8   ? -4.067  22.240  -4.286  1.00 23.04 ? 0    HIS A CB  1 
ATOM   6   C CG  . HIS A 1 8   ? -2.787  22.673  -3.647  1.00 22.91 ? 0    HIS A CG  1 
ATOM   7   N ND1 . HIS A 1 8   ? -2.456  22.337  -2.352  1.00 22.10 ? 0    HIS A ND1 1 
ATOM   8   C CD2 . HIS A 1 8   ? -1.745  23.392  -4.130  1.00 22.69 ? 0    HIS A CD2 1 
ATOM   9   C CE1 . HIS A 1 8   ? -1.269  22.841  -2.060  1.00 24.36 ? 0    HIS A CE1 1 
ATOM   10  N NE2 . HIS A 1 8   ? -0.818  23.489  -3.120  1.00 23.27 ? 0    HIS A NE2 1 
ATOM   11  N N   . MET A 1 9   ? -5.333  19.256  -6.114  1.00 23.15 ? 1    MET A N   1 
ATOM   12  C CA  . MET A 1 9   ? -6.429  18.742  -6.913  1.00 24.70 ? 1    MET A CA  1 
ATOM   13  C C   . MET A 1 9   ? -7.564  18.127  -6.089  1.00 24.02 ? 1    MET A C   1 
ATOM   14  O O   . MET A 1 9   ? -8.698  18.063  -6.555  1.00 24.57 ? 1    MET A O   1 
ATOM   15  C CB  . MET A 1 9   ? -5.880  17.685  -7.882  1.00 27.16 ? 1    MET A CB  1 
ATOM   16  C CG  . MET A 1 9   ? -6.036  18.016  -9.344  1.00 33.04 ? 1    MET A CG  1 
ATOM   17  S SD  . MET A 1 9   ? -5.652  19.726  -9.780  1.00 36.30 ? 1    MET A SD  1 
ATOM   18  C CE  . MET A 1 9   ? -7.122  20.121  -10.714 1.00 33.76 ? 1    MET A CE  1 
ATOM   19  N N   . VAL A 1 10  ? -7.258  17.662  -4.878  1.00 22.27 ? 2    VAL A N   1 
ATOM   20  C CA  . VAL A 1 10  ? -8.229  16.868  -4.112  1.00 19.75 ? 2    VAL A CA  1 
ATOM   21  C C   . VAL A 1 10  ? -8.712  17.550  -2.836  1.00 17.95 ? 2    VAL A C   1 
ATOM   22  O O   . VAL A 1 10  ? -8.041  18.430  -2.294  1.00 17.41 ? 2    VAL A O   1 
ATOM   23  C CB  . VAL A 1 10  ? -7.727  15.400  -3.819  1.00 20.34 ? 2    VAL A CB  1 
ATOM   24  C CG1 . VAL A 1 10  ? -6.984  14.833  -5.010  1.00 21.38 ? 2    VAL A CG1 1 
ATOM   25  C CG2 . VAL A 1 10  ? -6.832  15.356  -2.637  1.00 20.40 ? 2    VAL A CG2 1 
ATOM   26  N N   . SER A 1 11  ? -9.886  17.132  -2.367  1.00 17.10 ? 3    SER A N   1 
ATOM   27  C CA  . SER A 1 11  ? -10.468 17.685  -1.159  1.00 15.98 ? 3    SER A CA  1 
ATOM   28  C C   . SER A 1 11  ? -9.654  17.294  0.057   1.00 16.97 ? 3    SER A C   1 
ATOM   29  O O   . SER A 1 11  ? -8.979  16.265  0.058   1.00 18.10 ? 3    SER A O   1 
ATOM   30  C CB  . SER A 1 11  ? -11.902 17.198  -0.982  1.00 16.24 ? 3    SER A CB  1 
ATOM   31  O OG  . SER A 1 11  ? -11.941 15.789  -0.895  1.00 16.43 ? 3    SER A OG  1 
ATOM   32  N N   . GLN A 1 12  ? -9.716  18.128  1.085   1.00 16.12 ? 4    GLN A N   1 
ATOM   33  C CA  . GLN A 1 12  ? -9.095  17.828  2.362   1.00 17.21 ? 4    GLN A CA  1 
ATOM   34  C C   . GLN A 1 12  ? -9.731  16.595  3.024   1.00 17.54 ? 4    GLN A C   1 
ATOM   35  O O   . GLN A 1 12  ? -9.044  15.828  3.701   1.00 14.49 ? 4    GLN A O   1 
ATOM   36  C CB  . GLN A 1 12  ? -9.152  19.054  3.269   1.00 19.19 ? 4    GLN A CB  1 
ATOM   37  C CG  . GLN A 1 12  ? -8.149  20.136  2.862   1.00 21.72 ? 4    GLN A CG  1 
ATOM   38  C CD  . GLN A 1 12  ? -6.712  19.632  2.878   1.00 22.28 ? 4    GLN A CD  1 
ATOM   39  O OE1 . GLN A 1 12  ? -6.234  19.119  3.885   1.00 23.81 ? 4    GLN A OE1 1 
ATOM   40  N NE2 . GLN A 1 12  ? -6.026  19.763  1.746   1.00 24.44 ? 4    GLN A NE2 1 
ATOM   41  N N   . GLU A 1 13  ? -11.034 16.413  2.781   1.00 15.98 ? 5    GLU A N   1 
ATOM   42  C CA  . GLU A 1 13  ? -11.800 15.244  3.222   1.00 16.79 ? 5    GLU A CA  1 
ATOM   43  C C   . GLU A 1 13  ? -11.152 13.953  2.743   1.00 16.28 ? 5    GLU A C   1 
ATOM   44  O O   . GLU A 1 13  ? -10.918 13.042  3.533   1.00 16.50 ? 5    GLU A O   1 
ATOM   45  C CB  . GLU A 1 13  ? -13.250 15.337  2.712   1.00 17.62 ? 5    GLU A CB  1 
ATOM   46  C CG  . GLU A 1 13  ? -14.203 14.275  3.265   1.00 21.41 ? 5    GLU A CG  1 
ATOM   47  C CD  . GLU A 1 13  ? -15.611 14.351  2.662   1.00 21.68 ? 5    GLU A CD  1 
ATOM   48  O OE1 . GLU A 1 13  ? -16.245 13.288  2.495   1.00 22.68 ? 5    GLU A OE1 1 
ATOM   49  O OE2 . GLU A 1 13  ? -16.092 15.472  2.365   1.00 22.69 ? 5    GLU A OE2 1 
ATOM   50  N N   . THR A 1 14  ? -10.852 13.886  1.450   1.00 15.78 ? 6    THR A N   1 
ATOM   51  C CA  . THR A 1 14  ? -10.200 12.714  0.869   1.00 15.59 ? 6    THR A CA  1 
ATOM   52  C C   . THR A 1 14  ? -8.772  12.532  1.372   1.00 15.79 ? 6    THR A C   1 
ATOM   53  O O   . THR A 1 14  ? -8.373  11.413  1.690   1.00 13.85 ? 6    THR A O   1 
ATOM   54  C CB  . THR A 1 14  ? -10.217 12.765  -0.668  1.00 16.22 ? 6    THR A CB  1 
ATOM   55  O OG1 . THR A 1 14  ? -11.575 12.768  -1.122  1.00 15.60 ? 6    THR A OG1 1 
ATOM   56  C CG2 . THR A 1 14  ? -9.479  11.570  -1.272  1.00 14.85 ? 6    THR A CG2 1 
ATOM   57  N N   . ILE A 1 15  ? -8.015  13.628  1.442   1.00 14.98 ? 7    ILE A N   1 
ATOM   58  C CA  . ILE A 1 15  ? -6.642  13.582  1.949   1.00 16.11 ? 7    ILE A CA  1 
ATOM   59  C C   . ILE A 1 15  ? -6.601  13.035  3.373   1.00 16.80 ? 7    ILE A C   1 
ATOM   60  O O   . ILE A 1 15  ? -5.743  12.214  3.701   1.00 15.79 ? 7    ILE A O   1 
ATOM   61  C CB  . ILE A 1 15  ? -5.897  14.957  1.837   1.00 15.94 ? 7    ILE A CB  1 
ATOM   62  C CG1 . ILE A 1 15  ? -5.568  15.254  0.372   1.00 16.57 ? 7    ILE A CG1 1 
ATOM   63  C CG2 . ILE A 1 15  ? -4.578  14.948  2.639   1.00 12.39 ? 7    ILE A CG2 1 
ATOM   64  C CD1 . ILE A 1 15  ? -4.837  16.567  0.151   1.00 20.98 ? 7    ILE A CD1 1 
ATOM   65  N N   . LYS A 1 16  ? -7.530  13.482  4.207   1.00 15.77 ? 8    LYS A N   1 
ATOM   66  C CA  . LYS A 1 16  ? -7.578  13.017  5.581   1.00 17.06 ? 8    LYS A CA  1 
ATOM   67  C C   . LYS A 1 16  ? -7.985  11.557  5.672   1.00 15.30 ? 8    LYS A C   1 
ATOM   68  O O   . LYS A 1 16  ? -7.435  10.813  6.482   1.00 15.44 ? 8    LYS A O   1 
ATOM   69  C CB  . LYS A 1 16  ? -8.491  13.901  6.433   1.00 19.18 ? 8    LYS A CB  1 
ATOM   70  C CG  . LYS A 1 16  ? -7.722  15.041  7.110   1.00 23.34 ? 8    LYS A CG  1 
ATOM   71  C CD  . LYS A 1 16  ? -8.669  16.023  7.824   1.00 26.95 ? 8    LYS A CD  1 
ATOM   72  C CE  . LYS A 1 16  ? -9.074  17.212  6.948   1.00 27.34 ? 8    LYS A CE  1 
ATOM   73  N NZ  . LYS A 1 16  ? -8.088  18.327  7.088   1.00 28.71 ? 8    LYS A NZ  1 
ATOM   74  N N   . HIS A 1 17  ? -8.935  11.151  4.836   1.00 13.26 ? 9    HIS A N   1 
ATOM   75  C CA  . HIS A 1 17  ? -9.384  9.768   4.797   1.00 13.61 ? 9    HIS A CA  1 
ATOM   76  C C   . HIS A 1 17  ? -8.254  8.805   4.422   1.00 12.57 ? 9    HIS A C   1 
ATOM   77  O O   . HIS A 1 17  ? -8.104  7.751   5.044   1.00 11.80 ? 9    HIS A O   1 
ATOM   78  C CB  . HIS A 1 17  ? -10.540 9.602   3.818   1.00 13.63 ? 9    HIS A CB  1 
ATOM   79  C CG  . HIS A 1 17  ? -11.018 8.188   3.694   1.00 16.28 ? 9    HIS A CG  1 
ATOM   80  N ND1 . HIS A 1 17  ? -11.008 7.499   2.501   1.00 18.56 ? 9    HIS A ND1 1 
ATOM   81  C CD2 . HIS A 1 17  ? -11.501 7.327   4.622   1.00 15.12 ? 9    HIS A CD2 1 
ATOM   82  C CE1 . HIS A 1 17  ? -11.490 6.285   2.693   1.00 16.42 ? 9    HIS A CE1 1 
ATOM   83  N NE2 . HIS A 1 17  ? -11.797 6.156   3.972   1.00 17.97 ? 9    HIS A NE2 1 
ATOM   84  N N   . VAL A 1 18  ? -7.488  9.159   3.388   1.00 10.75 ? 10   VAL A N   1 
ATOM   85  C CA  . VAL A 1 18  ? -6.353  8.348   2.946   1.00 9.65  ? 10   VAL A CA  1 
ATOM   86  C C   . VAL A 1 18  ? -5.277  8.330   4.039   1.00 9.48  ? 10   VAL A C   1 
ATOM   87  O O   . VAL A 1 18  ? -4.726  7.269   4.360   1.00 8.55  ? 10   VAL A O   1 
ATOM   88  C CB  . VAL A 1 18  ? -5.795  8.808   1.561   1.00 8.94  ? 10   VAL A CB  1 
ATOM   89  C CG1 . VAL A 1 18  ? -4.593  7.970   1.134   1.00 9.47  ? 10   VAL A CG1 1 
ATOM   90  C CG2 . VAL A 1 18  ? -6.897  8.723   0.487   1.00 9.11  ? 10   VAL A CG2 1 
ATOM   91  N N   . LYS A 1 19  ? -5.004  9.489   4.632   1.00 8.72  ? 11   LYS A N   1 
ATOM   92  C CA  . LYS A 1 19  ? -4.073  9.546   5.756   1.00 10.86 ? 11   LYS A CA  1 
ATOM   93  C C   . LYS A 1 19  ? -4.535  8.661   6.924   1.00 9.94  ? 11   LYS A C   1 
ATOM   94  O O   . LYS A 1 19  ? -3.714  8.013   7.564   1.00 8.85  ? 11   LYS A O   1 
ATOM   95  C CB  . LYS A 1 19  ? -3.854  10.986  6.206   1.00 11.56 ? 11   LYS A CB  1 
ATOM   96  C CG  . LYS A 1 19  ? -2.954  11.784  5.255   1.00 15.04 ? 11   LYS A CG  1 
ATOM   97  C CD  . LYS A 1 19  ? -2.642  13.170  5.799   1.00 17.05 ? 11   LYS A CD  1 
ATOM   98  C CE  . LYS A 1 19  ? -1.227  13.569  5.424   1.00 21.48 ? 11   LYS A CE  1 
ATOM   99  N NZ  . LYS A 1 19  ? -0.910  15.019  5.668   1.00 24.01 ? 11   LYS A NZ  1 
ATOM   100 N N   . ASP A 1 20  ? -5.846  8.629   7.177   1.00 10.00 ? 12   ASP A N   1 
ATOM   101 C CA  . ASP A 1 20  ? -6.438  7.709   8.164   1.00 10.81 ? 12   ASP A CA  1 
ATOM   102 C C   . ASP A 1 20  ? -6.204  6.234   7.816   1.00 10.52 ? 12   ASP A C   1 
ATOM   103 O O   . ASP A 1 20  ? -5.781  5.465   8.664   1.00 11.31 ? 12   ASP A O   1 
ATOM   104 C CB  . ASP A 1 20  ? -7.935  7.967   8.326   1.00 13.10 ? 12   ASP A CB  1 
ATOM   105 C CG  . ASP A 1 20  ? -8.234  9.218   9.122   1.00 16.55 ? 12   ASP A CG  1 
ATOM   106 O OD1 . ASP A 1 20  ? -7.303  9.808   9.730   1.00 17.69 ? 12   ASP A OD1 1 
ATOM   107 O OD2 . ASP A 1 20  ? -9.418  9.606   9.146   1.00 18.20 ? 12   ASP A OD2 1 
ATOM   108 N N   . LEU A 1 21  ? -6.470  5.842   6.573   1.00 11.33 ? 13   LEU A N   1 
ATOM   109 C CA  . LEU A 1 21  ? -6.220  4.456   6.126   1.00 10.91 ? 13   LEU A CA  1 
ATOM   110 C C   . LEU A 1 21  ? -4.756  4.042   6.314   1.00 11.36 ? 13   LEU A C   1 
ATOM   111 O O   . LEU A 1 21  ? -4.458  2.910   6.724   1.00 10.52 ? 13   LEU A O   1 
ATOM   112 C CB  . LEU A 1 21  ? -6.601  4.286   4.650   1.00 12.15 ? 13   LEU A CB  1 
ATOM   113 C CG  . LEU A 1 21  ? -8.067  4.479   4.242   1.00 14.75 ? 13   LEU A CG  1 
ATOM   114 C CD1 . LEU A 1 21  ? -8.196  4.360   2.719   1.00 15.86 ? 13   LEU A CD1 1 
ATOM   115 C CD2 . LEU A 1 21  ? -9.002  3.501   4.966   1.00 13.97 ? 13   LEU A CD2 1 
ATOM   116 N N   . ILE A 1 22  ? -3.851  4.969   6.012   1.00 9.76  ? 14   ILE A N   1 
ATOM   117 C CA  . ILE A 1 22  ? -2.419  4.740   6.154   1.00 11.38 ? 14   ILE A CA  1 
ATOM   118 C C   . ILE A 1 22  ? -2.037  4.534   7.617   1.00 9.94  ? 14   ILE A C   1 
ATOM   119 O O   . ILE A 1 22  ? -1.232  3.662   7.937   1.00 8.95  ? 14   ILE A O   1 
ATOM   120 C CB  . ILE A 1 22  ? -1.598  5.912   5.570   1.00 10.38 ? 14   ILE A CB  1 
ATOM   121 C CG1 . ILE A 1 22  ? -1.743  5.976   4.043   1.00 10.94 ? 14   ILE A CG1 1 
ATOM   122 C CG2 . ILE A 1 22  ? -0.134  5.787   5.974   1.00 8.99  ? 14   ILE A CG2 1 
ATOM   123 C CD1 . ILE A 1 22  ? -1.371  7.336   3.430   1.00 11.92 ? 14   ILE A CD1 1 
ATOM   124 N N   . ALA A 1 23  ? -2.620  5.348   8.490   1.00 11.46 ? 15   ALA A N   1 
ATOM   125 C CA  . ALA A 1 23  ? -2.307  5.314   9.895   1.00 12.26 ? 15   ALA A CA  1 
ATOM   126 C C   . ALA A 1 23  ? -2.983  4.159   10.668  1.00 11.65 ? 15   ALA A C   1 
ATOM   127 O O   . ALA A 1 23  ? -2.414  3.611   11.603  1.00 14.32 ? 15   ALA A O   1 
ATOM   128 C CB  . ALA A 1 23  ? -2.681  6.643   10.531  1.00 11.90 ? 15   ALA A CB  1 
ATOM   129 N N   . GLU A 1 24  ? -4.209  3.819   10.280  1.00 11.61 ? 16   GLU A N   1 
ATOM   130 C CA  . GLU A 1 24  ? -5.003  2.820   11.009  1.00 13.08 ? 16   GLU A CA  1 
ATOM   131 C C   . GLU A 1 24  ? -4.685  1.340   10.733  1.00 12.39 ? 16   GLU A C   1 
ATOM   132 O O   . GLU A 1 24  ? -5.032  0.459   11.524  1.00 12.75 ? 16   GLU A O   1 
ATOM   133 C CB  . GLU A 1 24  ? -6.494  3.101   10.783  1.00 14.34 ? 16   GLU A CB  1 
ATOM   134 C CG  . GLU A 1 24  ? -6.975  4.418   11.367  1.00 18.29 ? 16   GLU A CG  1 
ATOM   135 C CD  . GLU A 1 24  ? -8.361  4.839   10.872  1.00 19.29 ? 16   GLU A CD  1 
ATOM   136 O OE1 . GLU A 1 24  ? -8.850  5.905   11.326  1.00 21.50 ? 16   GLU A OE1 1 
ATOM   137 O OE2 . GLU A 1 24  ? -8.961  4.120   10.054  1.00 20.68 ? 16   GLU A OE2 1 
ATOM   138 N N   . ASN A 1 25  ? -4.065  1.082   9.599   1.00 10.98 ? 17   ASN A N   1 
ATOM   139 C CA  . ASN A 1 25  ? -3.773  -0.298  9.172   1.00 10.63 ? 17   ASN A CA  1 
ATOM   140 C C   . ASN A 1 25  ? -2.300  -0.648  9.212   1.00 9.73  ? 17   ASN A C   1 
ATOM   141 O O   . ASN A 1 25  ? -1.448  0.142   8.797   1.00 9.40  ? 17   ASN A O   1 
ATOM   142 C CB  . ASN A 1 25  ? -4.350  -0.513  7.765   1.00 10.37 ? 17   ASN A CB  1 
ATOM   143 C CG  . ASN A 1 25  ? -5.860  -0.331  7.727   1.00 11.86 ? 17   ASN A CG  1 
ATOM   144 O OD1 . ASN A 1 25  ? -6.613  -1.217  8.136   1.00 12.79 ? 17   ASN A OD1 1 
ATOM   145 N ND2 . ASN A 1 25  ? -6.308  0.813   7.237   1.00 11.04 ? 17   ASN A ND2 1 
ATOM   146 N N   . GLU A 1 26  ? -2.002  -1.843  9.706   1.00 10.44 ? 18   GLU A N   1 
ATOM   147 C CA  . GLU A 1 26  ? -0.619  -2.313  9.825   1.00 9.53  ? 18   GLU A CA  1 
ATOM   148 C C   . GLU A 1 26  ? 0.077   -2.305  8.461   1.00 8.84  ? 18   GLU A C   1 
ATOM   149 O O   . GLU A 1 26  ? 1.247   -1.909  8.353   1.00 9.35  ? 18   GLU A O   1 
ATOM   150 C CB  . GLU A 1 26  ? -0.604  -3.654  10.539  1.00 10.50 ? 18   GLU A CB  1 
ATOM   151 C CG  . GLU A 1 26  ? -0.989  -3.516  12.019  1.00 14.27 ? 18   GLU A CG  1 
ATOM   152 C CD  . GLU A 1 26  ? -0.782  -4.770  12.845  1.00 17.32 ? 18   GLU A CD  1 
ATOM   153 O OE1 . GLU A 1 26  ? -1.606  -5.690  12.723  1.00 18.63 ? 18   GLU A OE1 1 
ATOM   154 O OE2 . GLU A 1 26  ? 0.195   -4.823  13.619  1.00 20.35 ? 18   GLU A OE2 1 
ATOM   155 N N   . ILE A 1 27  ? -0.667  -2.727  7.435   1.00 8.44  ? 19   ILE A N   1 
ATOM   156 C CA  . ILE A 1 27  ? -0.218  -2.640  6.055   1.00 7.80  ? 19   ILE A CA  1 
ATOM   157 C C   . ILE A 1 27  ? -1.407  -2.127  5.271   1.00 9.14  ? 19   ILE A C   1 
ATOM   158 O O   . ILE A 1 27  ? -2.543  -2.569  5.444   1.00 8.22  ? 19   ILE A O   1 
ATOM   159 C CB  . ILE A 1 27  ? 0.347   -3.949  5.476   1.00 7.73  ? 19   ILE A CB  1 
ATOM   160 C CG1 . ILE A 1 27  ? 1.560   -4.431  6.273   1.00 7.84  ? 19   ILE A CG1 1 
ATOM   161 C CG2 . ILE A 1 27  ? 0.722   -3.763  4.004   1.00 7.56  ? 19   ILE A CG2 1 
ATOM   162 C CD1 . ILE A 1 27  ? 2.225   -5.661  5.697   1.00 8.98  ? 19   ILE A CD1 1 
ATOM   163 N N   . PHE A 1 28  ? -1.128  -1.170  4.397   1.00 8.04  ? 20   PHE A N   1 
ATOM   164 C CA  . PHE A 1 28  ? -2.134  -0.650  3.486   1.00 8.11  ? 20   PHE A CA  1 
ATOM   165 C C   . PHE A 1 28  ? -1.595  -0.751  2.062   1.00 8.15  ? 20   PHE A C   1 
ATOM   166 O O   . PHE A 1 28  ? -0.479  -0.289  1.772   1.00 7.58  ? 20   PHE A O   1 
ATOM   167 C CB  . PHE A 1 28  ? -2.484  0.802   3.859   1.00 10.57 ? 20   PHE A CB  1 
ATOM   168 C CG  . PHE A 1 28  ? -3.323  1.514   2.833   1.00 13.11 ? 20   PHE A CG  1 
ATOM   169 C CD1 . PHE A 1 28  ? -4.599  1.061   2.515   1.00 13.73 ? 20   PHE A CD1 1 
ATOM   170 C CD2 . PHE A 1 28  ? -2.832  2.639   2.182   1.00 14.26 ? 20   PHE A CD2 1 
ATOM   171 C CE1 . PHE A 1 28  ? -5.363  1.726   1.571   1.00 14.57 ? 20   PHE A CE1 1 
ATOM   172 C CE2 . PHE A 1 28  ? -3.593  3.304   1.243   1.00 15.41 ? 20   PHE A CE2 1 
ATOM   173 C CZ  . PHE A 1 28  ? -4.855  2.849   0.938   1.00 14.81 ? 20   PHE A CZ  1 
ATOM   174 N N   . VAL A 1 29  ? -2.381  -1.371  1.180   1.00 8.39  ? 21   VAL A N   1 
ATOM   175 C CA  . VAL A 1 29  ? -1.936  -1.477  -0.210  1.00 9.09  ? 21   VAL A CA  1 
ATOM   176 C C   . VAL A 1 29  ? -3.007  -0.958  -1.157  1.00 11.19 ? 21   VAL A C   1 
ATOM   177 O O   . VAL A 1 29  ? -4.112  -1.479  -1.234  1.00 9.94  ? 21   VAL A O   1 
ATOM   178 C CB  . VAL A 1 29  ? -1.641  -2.924  -0.667  1.00 9.27  ? 21   VAL A CB  1 
ATOM   179 C CG1 . VAL A 1 29  ? -1.172  -2.943  -2.117  1.00 7.48  ? 21   VAL A CG1 1 
ATOM   180 C CG2 . VAL A 1 29  ? -0.604  -3.565  0.240   1.00 9.41  ? 21   VAL A CG2 1 
ATOM   181 N N   . ALA A 1 30  ? -2.657  0.104   -1.872  1.00 10.16 ? 22   ALA A N   1 
ATOM   182 C CA  . ALA A 1 30  ? -3.574  0.624   -2.852  1.00 12.91 ? 22   ALA A CA  1 
ATOM   183 C C   . ALA A 1 30  ? -3.478  -0.249  -4.103  1.00 12.51 ? 22   ALA A C   1 
ATOM   184 O O   . ALA A 1 30  ? -2.375  -0.371  -4.628  1.00 11.48 ? 22   ALA A O   1 
ATOM   185 C CB  . ALA A 1 30  ? -3.249  2.054   -3.218  1.00 13.42 ? 22   ALA A CB  1 
ATOM   186 N N   . SER A 1 31  ? -4.529  -0.870  -4.587  1.00 11.42 ? 23   SER A N   1 
ATOM   187 C CA  . SER A 1 31  ? -4.312  -1.699  -5.751  1.00 12.53 ? 23   SER A CA  1 
ATOM   188 C C   . SER A 1 31  ? -5.398  -1.519  -6.784  1.00 11.47 ? 23   SER A C   1 
ATOM   189 O O   . SER A 1 31  ? -6.279  -0.662  -6.684  1.00 12.69 ? 23   SER A O   1 
ATOM   190 C CB  . SER A 1 31  ? -4.204  -3.166  -5.340  1.00 11.00 ? 23   SER A CB  1 
ATOM   191 O OG  . SER A 1 31  ? -4.381  -4.032  -6.456  1.00 17.16 ? 23   SER A OG  1 
ATOM   192 N N   . LYS A 1 32  ? -5.264  -2.383  -7.786  1.00 12.54 ? 24   LYS A N   1 
ATOM   193 C CA  . LYS A 1 32  ? -6.288  -2.459  -8.836  1.00 14.69 ? 24   LYS A CA  1 
ATOM   194 C C   . LYS A 1 32  ? -6.500  -3.921  -9.208  1.00 15.13 ? 24   LYS A C   1 
ATOM   195 O O   . LYS A 1 32  ? -5.609  -4.751  -8.998  1.00 14.77 ? 24   LYS A O   1 
ATOM   196 C CB  . LYS A 1 32  ? -5.873  -1.677  -10.090 1.00 15.98 ? 24   LYS A CB  1 
ATOM   197 C CG  . LYS A 1 32  ? -6.225  -0.196  -10.040 1.00 21.25 ? 24   LYS A CG  1 
ATOM   198 C CD  . LYS A 1 32  ? -5.804  0.551   -11.319 1.00 22.58 ? 24   LYS A CD  1 
ATOM   199 C CE  . LYS A 1 32  ? -6.026  2.061   -11.155 1.00 25.55 ? 24   LYS A CE  1 
ATOM   200 N NZ  . LYS A 1 32  ? -4.952  2.871   -11.819 1.00 27.82 ? 24   LYS A NZ  1 
ATOM   201 N N   . THR A 1 33  ? -7.673  -4.241  -9.747  1.00 15.90 ? 25   THR A N   1 
ATOM   202 C CA  . THR A 1 33  ? -7.896  -5.572  -10.322 1.00 16.94 ? 25   THR A CA  1 
ATOM   203 C C   . THR A 1 33  ? -7.037  -5.723  -11.586 1.00 15.86 ? 25   THR A C   1 
ATOM   204 O O   . THR A 1 33  ? -6.769  -4.735  -12.274 1.00 16.79 ? 25   THR A O   1 
ATOM   205 C CB  . THR A 1 33  ? -9.382  -5.816  -10.672 1.00 17.09 ? 25   THR A CB  1 
ATOM   206 O OG1 . THR A 1 33  ? -9.838  -4.794  -11.566 1.00 17.79 ? 25   THR A OG1 1 
ATOM   207 C CG2 . THR A 1 33  ? -10.239 -5.819  -9.419  1.00 17.72 ? 25   THR A CG2 1 
ATOM   208 N N   . TYR A 1 34  ? -6.591  -6.948  -11.859 1.00 16.90 ? 26   TYR A N   1 
ATOM   209 C CA  . TYR A 1 34  ? -5.807  -7.279  -13.061 1.00 17.25 ? 26   TYR A CA  1 
ATOM   210 C C   . TYR A 1 34  ? -4.623  -6.324  -13.269 1.00 15.96 ? 26   TYR A C   1 
ATOM   211 O O   . TYR A 1 34  ? -4.499  -5.631  -14.282 1.00 15.41 ? 26   TYR A O   1 
ATOM   212 C CB  . TYR A 1 34  ? -6.734  -7.466  -14.279 1.00 21.92 ? 26   TYR A CB  1 
ATOM   213 C CG  . TYR A 1 34  ? -7.854  -8.413  -13.895 1.00 23.84 ? 26   TYR A CG  1 
ATOM   214 C CD1 . TYR A 1 34  ? -9.116  -7.922  -13.521 1.00 26.04 ? 26   TYR A CD1 1 
ATOM   215 C CD2 . TYR A 1 34  ? -7.626  -9.794  -13.799 1.00 25.46 ? 26   TYR A CD2 1 
ATOM   216 C CE1 . TYR A 1 34  ? -10.140 -8.786  -13.105 1.00 26.41 ? 26   TYR A CE1 1 
ATOM   217 C CE2 . TYR A 1 34  ? -8.649  -10.671 -13.384 1.00 27.29 ? 26   TYR A CE2 1 
ATOM   218 C CZ  . TYR A 1 34  ? -9.900  -10.158 -13.042 1.00 28.12 ? 26   TYR A CZ  1 
ATOM   219 O OH  . TYR A 1 34  ? -10.902 -11.009 -12.634 1.00 28.45 ? 26   TYR A OH  1 
ATOM   220 N N   . CYS A 1 35  ? -3.775  -6.306  -12.242 1.00 12.48 ? 27   CYS A N   1 
ATOM   221 C CA  . CYS A 1 35  ? -2.625  -5.426  -12.131 1.00 10.63 ? 27   CYS A CA  1 
ATOM   222 C C   . CYS A 1 35  ? -1.438  -6.337  -11.813 1.00 9.48  ? 27   CYS A C   1 
ATOM   223 O O   . CYS A 1 35  ? -1.288  -6.789  -10.678 1.00 9.96  ? 27   CYS A O   1 
ATOM   224 C CB  . CYS A 1 35  ? -2.869  -4.408  -11.009 1.00 10.11 ? 27   CYS A CB  1 
ATOM   225 S SG  . CYS A 1 35  ? -1.424  -3.494  -10.401 1.00 9.29  ? 27   CYS A SG  1 
ATOM   226 N N   . PRO A 1 36  ? -0.622  -6.662  -12.835 1.00 10.56 ? 28   PRO A N   1 
ATOM   227 C CA  . PRO A 1 36  ? 0.494   -7.602  -12.660 1.00 9.23  ? 28   PRO A CA  1 
ATOM   228 C C   . PRO A 1 36  ? 1.434   -7.277  -11.492 1.00 9.53  ? 28   PRO A C   1 
ATOM   229 O O   . PRO A 1 36  ? 1.808   -8.181  -10.742 1.00 9.94  ? 28   PRO A O   1 
ATOM   230 C CB  . PRO A 1 36  ? 1.223   -7.519  -14.006 1.00 8.08  ? 28   PRO A CB  1 
ATOM   231 C CG  . PRO A 1 36  ? 0.114   -7.214  -14.983 1.00 9.14  ? 28   PRO A CG  1 
ATOM   232 C CD  . PRO A 1 36  ? -0.749  -6.221  -14.239 1.00 8.26  ? 28   PRO A CD  1 
ATOM   233 N N   . TYR A 1 37  ? 1.806   -6.003  -11.335 1.00 9.51  ? 29   TYR A N   1 
ATOM   234 C CA  . TYR A 1 37  ? 2.718   -5.608  -10.251 1.00 8.95  ? 29   TYR A CA  1 
ATOM   235 C C   . TYR A 1 37  ? 2.034   -5.596  -8.881  1.00 7.39  ? 29   TYR A C   1 
ATOM   236 O O   . TYR A 1 37  ? 2.698   -5.784  -7.859  1.00 7.65  ? 29   TYR A O   1 
ATOM   237 C CB  . TYR A 1 37  ? 3.415   -4.274  -10.556 1.00 8.76  ? 29   TYR A CB  1 
ATOM   238 C CG  . TYR A 1 37  ? 4.396   -4.392  -11.709 1.00 11.43 ? 29   TYR A CG  1 
ATOM   239 C CD1 . TYR A 1 37  ? 5.617   -5.045  -11.543 1.00 10.59 ? 29   TYR A CD1 1 
ATOM   240 C CD2 . TYR A 1 37  ? 4.085   -3.884  -12.971 1.00 11.65 ? 29   TYR A CD2 1 
ATOM   241 C CE1 . TYR A 1 37  ? 6.517   -5.178  -12.602 1.00 13.05 ? 29   TYR A CE1 1 
ATOM   242 C CE2 . TYR A 1 37  ? 4.974   -4.002  -14.035 1.00 12.78 ? 29   TYR A CE2 1 
ATOM   243 C CZ  . TYR A 1 37  ? 6.190   -4.647  -13.845 1.00 13.15 ? 29   TYR A CZ  1 
ATOM   244 O OH  . TYR A 1 37  ? 7.078   -4.775  -14.891 1.00 14.21 ? 29   TYR A OH  1 
ATOM   245 N N   . CYS A 1 38  ? 0.720   -5.375  -8.862  1.00 6.81  ? 30   CYS A N   1 
ATOM   246 C CA  . CYS A 1 38  ? -0.046  -5.472  -7.609  1.00 7.39  ? 30   CYS A CA  1 
ATOM   247 C C   . CYS A 1 38  ? -0.012  -6.920  -7.169  1.00 7.89  ? 30   CYS A C   1 
ATOM   248 O O   . CYS A 1 38  ? 0.257   -7.225  -6.003  1.00 7.82  ? 30   CYS A O   1 
ATOM   249 C CB  . CYS A 1 38  ? -1.504  -5.043  -7.801  1.00 7.29  ? 30   CYS A CB  1 
ATOM   250 S SG  . CYS A 1 38  ? -1.765  -3.363  -8.369  1.00 6.33  ? 30   CYS A SG  1 
ATOM   251 N N   . HIS A 1 39  ? -0.285  -7.810  -8.118  1.00 9.21  ? 31   HIS A N   1 
ATOM   252 C CA  . HIS A 1 39  ? -0.250  -9.240  -7.865  1.00 11.04 ? 31   HIS A CA  1 
ATOM   253 C C   . HIS A 1 39  ? 1.139   -9.679  -7.358  1.00 9.62  ? 31   HIS A C   1 
ATOM   254 O O   . HIS A 1 39  ? 1.231   -10.394 -6.366  1.00 8.51  ? 31   HIS A O   1 
ATOM   255 C CB  . HIS A 1 39  ? -0.692  -10.044 -9.107  1.00 12.14 ? 31   HIS A CB  1 
ATOM   256 C CG  . HIS A 1 39  ? -0.387  -11.506 -9.001  1.00 17.20 ? 31   HIS A CG  1 
ATOM   257 N ND1 . HIS A 1 39  ? -1.161  -12.374 -8.264  1.00 18.85 ? 31   HIS A ND1 1 
ATOM   258 C CD2 . HIS A 1 39  ? 0.636   -12.241 -9.498  1.00 19.16 ? 31   HIS A CD2 1 
ATOM   259 C CE1 . HIS A 1 39  ? -0.638  -13.585 -8.325  1.00 18.96 ? 31   HIS A CE1 1 
ATOM   260 N NE2 . HIS A 1 39  ? 0.454   -13.530 -9.064  1.00 20.39 ? 31   HIS A NE2 1 
ATOM   261 N N   . ALA A 1 40  ? 2.204   -9.219  -8.014  1.00 9.42  ? 32   ALA A N   1 
ATOM   262 C CA  . ALA A 1 40  ? 3.569   -9.510  -7.564  1.00 10.25 ? 32   ALA A CA  1 
ATOM   263 C C   . ALA A 1 40  ? 3.784   -9.123  -6.098  1.00 9.03  ? 32   ALA A C   1 
ATOM   264 O O   . ALA A 1 40  ? 4.303   -9.925  -5.317  1.00 9.91  ? 32   ALA A O   1 
ATOM   265 C CB  . ALA A 1 40  ? 4.612   -8.834  -8.473  1.00 11.33 ? 32   ALA A CB  1 
ATOM   266 N N   . ALA A 1 41  ? 3.369   -7.912  -5.718  1.00 8.23  ? 33   ALA A N   1 
ATOM   267 C CA  . ALA A 1 41  ? 3.596   -7.425  -4.352  1.00 8.49  ? 33   ALA A CA  1 
ATOM   268 C C   . ALA A 1 41  ? 2.799   -8.221  -3.301  1.00 9.20  ? 33   ALA A C   1 
ATOM   269 O O   . ALA A 1 41  ? 3.337   -8.574  -2.247  1.00 8.14  ? 33   ALA A O   1 
ATOM   270 C CB  . ALA A 1 41  ? 3.296   -5.926  -4.246  1.00 9.50  ? 33   ALA A CB  1 
ATOM   271 N N   . LEU A 1 42  ? 1.532   -8.504  -3.603  1.00 7.68  ? 34   LEU A N   1 
ATOM   272 C CA  . LEU A 1 42  ? 0.660   -9.289  -2.703  1.00 9.99  ? 34   LEU A CA  1 
ATOM   273 C C   . LEU A 1 42  ? 1.075   -10.750 -2.576  1.00 9.49  ? 34   LEU A C   1 
ATOM   274 O O   . LEU A 1 42  ? 1.000   -11.317 -1.486  1.00 11.37 ? 34   LEU A O   1 
ATOM   275 C CB  . LEU A 1 42  ? -0.806  -9.200  -3.134  1.00 11.77 ? 34   LEU A CB  1 
ATOM   276 C CG  . LEU A 1 42  ? -1.401  -7.782  -3.117  1.00 12.69 ? 34   LEU A CG  1 
ATOM   277 C CD1 . LEU A 1 42  ? -2.865  -7.872  -3.496  1.00 14.62 ? 34   LEU A CD1 1 
ATOM   278 C CD2 . LEU A 1 42  ? -1.253  -7.077  -1.771  1.00 12.28 ? 34   LEU A CD2 1 
ATOM   279 N N   . ASN A 1 43  ? 1.507   -11.349 -3.684  1.00 9.03  ? 35   ASN A N   1 
ATOM   280 C CA  . ASN A 1 43  ? 2.086   -12.681 -3.666  1.00 9.53  ? 35   ASN A CA  1 
ATOM   281 C C   . ASN A 1 43  ? 3.322   -12.728 -2.764  1.00 8.12  ? 35   ASN A C   1 
ATOM   282 O O   . ASN A 1 43  ? 3.459   -13.638 -1.956  1.00 5.24  ? 35   ASN A O   1 
ATOM   283 C CB  . ASN A 1 43  ? 2.398   -13.169 -5.094  1.00 11.76 ? 35   ASN A CB  1 
ATOM   284 C CG  . ASN A 1 43  ? 2.937   -14.593 -5.128  1.00 15.45 ? 35   ASN A CG  1 
ATOM   285 O OD1 . ASN A 1 43  ? 2.207   -15.551 -4.849  1.00 17.14 ? 35   ASN A OD1 1 
ATOM   286 N ND2 . ASN A 1 43  ? 4.216   -14.742 -5.465  1.00 14.86 ? 35   ASN A ND2 1 
ATOM   287 N N   . THR A 1 44  ? 4.201   -11.729 -2.867  1.00 7.11  ? 36   THR A N   1 
ATOM   288 C CA  . THR A 1 44  ? 5.363   -11.636 -1.966  1.00 8.50  ? 36   THR A CA  1 
ATOM   289 C C   . THR A 1 44  ? 4.927   -11.582 -0.492  1.00 9.02  ? 36   THR A C   1 
ATOM   290 O O   . THR A 1 44  ? 5.368   -12.399 0.317   1.00 8.80  ? 36   THR A O   1 
ATOM   291 C CB  . THR A 1 44  ? 6.277   -10.417 -2.289  1.00 7.78  ? 36   THR A CB  1 
ATOM   292 O OG1 . THR A 1 44  ? 6.906   -10.603 -3.562  1.00 9.47  ? 36   THR A OG1 1 
ATOM   293 C CG2 . THR A 1 44  ? 7.372   -10.233 -1.210  1.00 8.13  ? 36   THR A CG2 1 
ATOM   294 N N   . LEU A 1 45  ? 4.063   -10.624 -0.158  1.00 8.62  ? 37   LEU A N   1 
ATOM   295 C CA  . LEU A 1 45  ? 3.564   -10.449 1.219   1.00 8.88  ? 37   LEU A CA  1 
ATOM   296 C C   . LEU A 1 45  ? 2.826   -11.668 1.781   1.00 9.66  ? 37   LEU A C   1 
ATOM   297 O O   . LEU A 1 45  ? 3.166   -12.152 2.863   1.00 9.03  ? 37   LEU A O   1 
ATOM   298 C CB  . LEU A 1 45  ? 2.666   -9.212  1.313   1.00 10.55 ? 37   LEU A CB  1 
ATOM   299 C CG  . LEU A 1 45  ? 3.325   -7.837  1.114   1.00 10.73 ? 37   LEU A CG  1 
ATOM   300 C CD1 . LEU A 1 45  ? 2.254   -6.763  1.073   1.00 11.99 ? 37   LEU A CD1 1 
ATOM   301 C CD2 . LEU A 1 45  ? 4.358   -7.548  2.195   1.00 8.56  ? 37   LEU A CD2 1 
ATOM   302 N N   . PHE A 1 46  ? 1.834   -12.161 1.042   1.00 10.23 ? 38   PHE A N   1 
ATOM   303 C CA  . PHE A 1 46  ? 0.933   -13.206 1.551   1.00 10.89 ? 38   PHE A CA  1 
ATOM   304 C C   . PHE A 1 46  ? 1.419   -14.632 1.361   1.00 11.38 ? 38   PHE A C   1 
ATOM   305 O O   . PHE A 1 46  ? 1.212   -15.479 2.239   1.00 12.42 ? 38   PHE A O   1 
ATOM   306 C CB  . PHE A 1 46  ? -0.453  -13.100 0.901   1.00 9.51  ? 38   PHE A CB  1 
ATOM   307 C CG  . PHE A 1 46  ? -1.166  -11.807 1.160   1.00 7.44  ? 38   PHE A CG  1 
ATOM   308 C CD1 . PHE A 1 46  ? -1.051  -11.145 2.386   1.00 7.92  ? 38   PHE A CD1 1 
ATOM   309 C CD2 . PHE A 1 46  ? -1.997  -11.264 0.175   1.00 9.81  ? 38   PHE A CD2 1 
ATOM   310 C CE1 . PHE A 1 46  ? -1.737  -9.956  2.612   1.00 6.19  ? 38   PHE A CE1 1 
ATOM   311 C CE2 . PHE A 1 46  ? -2.695  -10.067 0.400   1.00 6.67  ? 38   PHE A CE2 1 
ATOM   312 C CZ  . PHE A 1 46  ? -2.561  -9.420  1.613   1.00 6.13  ? 38   PHE A CZ  1 
ATOM   313 N N   . GLU A 1 47  ? 2.003   -14.918 0.195   1.00 12.17 ? 39   GLU A N   1 
ATOM   314 C CA  . GLU A 1 47  ? 2.419   -16.279 -0.126  1.00 10.50 ? 39   GLU A CA  1 
ATOM   315 C C   . GLU A 1 47  ? 3.856   -16.556 0.284   1.00 11.87 ? 39   GLU A C   1 
ATOM   316 O O   . GLU A 1 47  ? 4.121   -17.525 1.001   1.00 10.14 ? 39   GLU A O   1 
ATOM   317 C CB  . GLU A 1 47  ? 2.192   -16.589 -1.604  1.00 13.62 ? 39   GLU A CB  1 
ATOM   318 C CG  . GLU A 1 47  ? 0.719   -16.521 -2.020  1.00 16.88 ? 39   GLU A CG  1 
ATOM   319 C CD  . GLU A 1 47  ? -0.086  -17.694 -1.481  1.00 18.60 ? 39   GLU A CD  1 
ATOM   320 O OE1 . GLU A 1 47  ? 0.422   -18.831 -1.554  1.00 20.65 ? 39   GLU A OE1 1 
ATOM   321 O OE2 . GLU A 1 47  ? -1.218  -17.493 -0.987  1.00 19.05 ? 39   GLU A OE2 1 
ATOM   322 N N   . LYS A 1 48  ? 4.773   -15.696 -0.159  1.00 11.23 ? 40   LYS A N   1 
ATOM   323 C CA  . LYS A 1 48  ? 6.191   -15.848 0.142   1.00 12.70 ? 40   LYS A CA  1 
ATOM   324 C C   . LYS A 1 48  ? 6.531   -15.559 1.607   1.00 10.74 ? 40   LYS A C   1 
ATOM   325 O O   . LYS A 1 48  ? 7.215   -16.351 2.250   1.00 12.35 ? 40   LYS A O   1 
ATOM   326 C CB  . LYS A 1 48  ? 7.046   -14.997 -0.809  1.00 13.44 ? 40   LYS A CB  1 
ATOM   327 C CG  . LYS A 1 48  ? 6.911   -15.372 -2.286  1.00 18.71 ? 40   LYS A CG  1 
ATOM   328 C CD  . LYS A 1 48  ? 7.600   -16.703 -2.591  1.00 23.23 ? 40   LYS A CD  1 
ATOM   329 C CE  . LYS A 1 48  ? 6.747   -17.577 -3.508  1.00 26.44 ? 40   LYS A CE  1 
ATOM   330 N NZ  . LYS A 1 48  ? 7.176   -19.015 -3.460  1.00 30.09 ? 40   LYS A NZ  1 
ATOM   331 N N   . LEU A 1 49  ? 6.051   -14.440 2.140   1.00 10.44 ? 41   LEU A N   1 
ATOM   332 C CA  . LEU A 1 49  ? 6.461   -14.012 3.479   1.00 9.35  ? 41   LEU A CA  1 
ATOM   333 C C   . LEU A 1 49  ? 5.436   -14.324 4.561   1.00 9.84  ? 41   LEU A C   1 
ATOM   334 O O   . LEU A 1 49  ? 5.669   -14.025 5.727   1.00 9.65  ? 41   LEU A O   1 
ATOM   335 C CB  . LEU A 1 49  ? 6.842   -12.530 3.486   1.00 10.20 ? 41   LEU A CB  1 
ATOM   336 C CG  . LEU A 1 49  ? 7.932   -12.160 2.468   1.00 11.26 ? 41   LEU A CG  1 
ATOM   337 C CD1 . LEU A 1 49  ? 8.205   -10.680 2.480   1.00 10.87 ? 41   LEU A CD1 1 
ATOM   338 C CD2 . LEU A 1 49  ? 9.230   -12.950 2.700   1.00 11.86 ? 41   LEU A CD2 1 
ATOM   339 N N   . LYS A 1 50  ? 4.314   -14.923 4.160   1.00 9.61  ? 42   LYS A N   1 
ATOM   340 C CA  . LYS A 1 50  ? 3.244   -15.370 5.070   1.00 10.15 ? 42   LYS A CA  1 
ATOM   341 C C   . LYS A 1 50  ? 2.756   -14.287 6.060   1.00 10.01 ? 42   LYS A C   1 
ATOM   342 O O   . LYS A 1 50  ? 2.510   -14.565 7.239   1.00 8.36  ? 42   LYS A O   1 
ATOM   343 C CB  . LYS A 1 50  ? 3.656   -16.659 5.799   1.00 10.99 ? 42   LYS A CB  1 
ATOM   344 C CG  . LYS A 1 50  ? 3.846   -17.872 4.892   1.00 15.22 ? 42   LYS A CG  1 
ATOM   345 C CD  . LYS A 1 50  ? 4.528   -19.018 5.655   1.00 17.77 ? 42   LYS A CD  1 
ATOM   346 C CE  . LYS A 1 50  ? 3.885   -20.368 5.377   1.00 19.84 ? 42   LYS A CE  1 
ATOM   347 N NZ  . LYS A 1 50  ? 4.104   -20.892 4.011   1.00 20.73 ? 42   LYS A NZ  1 
ATOM   348 N N   . VAL A 1 51  ? 2.628   -13.051 5.572   1.00 10.16 ? 43   VAL A N   1 
ATOM   349 C CA  . VAL A 1 51  ? 1.974   -11.976 6.341   1.00 9.37  ? 43   VAL A CA  1 
ATOM   350 C C   . VAL A 1 51  ? 0.481   -12.294 6.398   1.00 9.38  ? 43   VAL A C   1 
ATOM   351 O O   . VAL A 1 51  ? -0.135  -12.532 5.356   1.00 11.14 ? 43   VAL A O   1 
ATOM   352 C CB  . VAL A 1 51  ? 2.203   -10.578 5.693   1.00 9.75  ? 43   VAL A CB  1 
ATOM   353 C CG1 . VAL A 1 51  ? 1.434   -9.472  6.453   1.00 7.40  ? 43   VAL A CG1 1 
ATOM   354 C CG2 . VAL A 1 51  ? 3.708   -10.256 5.604   1.00 10.05 ? 43   VAL A CG2 1 
ATOM   355 N N   . PRO A 1 52  ? -0.107  -12.347 7.608   1.00 9.49  ? 44   PRO A N   1 
ATOM   356 C CA  . PRO A 1 52  ? -1.542  -12.622 7.685   1.00 9.89  ? 44   PRO A CA  1 
ATOM   357 C C   . PRO A 1 52  ? -2.381  -11.647 6.850   1.00 9.18  ? 44   PRO A C   1 
ATOM   358 O O   . PRO A 1 52  ? -2.276  -10.441 7.032   1.00 7.94  ? 44   PRO A O   1 
ATOM   359 C CB  . PRO A 1 52  ? -1.847  -12.440 9.178   1.00 9.90  ? 44   PRO A CB  1 
ATOM   360 C CG  . PRO A 1 52  ? -0.568  -12.815 9.850   1.00 11.94 ? 44   PRO A CG  1 
ATOM   361 C CD  . PRO A 1 52  ? 0.484   -12.196 8.957   1.00 10.54 ? 44   PRO A CD  1 
ATOM   362 N N   . ARG A 1 53  ? -3.207  -12.179 5.951   1.00 7.50  ? 45   ARG A N   1 
ATOM   363 C CA  . ARG A 1 53  ? -4.083  -11.345 5.127   1.00 7.78  ? 45   ARG A CA  1 
ATOM   364 C C   . ARG A 1 53  ? -4.939  -10.372 5.946   1.00 8.45  ? 45   ARG A C   1 
ATOM   365 O O   . ARG A 1 53  ? -5.188  -9.243  5.519   1.00 7.07  ? 45   ARG A O   1 
ATOM   366 C CB  . ARG A 1 53  ? -4.978  -12.211 4.225   1.00 6.15  ? 45   ARG A CB  1 
ATOM   367 C CG  . ARG A 1 53  ? -4.258  -12.806 3.032   1.00 9.01  ? 45   ARG A CG  1 
ATOM   368 C CD  . ARG A 1 53  ? -5.147  -13.657 2.113   1.00 8.85  ? 45   ARG A CD  1 
ATOM   369 N NE  . ARG A 1 53  ? -4.401  -13.973 0.892   1.00 10.22 ? 45   ARG A NE  1 
ATOM   370 C CZ  . ARG A 1 53  ? -3.527  -14.971 0.772   1.00 8.85  ? 45   ARG A CZ  1 
ATOM   371 N NH1 . ARG A 1 53  ? -3.306  -15.788 1.790   1.00 10.93 ? 45   ARG A NH1 1 
ATOM   372 N NH2 . ARG A 1 53  ? -2.868  -15.157 -0.374  1.00 11.16 ? 45   ARG A NH2 1 
ATOM   373 N N   . SER A 1 54  ? -5.392  -10.813 7.118   1.00 9.68  ? 46   SER A N   1 
ATOM   374 C CA  . SER A 1 54  ? -6.287  -10.003 7.933   1.00 12.46 ? 46   SER A CA  1 
ATOM   375 C C   . SER A 1 54  ? -5.595  -8.758  8.501   1.00 12.96 ? 46   SER A C   1 
ATOM   376 O O   . SER A 1 54  ? -6.264  -7.835  8.957   1.00 14.09 ? 46   SER A O   1 
ATOM   377 C CB  . SER A 1 54  ? -6.942  -10.852 9.041   1.00 14.05 ? 46   SER A CB  1 
ATOM   378 O OG  . SER A 1 54  ? -5.981  -11.322 9.974   1.00 17.25 ? 46   SER A OG  1 
ATOM   379 N N   . LYS A 1 55  ? -4.260  -8.730  8.444   1.00 12.08 ? 47   LYS A N   1 
ATOM   380 C CA  . LYS A 1 55  ? -3.466  -7.580  8.898   1.00 12.41 ? 47   LYS A CA  1 
ATOM   381 C C   . LYS A 1 55  ? -3.264  -6.524  7.815   1.00 11.74 ? 47   LYS A C   1 
ATOM   382 O O   . LYS A 1 55  ? -2.727  -5.453  8.092   1.00 12.00 ? 47   LYS A O   1 
ATOM   383 C CB  . LYS A 1 55  ? -2.104  -8.035  9.423   1.00 13.65 ? 47   LYS A CB  1 
ATOM   384 C CG  . LYS A 1 55  ? -2.192  -8.866  10.713  1.00 15.23 ? 47   LYS A CG  1 
ATOM   385 C CD  . LYS A 1 55  ? -0.817  -9.249  11.236  1.00 17.67 ? 47   LYS A CD  1 
ATOM   386 C CE  . LYS A 1 55  ? -0.899  -9.736  12.693  1.00 18.66 ? 47   LYS A CE  1 
ATOM   387 N NZ  . LYS A 1 55  ? -1.035  -8.591  13.644  1.00 19.84 ? 47   LYS A NZ  1 
ATOM   388 N N   . VAL A 1 56  ? -3.647  -6.842  6.574   1.00 10.52 ? 48   VAL A N   1 
ATOM   389 C CA  . VAL A 1 56  ? -3.445  -5.961  5.413   1.00 11.91 ? 48   VAL A CA  1 
ATOM   390 C C   . VAL A 1 56  ? -4.757  -5.459  4.786   1.00 12.44 ? 48   VAL A C   1 
ATOM   391 O O   . VAL A 1 56  ? -5.652  -6.257  4.458   1.00 13.05 ? 48   VAL A O   1 
ATOM   392 C CB  . VAL A 1 56  ? -2.618  -6.683  4.341   1.00 11.90 ? 48   VAL A CB  1 
ATOM   393 C CG1 . VAL A 1 56  ? -2.290  -5.748  3.189   1.00 11.67 ? 48   VAL A CG1 1 
ATOM   394 C CG2 . VAL A 1 56  ? -1.349  -7.236  4.954   1.00 12.27 ? 48   VAL A CG2 1 
ATOM   395 N N   . LEU A 1 57  ? -4.839  -4.133  4.602   1.00 8.99  ? 49   LEU A N   1 
ATOM   396 C CA  . LEU A 1 57  ? -5.991  -3.575  3.923   1.00 8.75  ? 49   LEU A CA  1 
ATOM   397 C C   . LEU A 1 57  ? -5.586  -3.376  2.470   1.00 9.34  ? 49   LEU A C   1 
ATOM   398 O O   . LEU A 1 57  ? -4.667  -2.619  2.169   1.00 8.07  ? 49   LEU A O   1 
ATOM   399 C CB  . LEU A 1 57  ? -6.461  -2.241  4.514   1.00 9.87  ? 49   LEU A CB  1 
ATOM   400 C CG  . LEU A 1 57  ? -7.608  -1.528  3.779   1.00 10.86 ? 49   LEU A CG  1 
ATOM   401 C CD1 . LEU A 1 57  ? -8.895  -2.323  3.900   1.00 13.03 ? 49   LEU A CD1 1 
ATOM   402 C CD2 . LEU A 1 57  ? -7.794  -0.124  4.329   1.00 10.16 ? 49   LEU A CD2 1 
ATOM   403 N N   . VAL A 1 58  ? -6.296  -4.060  1.578   1.00 9.81  ? 50   VAL A N   1 
ATOM   404 C CA  . VAL A 1 58  ? -6.096  -3.932  0.131   1.00 10.15 ? 50   VAL A CA  1 
ATOM   405 C C   . VAL A 1 58  ? -7.337  -3.261  -0.500  1.00 13.04 ? 50   VAL A C   1 
ATOM   406 O O   . VAL A 1 58  ? -8.438  -3.799  -0.407  1.00 12.52 ? 50   VAL A O   1 
ATOM   407 C CB  . VAL A 1 58  ? -5.810  -5.322  -0.538  1.00 9.53  ? 50   VAL A CB  1 
ATOM   408 C CG1 . VAL A 1 58  ? -5.495  -5.147  -2.030  1.00 10.28 ? 50   VAL A CG1 1 
ATOM   409 C CG2 . VAL A 1 58  ? -4.672  -6.024  0.161   1.00 9.31  ? 50   VAL A CG2 1 
ATOM   410 N N   . LEU A 1 59  ? -7.143  -2.112  -1.145  1.00 14.08 ? 51   LEU A N   1 
ATOM   411 C CA  . LEU A 1 59  ? -8.229  -1.465  -1.831  1.00 15.51 ? 51   LEU A CA  1 
ATOM   412 C C   . LEU A 1 59  ? -8.057  -1.587  -3.326  1.00 16.36 ? 51   LEU A C   1 
ATOM   413 O O   . LEU A 1 59  ? -6.964  -1.336  -3.824  1.00 14.64 ? 51   LEU A O   1 
ATOM   414 C CB  . LEU A 1 59  ? -8.282  0.058   -1.537  1.00 16.98 ? 51   LEU A CB  1 
ATOM   415 C CG  . LEU A 1 59  ? -8.683  0.595   -0.169  1.00 20.74 ? 51   LEU A CG  1 
ATOM   416 C CD1 . LEU A 1 59  ? -8.647  2.119   -0.157  1.00 21.26 ? 51   LEU A CD1 1 
ATOM   417 C CD2 . LEU A 1 59  ? -10.056 0.084   0.245   1.00 20.65 ? 51   LEU A CD2 1 
ATOM   418 N N   . GLN A 1 60  ? -9.118  -1.967  -4.039  1.00 16.64 ? 52   GLN A N   1 
ATOM   419 C CA  . GLN A 1 60  ? -9.083  -1.986  -5.499  1.00 19.48 ? 52   GLN A CA  1 
ATOM   420 C C   . GLN A 1 60  ? -9.694  -0.687  -5.978  1.00 19.65 ? 52   GLN A C   1 
ATOM   421 O O   . GLN A 1 60  ? -10.913 -0.529  -5.965  1.00 20.17 ? 52   GLN A O   1 
ATOM   422 C CB  . GLN A 1 60  ? -9.837  -3.189  -6.082  1.00 21.06 ? 52   GLN A CB  1 
ATOM   423 C CG  . GLN A 1 60  ? -9.102  -4.521  -5.962  1.00 23.49 ? 52   GLN A CG  1 
ATOM   424 C CD  . GLN A 1 60  ? -9.037  -5.045  -4.535  1.00 25.50 ? 52   GLN A CD  1 
ATOM   425 O OE1 . GLN A 1 60  ? -9.976  -4.877  -3.759  1.00 27.06 ? 52   GLN A OE1 1 
ATOM   426 N NE2 . GLN A 1 60  ? -7.926  -5.694  -4.187  1.00 24.63 ? 52   GLN A NE2 1 
ATOM   427 N N   . LEU A 1 61  ? -8.835  0.240   -6.381  1.00 18.40 ? 53   LEU A N   1 
ATOM   428 C CA  . LEU A 1 61  ? -9.256  1.590   -6.719  1.00 18.09 ? 53   LEU A CA  1 
ATOM   429 C C   . LEU A 1 61  ? -10.217 1.657   -7.899  1.00 19.59 ? 53   LEU A C   1 
ATOM   430 O O   . LEU A 1 61  ? -11.198 2.398   -7.859  1.00 21.39 ? 53   LEU A O   1 
ATOM   431 C CB  . LEU A 1 61  ? -8.036  2.486   -6.964  1.00 17.24 ? 53   LEU A CB  1 
ATOM   432 C CG  . LEU A 1 61  ? -7.112  2.727   -5.758  1.00 16.88 ? 53   LEU A CG  1 
ATOM   433 C CD1 . LEU A 1 61  ? -6.125  3.863   -6.045  1.00 17.70 ? 53   LEU A CD1 1 
ATOM   434 C CD2 . LEU A 1 61  ? -7.903  3.009   -4.473  1.00 17.34 ? 53   LEU A CD2 1 
ATOM   435 N N   . ASN A 1 62  ? -9.946  0.876   -8.936  1.00 20.82 ? 54   ASN A N   1 
ATOM   436 C CA  . ASN A 1 62  ? -10.752 0.890   -10.160 1.00 22.71 ? 54   ASN A CA  1 
ATOM   437 C C   . ASN A 1 62  ? -12.222 0.518   -9.947  1.00 23.79 ? 54   ASN A C   1 
ATOM   438 O O   . ASN A 1 62  ? -13.073 0.823   -10.789 1.00 25.13 ? 54   ASN A O   1 
ATOM   439 C CB  . ASN A 1 62  ? -10.112 -0.017  -11.230 1.00 23.34 ? 54   ASN A CB  1 
ATOM   440 C CG  . ASN A 1 62  ? -10.013 -1.480  -10.792 1.00 24.45 ? 54   ASN A CG  1 
ATOM   441 O OD1 . ASN A 1 62  ? -9.521  -1.785  -9.717  1.00 23.77 ? 54   ASN A OD1 1 
ATOM   442 N ND2 . ASN A 1 62  ? -10.470 -2.388  -11.648 1.00 24.84 ? 54   ASN A ND2 1 
ATOM   443 N N   . ASP A 1 63  ? -12.506 -0.145  -8.827  1.00 23.56 ? 55   ASP A N   1 
ATOM   444 C CA  . ASP A 1 63  ? -13.845 -0.629  -8.496  1.00 24.16 ? 55   ASP A CA  1 
ATOM   445 C C   . ASP A 1 63  ? -14.533 0.179   -7.387  1.00 24.46 ? 55   ASP A C   1 
ATOM   446 O O   . ASP A 1 63  ? -15.586 -0.208  -6.871  1.00 23.63 ? 55   ASP A O   1 
ATOM   447 C CB  . ASP A 1 63  ? -13.778 -2.104  -8.112  1.00 24.78 ? 55   ASP A CB  1 
ATOM   448 C CG  . ASP A 1 63  ? -13.585 -3.006  -9.313  1.00 24.76 ? 55   ASP A CG  1 
ATOM   449 O OD1 . ASP A 1 63  ? -13.918 -2.589  -10.446 1.00 26.14 ? 55   ASP A OD1 1 
ATOM   450 O OD2 . ASP A 1 63  ? -13.103 -4.135  -9.119  1.00 25.68 ? 55   ASP A OD2 1 
ATOM   451 N N   . MET A 1 64  ? -13.929 1.305   -7.029  1.00 25.19 ? 56   MET A N   1 
ATOM   452 C CA  . MET A 1 64  ? -14.525 2.221   -6.061  1.00 25.45 ? 56   MET A CA  1 
ATOM   453 C C   . MET A 1 64  ? -14.908 3.505   -6.775  1.00 25.22 ? 56   MET A C   1 
ATOM   454 O O   . MET A 1 64  ? -14.193 3.948   -7.677  1.00 24.20 ? 56   MET A O   1 
ATOM   455 C CB  . MET A 1 64  ? -13.546 2.533   -4.937  1.00 25.23 ? 56   MET A CB  1 
ATOM   456 C CG  . MET A 1 64  ? -13.040 1.319   -4.191  1.00 24.41 ? 56   MET A CG  1 
ATOM   457 S SD  . MET A 1 64  ? -11.688 1.805   -3.122  1.00 24.25 ? 56   MET A SD  1 
ATOM   458 C CE  . MET A 1 64  ? -12.601 2.408   -1.689  1.00 23.25 ? 56   MET A CE  1 
ATOM   459 N N   . LYS A 1 65  ? -16.045 4.079   -6.375  1.00 25.26 ? 57   LYS A N   1 
ATOM   460 C CA  . LYS A 1 65  ? -16.476 5.399   -6.843  1.00 24.68 ? 57   LYS A CA  1 
ATOM   461 C C   . LYS A 1 65  ? -15.403 6.429   -6.483  1.00 24.39 ? 57   LYS A C   1 
ATOM   462 O O   . LYS A 1 65  ? -15.036 7.279   -7.305  1.00 24.27 ? 57   LYS A O   1 
ATOM   463 C CB  . LYS A 1 65  ? -17.805 5.782   -6.186  1.00 24.53 ? 57   LYS A CB  1 
ATOM   464 C CG  . LYS A 1 65  ? -18.343 7.144   -6.599  1.00 24.81 ? 57   LYS A CG  1 
ATOM   465 C CD  . LYS A 1 65  ? -19.394 7.652   -5.614  1.00 22.31 ? 57   LYS A CD  1 
ATOM   466 C CE  . LYS A 1 65  ? -20.022 8.937   -6.123  1.00 23.33 ? 57   LYS A CE  1 
ATOM   467 N NZ  . LYS A 1 65  ? -21.086 9.450   -5.227  1.00 21.30 ? 57   LYS A NZ  1 
ATOM   468 N N   . GLU A 1 66  ? -14.893 6.325   -5.255  1.00 24.18 ? 58   GLU A N   1 
ATOM   469 C CA  . GLU A 1 66  ? -13.870 7.240   -4.751  1.00 24.78 ? 58   GLU A CA  1 
ATOM   470 C C   . GLU A 1 66  ? -12.466 6.881   -5.254  1.00 22.55 ? 58   GLU A C   1 
ATOM   471 O O   . GLU A 1 66  ? -11.482 7.466   -4.804  1.00 21.80 ? 58   GLU A O   1 
ATOM   472 C CB  . GLU A 1 66  ? -13.888 7.296   -3.217  1.00 26.34 ? 58   GLU A CB  1 
ATOM   473 C CG  . GLU A 1 66  ? -15.256 7.644   -2.589  1.00 31.00 ? 58   GLU A CG  1 
ATOM   474 C CD  . GLU A 1 66  ? -15.848 8.982   -3.048  1.00 34.81 ? 58   GLU A CD  1 
ATOM   475 O OE1 . GLU A 1 66  ? -15.083 9.903   -3.461  1.00 36.31 ? 58   GLU A OE1 1 
ATOM   476 O OE2 . GLU A 1 66  ? -17.096 9.105   -2.976  1.00 34.93 ? 58   GLU A OE2 1 
ATOM   477 N N   . GLY A 1 67  ? -12.397 5.942   -6.199  1.00 22.21 ? 59   GLY A N   1 
ATOM   478 C CA  . GLY A 1 67  ? -11.138 5.369   -6.682  1.00 21.19 ? 59   GLY A CA  1 
ATOM   479 C C   . GLY A 1 67  ? -10.118 6.352   -7.227  1.00 20.78 ? 59   GLY A C   1 
ATOM   480 O O   . GLY A 1 67  ? -9.002  6.464   -6.691  1.00 19.95 ? 59   GLY A O   1 
ATOM   481 N N   . ALA A 1 68  ? -10.491 7.046   -8.302  1.00 18.65 ? 60   ALA A N   1 
ATOM   482 C CA  . ALA A 1 68  ? -9.647  8.083   -8.894  1.00 18.89 ? 60   ALA A CA  1 
ATOM   483 C C   . ALA A 1 68  ? -9.282  9.145   -7.859  1.00 17.58 ? 60   ALA A C   1 
ATOM   484 O O   . ALA A 1 68  ? -8.147  9.612   -7.820  1.00 17.11 ? 60   ALA A O   1 
ATOM   485 C CB  . ALA A 1 68  ? -10.340 8.732   -10.107 1.00 18.56 ? 60   ALA A CB  1 
ATOM   486 N N   . ASP A 1 69  ? -10.256 9.507   -7.029  1.00 17.34 ? 61   ASP A N   1 
ATOM   487 C CA  . ASP A 1 69  ? -10.080 10.490  -5.966  1.00 17.91 ? 61   ASP A CA  1 
ATOM   488 C C   . ASP A 1 69  ? -9.024  10.002  -4.948  1.00 17.64 ? 61   ASP A C   1 
ATOM   489 O O   . ASP A 1 69  ? -8.159  10.779  -4.516  1.00 16.41 ? 61   ASP A O   1 
ATOM   490 C CB  . ASP A 1 69  ? -11.448 10.760  -5.314  1.00 20.50 ? 61   ASP A CB  1 
ATOM   491 C CG  . ASP A 1 69  ? -11.410 11.823  -4.228  1.00 20.74 ? 61   ASP A CG  1 
ATOM   492 O OD1 . ASP A 1 69  ? -12.069 11.613  -3.192  1.00 21.27 ? 61   ASP A OD1 1 
ATOM   493 O OD2 . ASP A 1 69  ? -10.756 12.870  -4.389  1.00 21.67 ? 61   ASP A OD2 1 
ATOM   494 N N   . ILE A 1 70  ? -9.076  8.716   -4.586  1.00 16.94 ? 62   ILE A N   1 
ATOM   495 C CA  . ILE A 1 70  ? -8.081  8.153   -3.651  1.00 15.57 ? 62   ILE A CA  1 
ATOM   496 C C   . ILE A 1 70  ? -6.673  8.145   -4.274  1.00 14.89 ? 62   ILE A C   1 
ATOM   497 O O   . ILE A 1 70  ? -5.699  8.533   -3.625  1.00 12.67 ? 62   ILE A O   1 
ATOM   498 C CB  . ILE A 1 70  ? -8.497  6.765   -3.074  1.00 16.15 ? 62   ILE A CB  1 
ATOM   499 C CG1 . ILE A 1 70  ? -9.617  6.950   -2.036  1.00 15.84 ? 62   ILE A CG1 1 
ATOM   500 C CG2 . ILE A 1 70  ? -7.281  6.061   -2.418  1.00 14.22 ? 62   ILE A CG2 1 
ATOM   501 C CD1 . ILE A 1 70  ? -10.430 5.682   -1.712  1.00 18.86 ? 62   ILE A CD1 1 
ATOM   502 N N   . GLN A 1 71  ? -6.591  7.742   -5.542  1.00 13.18 ? 63   GLN A N   1 
ATOM   503 C CA  . GLN A 1 71  ? -5.338  7.754   -6.293  1.00 14.06 ? 63   GLN A CA  1 
ATOM   504 C C   . GLN A 1 71  ? -4.724  9.156   -6.373  1.00 14.01 ? 63   GLN A C   1 
ATOM   505 O O   . GLN A 1 71  ? -3.506  9.311   -6.252  1.00 13.31 ? 63   GLN A O   1 
ATOM   506 C CB  . GLN A 1 71  ? -5.548  7.175   -7.705  1.00 16.23 ? 63   GLN A CB  1 
ATOM   507 C CG  . GLN A 1 71  ? -4.243  6.856   -8.463  1.00 19.51 ? 63   GLN A CG  1 
ATOM   508 C CD  . GLN A 1 71  ? -4.334  5.632   -9.382  1.00 22.41 ? 63   GLN A CD  1 
ATOM   509 O OE1 . GLN A 1 71  ? -5.410  5.049   -9.555  1.00 23.91 ? 63   GLN A OE1 1 
ATOM   510 N NE2 . GLN A 1 71  ? -3.211  5.242   -9.968  1.00 22.89 ? 63   GLN A NE2 1 
ATOM   511 N N   . ALA A 1 72  ? -5.564  10.169  -6.581  1.00 13.04 ? 64   ALA A N   1 
ATOM   512 C CA  . ALA A 1 72  ? -5.087  11.550  -6.693  1.00 13.21 ? 64   ALA A CA  1 
ATOM   513 C C   . ALA A 1 72  ? -4.579  12.045  -5.347  1.00 12.10 ? 64   ALA A C   1 
ATOM   514 O O   . ALA A 1 72  ? -3.558  12.721  -5.272  1.00 12.32 ? 64   ALA A O   1 
ATOM   515 C CB  . ALA A 1 72  ? -6.184  12.473  -7.252  1.00 12.05 ? 64   ALA A CB  1 
ATOM   516 N N   . ALA A 1 73  ? -5.295  11.676  -4.284  1.00 12.35 ? 65   ALA A N   1 
ATOM   517 C CA  . ALA A 1 73  ? -4.873  11.949  -2.917  1.00 11.45 ? 65   ALA A CA  1 
ATOM   518 C C   . ALA A 1 73  ? -3.500  11.337  -2.595  1.00 11.48 ? 65   ALA A C   1 
ATOM   519 O O   . ALA A 1 73  ? -2.639  12.015  -2.031  1.00 11.88 ? 65   ALA A O   1 
ATOM   520 C CB  . ALA A 1 73  ? -5.923  11.475  -1.932  1.00 11.50 ? 65   ALA A CB  1 
ATOM   521 N N   . LEU A 1 74  ? -3.288  10.077  -2.972  1.00 9.74  ? 66   LEU A N   1 
ATOM   522 C CA  . LEU A 1 74  ? -1.988  9.410   -2.788  1.00 11.17 ? 66   LEU A CA  1 
ATOM   523 C C   . LEU A 1 74  ? -0.852  10.118  -3.529  1.00 10.82 ? 66   LEU A C   1 
ATOM   524 O O   . LEU A 1 74  ? 0.251   10.256  -3.006  1.00 8.85  ? 66   LEU A O   1 
ATOM   525 C CB  . LEU A 1 74  ? -2.066  7.945   -3.221  1.00 8.45  ? 66   LEU A CB  1 
ATOM   526 C CG  . LEU A 1 74  ? -2.846  6.992   -2.310  1.00 9.75  ? 66   LEU A CG  1 
ATOM   527 C CD1 . LEU A 1 74  ? -3.287  5.776   -3.106  1.00 8.83  ? 66   LEU A CD1 1 
ATOM   528 C CD2 . LEU A 1 74  ? -2.016  6.575   -1.086  1.00 10.14 ? 66   LEU A CD2 1 
ATOM   529 N N   . TYR A 1 75  ? -1.128  10.575  -4.747  1.00 13.13 ? 67   TYR A N   1 
ATOM   530 C CA  . TYR A 1 75  ? -0.146  11.351  -5.478  1.00 14.93 ? 67   TYR A CA  1 
ATOM   531 C C   . TYR A 1 75  ? 0.288   12.591  -4.682  1.00 14.83 ? 67   TYR A C   1 
ATOM   532 O O   . TYR A 1 75  ? 1.482   12.897  -4.589  1.00 15.46 ? 67   TYR A O   1 
ATOM   533 C CB  . TYR A 1 75  ? -0.648  11.738  -6.875  1.00 17.88 ? 67   TYR A CB  1 
ATOM   534 C CG  . TYR A 1 75  ? 0.307   12.668  -7.555  1.00 20.00 ? 67   TYR A CG  1 
ATOM   535 C CD1 . TYR A 1 75  ? 1.555   12.213  -7.990  1.00 21.33 ? 67   TYR A CD1 1 
ATOM   536 C CD2 . TYR A 1 75  ? -0.004  14.023  -7.716  1.00 20.85 ? 67   TYR A CD2 1 
ATOM   537 C CE1 . TYR A 1 75  ? 2.464   13.082  -8.593  1.00 23.09 ? 67   TYR A CE1 1 
ATOM   538 C CE2 . TYR A 1 75  ? 0.894   14.893  -8.324  1.00 22.65 ? 67   TYR A CE2 1 
ATOM   539 C CZ  . TYR A 1 75  ? 2.125   14.416  -8.756  1.00 23.24 ? 67   TYR A CZ  1 
ATOM   540 O OH  . TYR A 1 75  ? 3.023   15.270  -9.351  1.00 25.07 ? 67   TYR A OH  1 
ATOM   541 N N   . GLU A 1 76  ? -0.674  13.287  -4.088  1.00 14.17 ? 68   GLU A N   1 
ATOM   542 C CA  . GLU A 1 76  ? -0.366  14.478  -3.321  1.00 15.06 ? 68   GLU A CA  1 
ATOM   543 C C   . GLU A 1 76  ? 0.398   14.140  -2.046  1.00 15.55 ? 68   GLU A C   1 
ATOM   544 O O   . GLU A 1 76  ? 1.370   14.821  -1.697  1.00 16.72 ? 68   GLU A O   1 
ATOM   545 C CB  . GLU A 1 76  ? -1.633  15.261  -3.033  1.00 16.23 ? 68   GLU A CB  1 
ATOM   546 C CG  . GLU A 1 76  ? -2.324  15.661  -4.321  1.00 20.78 ? 68   GLU A CG  1 
ATOM   547 C CD  . GLU A 1 76  ? -3.113  16.933  -4.208  1.00 19.76 ? 68   GLU A CD  1 
ATOM   548 O OE1 . GLU A 1 76  ? -3.460  17.502  -5.270  1.00 22.36 ? 68   GLU A OE1 1 
ATOM   549 O OE2 . GLU A 1 76  ? -3.386  17.356  -3.066  1.00 19.56 ? 68   GLU A OE2 1 
ATOM   550 N N   . ILE A 1 77  ? -0.005  13.057  -1.391  1.00 13.55 ? 69   ILE A N   1 
ATOM   551 C CA  . ILE A 1 77  ? 0.605   12.640  -0.136  1.00 15.07 ? 69   ILE A CA  1 
ATOM   552 C C   . ILE A 1 77  ? 2.039   12.115  -0.306  1.00 15.32 ? 69   ILE A C   1 
ATOM   553 O O   . ILE A 1 77  ? 2.930   12.508  0.446   1.00 14.82 ? 69   ILE A O   1 
ATOM   554 C CB  . ILE A 1 77  ? -0.289  11.592  0.585   1.00 14.72 ? 69   ILE A CB  1 
ATOM   555 C CG1 . ILE A 1 77  ? -1.637  12.223  0.975   1.00 13.57 ? 69   ILE A CG1 1 
ATOM   556 C CG2 . ILE A 1 77  ? 0.424   11.017  1.800   1.00 14.20 ? 69   ILE A CG2 1 
ATOM   557 C CD1 . ILE A 1 77  ? -2.738  11.194  1.259   1.00 12.54 ? 69   ILE A CD1 1 
ATOM   558 N N   . ASN A 1 78  ? 2.257   11.238  -1.289  1.00 15.48 ? 70   ASN A N   1 
ATOM   559 C CA  . ASN A 1 78  ? 3.561   10.587  -1.467  1.00 16.16 ? 70   ASN A CA  1 
ATOM   560 C C   . ASN A 1 78  ? 4.264   10.781  -2.827  1.00 16.46 ? 70   ASN A C   1 
ATOM   561 O O   . ASN A 1 78  ? 5.398   10.345  -3.006  1.00 16.57 ? 70   ASN A O   1 
ATOM   562 C CB  . ASN A 1 78  ? 3.487   9.088   -1.078  1.00 16.50 ? 70   ASN A CB  1 
ATOM   563 C CG  . ASN A 1 78  ? 2.495   8.289   -1.936  1.00 16.34 ? 70   ASN A CG  1 
ATOM   564 O OD1 . ASN A 1 78  ? 2.641   8.203   -3.158  1.00 17.91 ? 70   ASN A OD1 1 
ATOM   565 N ND2 . ASN A 1 78  ? 1.496   7.691   -1.291  1.00 15.83 ? 70   ASN A ND2 1 
ATOM   566 N N   . GLY A 1 79  ? 3.600   11.436  -3.774  1.00 16.86 ? 71   GLY A N   1 
ATOM   567 C CA  . GLY A 1 79  ? 4.208   11.735  -5.073  1.00 16.98 ? 71   GLY A CA  1 
ATOM   568 C C   . GLY A 1 79  ? 4.204   10.580  -6.061  1.00 16.78 ? 71   GLY A C   1 
ATOM   569 O O   . GLY A 1 79  ? 4.768   10.681  -7.144  1.00 16.28 ? 71   GLY A O   1 
ATOM   570 N N   . GLN A 1 80  ? 3.569   9.473   -5.684  1.00 16.75 ? 72   GLN A N   1 
ATOM   571 C CA  . GLN A 1 80  ? 3.461   8.314   -6.559  1.00 16.08 ? 72   GLN A CA  1 
ATOM   572 C C   . GLN A 1 80  ? 2.096   8.283   -7.243  1.00 16.40 ? 72   GLN A C   1 
ATOM   573 O O   . GLN A 1 80  ? 1.081   8.493   -6.599  1.00 17.33 ? 72   GLN A O   1 
ATOM   574 C CB  . GLN A 1 80  ? 3.668   7.045   -5.740  1.00 15.57 ? 72   GLN A CB  1 
ATOM   575 C CG  . GLN A 1 80  ? 3.707   5.774   -6.529  1.00 14.38 ? 72   GLN A CG  1 
ATOM   576 C CD  . GLN A 1 80  ? 3.890   4.566   -5.645  1.00 13.10 ? 72   GLN A CD  1 
ATOM   577 O OE1 . GLN A 1 80  ? 4.728   4.559   -4.738  1.00 14.27 ? 72   GLN A OE1 1 
ATOM   578 N NE2 . GLN A 1 80  ? 3.125   3.522   -5.917  1.00 11.04 ? 72   GLN A NE2 1 
ATOM   579 N N   . ARG A 1 81  ? 2.071   7.992   -8.538  1.00 18.84 ? 73   ARG A N   1 
ATOM   580 C CA  . ARG A 1 81  ? 0.808   8.032   -9.291  1.00 21.08 ? 73   ARG A CA  1 
ATOM   581 C C   . ARG A 1 81  ? 0.328   6.661   -9.765  1.00 19.40 ? 73   ARG A C   1 
ATOM   582 O O   . ARG A 1 81  ? -0.732  6.546   -10.386 1.00 20.68 ? 73   ARG A O   1 
ATOM   583 C CB  . ARG A 1 81  ? 0.873   9.048   -10.456 1.00 23.30 ? 73   ARG A CB  1 
ATOM   584 C CG  . ARG A 1 81  ? 2.273   9.454   -10.894 1.00 27.91 ? 73   ARG A CG  1 
ATOM   585 C CD  . ARG A 1 81  ? 2.239   10.162  -12.246 1.00 30.30 ? 73   ARG A CD  1 
ATOM   586 N NE  . ARG A 1 81  ? 1.641   11.495  -12.168 1.00 32.61 ? 73   ARG A NE  1 
ATOM   587 C CZ  . ARG A 1 81  ? 2.328   12.604  -11.916 1.00 33.98 ? 73   ARG A CZ  1 
ATOM   588 N NH1 . ARG A 1 81  ? 3.643   12.542  -11.707 1.00 34.11 ? 73   ARG A NH1 1 
ATOM   589 N NH2 . ARG A 1 81  ? 1.702   13.781  -11.863 1.00 35.08 ? 73   ARG A NH2 1 
ATOM   590 N N   . THR A 1 82  ? 1.092   5.623   -9.447  1.00 16.67 ? 74   THR A N   1 
ATOM   591 C CA  . THR A 1 82  ? 0.764   4.282   -9.887  1.00 13.82 ? 74   THR A CA  1 
ATOM   592 C C   . THR A 1 82  ? 0.400   3.370   -8.709  1.00 13.78 ? 74   THR A C   1 
ATOM   593 O O   . THR A 1 82  ? 0.768   3.640   -7.556  1.00 12.43 ? 74   THR A O   1 
ATOM   594 C CB  . THR A 1 82  ? 1.957   3.655   -10.641 1.00 15.14 ? 74   THR A CB  1 
ATOM   595 O OG1 . THR A 1 82  ? 3.028   3.447   -9.720  1.00 12.72 ? 74   THR A OG1 1 
ATOM   596 C CG2 . THR A 1 82  ? 2.445   4.575   -11.780 1.00 16.24 ? 74   THR A CG2 1 
ATOM   597 N N   . VAL A 1 83  ? -0.322  2.293   -9.019  1.00 11.67 ? 75   VAL A N   1 
ATOM   598 C CA  . VAL A 1 83  ? -0.533  1.175   -8.107  1.00 12.01 ? 75   VAL A CA  1 
ATOM   599 C C   . VAL A 1 83  ? 0.338   -0.016  -8.561  1.00 11.35 ? 75   VAL A C   1 
ATOM   600 O O   . VAL A 1 83  ? 0.604   -0.159  -9.752  1.00 11.68 ? 75   VAL A O   1 
ATOM   601 C CB  . VAL A 1 83  ? -2.033  0.775   -8.019  1.00 11.99 ? 75   VAL A CB  1 
ATOM   602 C CG1 . VAL A 1 83  ? -2.845  1.907   -7.375  1.00 12.43 ? 75   VAL A CG1 1 
ATOM   603 C CG2 . VAL A 1 83  ? -2.599  0.416   -9.393  1.00 12.49 ? 75   VAL A CG2 1 
ATOM   604 N N   . PRO A 1 84  ? 0.803   -0.866  -7.622  1.00 9.26  ? 76   PRO A N   1 
ATOM   605 C CA  . PRO A 1 84  ? 0.552   -0.877  -6.184  1.00 8.73  ? 76   PRO A CA  1 
ATOM   606 C C   . PRO A 1 84  ? 1.215   0.293   -5.460  1.00 8.42  ? 76   PRO A C   1 
ATOM   607 O O   . PRO A 1 84  ? 2.302   0.732   -5.844  1.00 6.40  ? 76   PRO A O   1 
ATOM   608 C CB  . PRO A 1 84  ? 1.175   -2.205  -5.731  1.00 8.88  ? 76   PRO A CB  1 
ATOM   609 C CG  . PRO A 1 84  ? 2.250   -2.472  -6.736  1.00 8.51  ? 76   PRO A CG  1 
ATOM   610 C CD  . PRO A 1 84  ? 1.718   -1.956  -8.030  1.00 9.06  ? 76   PRO A CD  1 
ATOM   611 N N   . ASN A 1 85  ? 0.547   0.769   -4.428  1.00 7.14  ? 77   ASN A N   1 
ATOM   612 C CA  . ASN A 1 85  ? 1.063   1.844   -3.575  1.00 8.31  ? 77   ASN A CA  1 
ATOM   613 C C   . ASN A 1 85  ? 0.958   1.293   -2.166  1.00 8.48  ? 77   ASN A C   1 
ATOM   614 O O   . ASN A 1 85  ? -0.130  1.155   -1.597  1.00 9.16  ? 77   ASN A O   1 
ATOM   615 C CB  . ASN A 1 85  ? 0.317   3.170   -3.759  1.00 7.71  ? 77   ASN A CB  1 
ATOM   616 C CG  . ASN A 1 85  ? 1.144   4.346   -3.284  1.00 10.35 ? 77   ASN A CG  1 
ATOM   617 O OD1 . ASN A 1 85  ? 2.092   4.209   -2.505  1.00 10.93 ? 77   ASN A OD1 1 
ATOM   618 N ND2 . ASN A 1 85  ? 0.774   5.539   -3.746  1.00 7.19  ? 77   ASN A ND2 1 
ATOM   619 N N   . ILE A 1 86  ? 2.139   0.955   -1.614  1.00 9.05  ? 78   ILE A N   1 
ATOM   620 C CA  . ILE A 1 86  ? 2.263   0.264   -0.307  1.00 7.07  ? 78   ILE A CA  1 
ATOM   621 C C   . ILE A 1 86  ? 2.747   1.105   0.879   1.00 8.26  ? 78   ILE A C   1 
ATOM   622 O O   . ILE A 1 86  ? 3.698   1.887   0.775   1.00 7.29  ? 78   ILE A O   1 
ATOM   623 C CB  . ILE A 1 86  ? 3.227   -0.943  -0.512  1.00 7.56  ? 78   ILE A CB  1 
ATOM   624 C CG1 . ILE A 1 86  ? 2.788   -1.804  -1.704  1.00 7.87  ? 78   ILE A CG1 1 
ATOM   625 C CG2 . ILE A 1 86  ? 3.286   -1.785  0.739   1.00 5.06  ? 78   ILE A CG2 1 
ATOM   626 C CD1 . ILE A 1 86  ? 3.905   -2.626  -2.307  1.00 5.45  ? 78   ILE A CD1 1 
ATOM   627 N N   . TYR A 1 87  ? 2.084   0.907   2.009   1.00 7.98  ? 79   TYR A N   1 
ATOM   628 C CA  . TYR A 1 87  ? 2.511   1.469   3.279   1.00 8.03  ? 79   TYR A CA  1 
ATOM   629 C C   . TYR A 1 87  ? 2.637   0.334   4.290   1.00 7.96  ? 79   TYR A C   1 
ATOM   630 O O   . TYR A 1 87  ? 1.789   -0.555  4.343   1.00 8.83  ? 79   TYR A O   1 
ATOM   631 C CB  . TYR A 1 87  ? 1.475   2.480   3.782   1.00 9.08  ? 79   TYR A CB  1 
ATOM   632 C CG  . TYR A 1 87  ? 1.561   3.857   3.159   1.00 10.87 ? 79   TYR A CG  1 
ATOM   633 C CD1 . TYR A 1 87  ? 0.931   4.142   1.952   1.00 10.69 ? 79   TYR A CD1 1 
ATOM   634 C CD2 . TYR A 1 87  ? 2.252   4.888   3.809   1.00 11.64 ? 79   TYR A CD2 1 
ATOM   635 C CE1 . TYR A 1 87  ? 1.003   5.421   1.398   1.00 12.63 ? 79   TYR A CE1 1 
ATOM   636 C CE2 . TYR A 1 87  ? 2.334   6.158   3.266   1.00 11.08 ? 79   TYR A CE2 1 
ATOM   637 C CZ  . TYR A 1 87  ? 1.714   6.418   2.067   1.00 11.20 ? 79   TYR A CZ  1 
ATOM   638 O OH  . TYR A 1 87  ? 1.797   7.682   1.542   1.00 14.38 ? 79   TYR A OH  1 
ATOM   639 N N   . ILE A 1 88  ? 3.695   0.362   5.090   1.00 8.10  ? 80   ILE A N   1 
ATOM   640 C CA  . ILE A 1 88  ? 3.859   -0.599  6.166   1.00 7.30  ? 80   ILE A CA  1 
ATOM   641 C C   . ILE A 1 88  ? 4.097   0.209   7.431   1.00 8.14  ? 80   ILE A C   1 
ATOM   642 O O   . ILE A 1 88  ? 4.978   1.065   7.467   1.00 8.61  ? 80   ILE A O   1 
ATOM   643 C CB  . ILE A 1 88  ? 5.042   -1.572  5.910   1.00 7.29  ? 80   ILE A CB  1 
ATOM   644 C CG1 . ILE A 1 88  ? 4.809   -2.408  4.655   1.00 9.02  ? 80   ILE A CG1 1 
ATOM   645 C CG2 . ILE A 1 88  ? 5.253   -2.491  7.109   1.00 9.57  ? 80   ILE A CG2 1 
ATOM   646 C CD1 . ILE A 1 88  ? 6.028   -3.271  4.242   1.00 9.14  ? 80   ILE A CD1 1 
ATOM   647 N N   . ASN A 1 89  ? 3.287   -0.045  8.455   1.00 9.81  ? 81   ASN A N   1 
ATOM   648 C CA  . ASN A 1 89  ? 3.421   0.630   9.743   1.00 12.49 ? 81   ASN A CA  1 
ATOM   649 C C   . ASN A 1 89  ? 3.485   2.160   9.602   1.00 12.55 ? 81   ASN A C   1 
ATOM   650 O O   . ASN A 1 89  ? 4.251   2.831   10.299  1.00 12.33 ? 81   ASN A O   1 
ATOM   651 C CB  . ASN A 1 89  ? 4.654   0.078   10.491  1.00 15.45 ? 81   ASN A CB  1 
ATOM   652 C CG  . ASN A 1 89  ? 4.400   -0.144  11.983  1.00 19.55 ? 81   ASN A CG  1 
ATOM   653 O OD1 . ASN A 1 89  ? 3.337   0.205   12.519  1.00 19.86 ? 81   ASN A OD1 1 
ATOM   654 N ND2 . ASN A 1 89  ? 5.382   -0.741  12.663  1.00 20.86 ? 81   ASN A ND2 1 
ATOM   655 N N   . GLY A 1 90  ? 2.689   2.696   8.670   1.00 11.81 ? 82   GLY A N   1 
ATOM   656 C CA  . GLY A 1 90  ? 2.554   4.139   8.465   1.00 11.91 ? 82   GLY A CA  1 
ATOM   657 C C   . GLY A 1 90  ? 3.594   4.759   7.550   1.00 11.68 ? 82   GLY A C   1 
ATOM   658 O O   . GLY A 1 90  ? 3.485   5.922   7.199   1.00 13.71 ? 82   GLY A O   1 
ATOM   659 N N   . LYS A 1 91  ? 4.592   3.973   7.169   1.00 12.02 ? 83   LYS A N   1 
ATOM   660 C CA  . LYS A 1 91  ? 5.704   4.418   6.326   1.00 12.24 ? 83   LYS A CA  1 
ATOM   661 C C   . LYS A 1 91  ? 5.477   4.055   4.846   1.00 10.09 ? 83   LYS A C   1 
ATOM   662 O O   . LYS A 1 91  ? 5.104   2.929   4.521   1.00 9.79  ? 83   LYS A O   1 
ATOM   663 C CB  . LYS A 1 91  ? 7.022   3.836   6.873   1.00 13.23 ? 83   LYS A CB  1 
ATOM   664 C CG  . LYS A 1 91  ? 8.155   3.577   5.856   1.00 18.06 ? 83   LYS A CG  1 
ATOM   665 C CD  . LYS A 1 91  ? 9.242   2.674   6.463   1.00 19.15 ? 83   LYS A CD  1 
ATOM   666 C CE  . LYS A 1 91  ? 10.328  2.343   5.477   1.00 23.19 ? 83   LYS A CE  1 
ATOM   667 N NZ  . LYS A 1 91  ? 11.009  3.589   4.959   1.00 24.78 ? 83   LYS A NZ  1 
ATOM   668 N N   . HIS A 1 92  ? 5.692   5.027   3.967   1.00 9.02  ? 84   HIS A N   1 
ATOM   669 C CA  . HIS A 1 92  ? 5.550   4.809   2.530   1.00 9.62  ? 84   HIS A CA  1 
ATOM   670 C C   . HIS A 1 92  ? 6.651   3.909   1.981   1.00 8.63  ? 84   HIS A C   1 
ATOM   671 O O   . HIS A 1 92  ? 7.835   4.222   2.082   1.00 8.17  ? 84   HIS A O   1 
ATOM   672 C CB  . HIS A 1 92  ? 5.517   6.134   1.762   1.00 8.42  ? 84   HIS A CB  1 
ATOM   673 C CG  . HIS A 1 92  ? 5.165   5.966   0.322   1.00 9.24  ? 84   HIS A CG  1 
ATOM   674 N ND1 . HIS A 1 92  ? 5.936   6.475   -0.698  1.00 9.97  ? 84   HIS A ND1 1 
ATOM   675 C CD2 . HIS A 1 92  ? 4.153   5.287   -0.271  1.00 7.28  ? 84   HIS A CD2 1 
ATOM   676 C CE1 . HIS A 1 92  ? 5.391   6.151   -1.858  1.00 10.62 ? 84   HIS A CE1 1 
ATOM   677 N NE2 . HIS A 1 92  ? 4.311   5.424   -1.626  1.00 8.10  ? 84   HIS A NE2 1 
ATOM   678 N N   . ILE A 1 93  ? 6.248   2.773   1.429   1.00 7.86  ? 85   ILE A N   1 
ATOM   679 C CA  . ILE A 1 93  ? 7.197   1.824   0.847   1.00 8.17  ? 85   ILE A CA  1 
ATOM   680 C C   . ILE A 1 93  ? 7.384   2.148   -0.627  1.00 8.70  ? 85   ILE A C   1 
ATOM   681 O O   . ILE A 1 93  ? 8.511   2.315   -1.082  1.00 9.13  ? 85   ILE A O   1 
ATOM   682 C CB  . ILE A 1 93  ? 6.743   0.349   1.035   1.00 6.86  ? 85   ILE A CB  1 
ATOM   683 C CG1 . ILE A 1 93  ? 6.574   0.024   2.532   1.00 8.21  ? 85   ILE A CG1 1 
ATOM   684 C CG2 . ILE A 1 93  ? 7.698   -0.643  0.316   1.00 7.08  ? 85   ILE A CG2 1 
ATOM   685 C CD1 . ILE A 1 93  ? 7.798   0.303   3.392   1.00 6.13  ? 85   ILE A CD1 1 
ATOM   686 N N   . GLY A 1 94  ? 6.280   2.262   -1.358  1.00 7.38  ? 86   GLY A N   1 
ATOM   687 C CA  . GLY A 1 94  ? 6.333   2.506   -2.793  1.00 8.82  ? 86   GLY A CA  1 
ATOM   688 C C   . GLY A 1 94  ? 5.550   1.451   -3.547  1.00 9.51  ? 86   GLY A C   1 
ATOM   689 O O   . GLY A 1 94  ? 4.468   1.038   -3.122  1.00 9.83  ? 86   GLY A O   1 
ATOM   690 N N   . GLY A 1 95  ? 6.103   1.014   -4.670  1.00 7.23  ? 87   GLY A N   1 
ATOM   691 C CA  . GLY A 1 95  ? 5.493   -0.044  -5.469  1.00 8.45  ? 87   GLY A CA  1 
ATOM   692 C C   . GLY A 1 95  ? 6.204   -1.355  -5.234  1.00 8.84  ? 87   GLY A C   1 
ATOM   693 O O   . GLY A 1 95  ? 6.959   -1.495  -4.266  1.00 8.99  ? 87   GLY A O   1 
ATOM   694 N N   . ASN A 1 96  ? 5.982   -2.311  -6.129  1.00 7.00  ? 88   ASN A N   1 
ATOM   695 C CA  . ASN A 1 96  ? 6.638   -3.606  -6.032  1.00 9.35  ? 88   ASN A CA  1 
ATOM   696 C C   . ASN A 1 96  ? 8.175   -3.575  -6.081  1.00 9.30  ? 88   ASN A C   1 
ATOM   697 O O   . ASN A 1 96  ? 8.819   -4.343  -5.365  1.00 7.09  ? 88   ASN A O   1 
ATOM   698 C CB  . ASN A 1 96  ? 6.106   -4.595  -7.079  1.00 7.43  ? 88   ASN A CB  1 
ATOM   699 C CG  . ASN A 1 96  ? 6.648   -5.991  -6.862  1.00 8.90  ? 88   ASN A CG  1 
ATOM   700 O OD1 . ASN A 1 96  ? 6.404   -6.605  -5.827  1.00 10.45 ? 88   ASN A OD1 1 
ATOM   701 N ND2 . ASN A 1 96  ? 7.430   -6.485  -7.818  1.00 9.43  ? 88   ASN A ND2 1 
ATOM   702 N N   . ASP A 1 97  ? 8.738   -2.712  -6.937  1.00 8.36  ? 89   ASP A N   1 
ATOM   703 C CA  . ASP A 1 97  ? 10.194  -2.539  -7.058  1.00 8.86  ? 89   ASP A CA  1 
ATOM   704 C C   . ASP A 1 97  ? 10.800  -2.219  -5.699  1.00 8.57  ? 89   ASP A C   1 
ATOM   705 O O   . ASP A 1 97  ? 11.773  -2.820  -5.284  1.00 9.54  ? 89   ASP A O   1 
ATOM   706 C CB  . ASP A 1 97  ? 10.522  -1.370  -7.990  1.00 10.55 ? 89   ASP A CB  1 
ATOM   707 C CG  . ASP A 1 97  ? 10.343  -1.694  -9.474  1.00 11.72 ? 89   ASP A CG  1 
ATOM   708 O OD1 . ASP A 1 97  ? 9.979   -2.826  -9.849  1.00 14.72 ? 89   ASP A OD1 1 
ATOM   709 O OD2 . ASP A 1 97  ? 10.574  -0.774  -10.278 1.00 16.75 ? 89   ASP A OD2 1 
ATOM   710 N N   . ASP A 1 98  ? 10.195  -1.253  -5.016  1.00 8.94  ? 90   ASP A N   1 
ATOM   711 C CA  . ASP A 1 98  ? 10.606  -0.818  -3.680  1.00 8.79  ? 90   ASP A CA  1 
ATOM   712 C C   . ASP A 1 98  ? 10.484  -1.932  -2.641  1.00 8.94  ? 90   ASP A C   1 
ATOM   713 O O   . ASP A 1 98  ? 11.383  -2.124  -1.819  1.00 8.70  ? 90   ASP A O   1 
ATOM   714 C CB  . ASP A 1 98  ? 9.754   0.379   -3.249  1.00 6.68  ? 90   ASP A CB  1 
ATOM   715 C CG  . ASP A 1 98  ? 9.797   1.508   -4.262  1.00 12.13 ? 90   ASP A CG  1 
ATOM   716 O OD1 . ASP A 1 98  ? 10.782  2.273   -4.242  1.00 11.16 ? 90   ASP A OD1 1 
ATOM   717 O OD2 . ASP A 1 98  ? 8.863   1.615   -5.090  1.00 10.96 ? 90   ASP A OD2 1 
ATOM   718 N N   . LEU A 1 99  ? 9.362   -2.643  -2.670  1.00 7.83  ? 91   LEU A N   1 
ATOM   719 C CA  . LEU A 1 99  ? 9.149   -3.773  -1.754  1.00 8.70  ? 91   LEU A CA  1 
ATOM   720 C C   . LEU A 1 99  ? 10.238  -4.836  -1.926  1.00 8.05  ? 91   LEU A C   1 
ATOM   721 O O   . LEU A 1 99  ? 10.759  -5.339  -0.944  1.00 8.29  ? 91   LEU A O   1 
ATOM   722 C CB  . LEU A 1 99  ? 7.764   -4.397  -1.954  1.00 7.62  ? 91   LEU A CB  1 
ATOM   723 C CG  . LEU A 1 99  ? 7.368   -5.499  -0.966  1.00 10.39 ? 91   LEU A CG  1 
ATOM   724 C CD1 . LEU A 1 99  ? 7.063   -4.906  0.425   1.00 8.41  ? 91   LEU A CD1 1 
ATOM   725 C CD2 . LEU A 1 99  ? 6.170   -6.279  -1.508  1.00 8.32  ? 91   LEU A CD2 1 
ATOM   726 N N   . GLN A 1 100 ? 10.573  -5.168  -3.173  1.00 10.12 ? 92   GLN A N   1 
ATOM   727 C CA  . GLN A 1 100 ? 11.590  -6.209  -3.452  1.00 10.08 ? 92   GLN A CA  1 
ATOM   728 C C   . GLN A 1 100 ? 12.983  -5.748  -3.058  1.00 8.38  ? 92   GLN A C   1 
ATOM   729 O O   . GLN A 1 100 ? 13.783  -6.555  -2.572  1.00 7.60  ? 92   GLN A O   1 
ATOM   730 C CB  . GLN A 1 100 ? 11.583  -6.648  -4.931  1.00 10.52 ? 92   GLN A CB  1 
ATOM   731 C CG  . GLN A 1 100 ? 10.247  -7.225  -5.457  1.00 12.01 ? 92   GLN A CG  1 
ATOM   732 C CD  . GLN A 1 100 ? 9.702   -8.410  -4.644  1.00 11.73 ? 92   GLN A CD  1 
ATOM   733 O OE1 . GLN A 1 100 ? 10.450  -9.297  -4.220  1.00 11.04 ? 92   GLN A OE1 1 
ATOM   734 N NE2 . GLN A 1 100 ? 8.386   -8.431  -4.451  1.00 9.88  ? 92   GLN A NE2 1 
ATOM   735 N N   . GLU A 1 101 ? 13.275  -4.462  -3.269  1.00 8.21  ? 93   GLU A N   1 
ATOM   736 C CA  . GLU A 1 101 ? 14.556  -3.886  -2.848  1.00 8.96  ? 93   GLU A CA  1 
ATOM   737 C C   . GLU A 1 101 ? 14.746  -3.949  -1.323  1.00 8.79  ? 93   GLU A C   1 
ATOM   738 O O   . GLU A 1 101 ? 15.813  -4.358  -0.857  1.00 9.94  ? 93   GLU A O   1 
ATOM   739 C CB  . GLU A 1 101 ? 14.737  -2.454  -3.364  1.00 9.11  ? 93   GLU A CB  1 
ATOM   740 C CG  . GLU A 1 101 ? 15.224  -2.384  -4.811  1.00 13.99 ? 93   GLU A CG  1 
ATOM   741 C CD  . GLU A 1 101 ? 14.931  -1.054  -5.500  1.00 18.07 ? 93   GLU A CD  1 
ATOM   742 O OE1 . GLU A 1 101 ? 14.372  -0.123  -4.866  1.00 19.74 ? 93   GLU A OE1 1 
ATOM   743 O OE2 . GLU A 1 101 ? 15.249  -0.948  -6.707  1.00 20.89 ? 93   GLU A OE2 1 
ATOM   744 N N   . LEU A 1 102 ? 13.715  -3.571  -0.562  1.00 8.07  ? 94   LEU A N   1 
ATOM   745 C CA  . LEU A 1 102 ? 13.747  -3.701  0.897   1.00 8.63  ? 94   LEU A CA  1 
ATOM   746 C C   . LEU A 1 102 ? 13.887  -5.155  1.350   1.00 8.96  ? 94   LEU A C   1 
ATOM   747 O O   . LEU A 1 102 ? 14.563  -5.438  2.332   1.00 8.26  ? 94   LEU A O   1 
ATOM   748 C CB  . LEU A 1 102 ? 12.495  -3.103  1.530   1.00 10.85 ? 94   LEU A CB  1 
ATOM   749 C CG  . LEU A 1 102 ? 12.327  -1.580  1.501   1.00 11.73 ? 94   LEU A CG  1 
ATOM   750 C CD1 . LEU A 1 102 ? 10.887  -1.239  1.843   1.00 10.69 ? 94   LEU A CD1 1 
ATOM   751 C CD2 . LEU A 1 102 ? 13.284  -0.909  2.490   1.00 11.60 ? 94   LEU A CD2 1 
ATOM   752 N N   . ARG A 1 103 ? 13.252  -6.073  0.626   1.00 9.35  ? 95   ARG A N   1 
ATOM   753 C CA  . ARG A 1 103 ? 13.326  -7.488  0.961   1.00 10.43 ? 95   ARG A CA  1 
ATOM   754 C C   . ARG A 1 103 ? 14.768  -7.979  0.823   1.00 11.27 ? 95   ARG A C   1 
ATOM   755 O O   . ARG A 1 103 ? 15.301  -8.664  1.709   1.00 9.41  ? 95   ARG A O   1 
ATOM   756 C CB  . ARG A 1 103 ? 12.377  -8.307  0.072   1.00 12.50 ? 95   ARG A CB  1 
ATOM   757 C CG  . ARG A 1 103 ? 12.218  -9.758  0.529   1.00 15.57 ? 95   ARG A CG  1 
ATOM   758 C CD  . ARG A 1 103 ? 11.544  -10.640 -0.516  1.00 18.80 ? 95   ARG A CD  1 
ATOM   759 N NE  . ARG A 1 103 ? 11.912  -10.301 -1.890  1.00 21.53 ? 95   ARG A NE  1 
ATOM   760 C CZ  . ARG A 1 103 ? 13.109  -10.503 -2.448  1.00 22.59 ? 95   ARG A CZ  1 
ATOM   761 N NH1 . ARG A 1 103 ? 14.104  -11.044 -1.755  1.00 21.85 ? 95   ARG A NH1 1 
ATOM   762 N NH2 . ARG A 1 103 ? 13.305  -10.142 -3.711  1.00 20.32 ? 95   ARG A NH2 1 
ATOM   763 N N   . GLU A 1 104 ? 15.399  -7.560  -0.274  1.00 12.25 ? 96   GLU A N   1 
ATOM   764 C CA  . GLU A 1 104 ? 16.724  -8.027  -0.662  1.00 13.96 ? 96   GLU A CA  1 
ATOM   765 C C   . GLU A 1 104 ? 17.834  -7.617  0.299   1.00 12.62 ? 96   GLU A C   1 
ATOM   766 O O   . GLU A 1 104 ? 18.786  -8.360  0.497   1.00 13.55 ? 96   GLU A O   1 
ATOM   767 C CB  . GLU A 1 104 ? 17.036  -7.549  -2.077  1.00 16.05 ? 96   GLU A CB  1 
ATOM   768 C CG  . GLU A 1 104 ? 18.044  -8.400  -2.786  1.00 21.19 ? 96   GLU A CG  1 
ATOM   769 C CD  . GLU A 1 104 ? 17.614  -9.846  -2.906  1.00 22.88 ? 96   GLU A CD  1 
ATOM   770 O OE1 . GLU A 1 104 ? 16.518  -10.129 -3.452  1.00 24.93 ? 96   GLU A OE1 1 
ATOM   771 O OE2 . GLU A 1 104 ? 18.384  -10.696 -2.442  1.00 23.42 ? 96   GLU A OE2 1 
ATOM   772 N N   . THR A 1 105 ? 17.704  -6.435  0.889   1.00 13.02 ? 97   THR A N   1 
ATOM   773 C CA  . THR A 1 105 ? 18.667  -5.930  1.875   1.00 11.51 ? 97   THR A CA  1 
ATOM   774 C C   . THR A 1 105 ? 18.464  -6.511  3.274   1.00 11.38 ? 97   THR A C   1 
ATOM   775 O O   . THR A 1 105 ? 19.315  -6.329  4.143   1.00 12.51 ? 97   THR A O   1 
ATOM   776 C CB  . THR A 1 105 ? 18.566  -4.398  2.026   1.00 10.73 ? 97   THR A CB  1 
ATOM   777 O OG1 . THR A 1 105 ? 17.235  -4.055  2.429   1.00 9.47  ? 97   THR A OG1 1 
ATOM   778 C CG2 . THR A 1 105 ? 18.920  -3.670  0.729   1.00 8.95  ? 97   THR A CG2 1 
ATOM   779 N N   . GLY A 1 106 ? 17.329  -7.159  3.509   1.00 12.40 ? 98   GLY A N   1 
ATOM   780 C CA  . GLY A 1 106 ? 16.949  -7.593  4.862   1.00 11.02 ? 98   GLY A CA  1 
ATOM   781 C C   . GLY A 1 106 ? 16.119  -6.595  5.664   1.00 11.45 ? 98   GLY A C   1 
ATOM   782 O O   . GLY A 1 106 ? 15.704  -6.881  6.792   1.00 10.75 ? 98   GLY A O   1 
ATOM   783 N N   . GLU A 1 107 ? 15.878  -5.417  5.092   1.00 11.88 ? 99   GLU A N   1 
ATOM   784 C CA  . GLU A 1 107 ? 15.117  -4.365  5.777   1.00 12.40 ? 99   GLU A CA  1 
ATOM   785 C C   . GLU A 1 107 ? 13.646  -4.715  5.949   1.00 12.22 ? 99   GLU A C   1 
ATOM   786 O O   . GLU A 1 107 ? 13.037  -4.384  6.968   1.00 11.74 ? 99   GLU A O   1 
ATOM   787 C CB  . GLU A 1 107 ? 15.212  -3.043  5.016   1.00 11.68 ? 99   GLU A CB  1 
ATOM   788 C CG  . GLU A 1 107 ? 16.490  -2.275  5.219   1.00 12.77 ? 99   GLU A CG  1 
ATOM   789 C CD  . GLU A 1 107 ? 16.657  -1.168  4.183   1.00 11.94 ? 99   GLU A CD  1 
ATOM   790 O OE1 . GLU A 1 107 ? 17.072  -1.479  3.046   1.00 12.34 ? 99   GLU A OE1 1 
ATOM   791 O OE2 . GLU A 1 107 ? 16.357  0.008   4.501   1.00 12.17 ? 99   GLU A OE2 1 
ATOM   792 N N   . LEU A 1 108 ? 13.070  -5.352  4.938   1.00 10.46 ? 100  LEU A N   1 
ATOM   793 C CA  . LEU A 1 108 ? 11.659  -5.702  4.978   1.00 11.10 ? 100  LEU A CA  1 
ATOM   794 C C   . LEU A 1 108 ? 11.344  -6.595  6.177   1.00 11.06 ? 100  LEU A C   1 
ATOM   795 O O   . LEU A 1 108 ? 10.328  -6.394  6.846   1.00 10.95 ? 100  LEU A O   1 
ATOM   796 C CB  . LEU A 1 108 ? 11.221  -6.370  3.673   1.00 10.16 ? 100  LEU A CB  1 
ATOM   797 C CG  . LEU A 1 108 ? 9.729   -6.697  3.548   1.00 12.14 ? 100  LEU A CG  1 
ATOM   798 C CD1 . LEU A 1 108 ? 8.852   -5.461  3.769   1.00 8.58  ? 100  LEU A CD1 1 
ATOM   799 C CD2 . LEU A 1 108 ? 9.441   -7.365  2.215   1.00 11.13 ? 100  LEU A CD2 1 
ATOM   800 N N   . GLU A 1 109 ? 12.223  -7.564  6.441   1.00 11.92 ? 101  GLU A N   1 
ATOM   801 C CA  . GLU A 1 109 ? 12.096  -8.461  7.590   1.00 14.05 ? 101  GLU A CA  1 
ATOM   802 C C   . GLU A 1 109 ? 11.921  -7.659  8.874   1.00 13.23 ? 101  GLU A C   1 
ATOM   803 O O   . GLU A 1 109 ? 11.045  -7.968  9.683   1.00 11.58 ? 101  GLU A O   1 
ATOM   804 C CB  . GLU A 1 109 ? 13.309  -9.398  7.699   1.00 13.61 ? 101  GLU A CB  1 
ATOM   805 C CG  . GLU A 1 109 ? 13.398  -10.153 9.044   1.00 19.04 ? 101  GLU A CG  1 
ATOM   806 C CD  . GLU A 1 109 ? 14.681  -10.957 9.231   1.00 20.25 ? 101  GLU A CD  1 
ATOM   807 O OE1 . GLU A 1 109 ? 14.892  -11.466 10.356  1.00 26.08 ? 101  GLU A OE1 1 
ATOM   808 O OE2 . GLU A 1 109 ? 15.481  -11.088 8.280   1.00 20.74 ? 101  GLU A OE2 1 
ATOM   809 N N   . GLU A 1 110 ? 12.745  -6.625  9.048   1.00 13.88 ? 102  GLU A N   1 
ATOM   810 C CA  . GLU A 1 110 ? 12.673  -5.771  10.242  1.00 14.36 ? 102  GLU A CA  1 
ATOM   811 C C   . GLU A 1 110 ? 11.445  -4.862  10.263  1.00 13.37 ? 102  GLU A C   1 
ATOM   812 O O   . GLU A 1 110 ? 10.913  -4.547  11.328  1.00 15.79 ? 102  GLU A O   1 
ATOM   813 C CB  . GLU A 1 110 ? 13.962  -4.959  10.427  1.00 16.81 ? 102  GLU A CB  1 
ATOM   814 C CG  . GLU A 1 110 ? 15.161  -5.863  10.758  1.00 21.17 ? 102  GLU A CG  1 
ATOM   815 C CD  . GLU A 1 110 ? 16.367  -5.115  11.289  1.00 22.13 ? 102  GLU A CD  1 
ATOM   816 O OE1 . GLU A 1 110 ? 16.201  -4.172  12.098  1.00 23.67 ? 102  GLU A OE1 1 
ATOM   817 O OE2 . GLU A 1 110 ? 17.494  -5.499  10.909  1.00 24.76 ? 102  GLU A OE2 1 
ATOM   818 N N   . LEU A 1 111 ? 10.987  -4.450  9.091   1.00 11.69 ? 103  LEU A N   1 
ATOM   819 C CA  . LEU A 1 111 ? 9.773   -3.638  9.004   1.00 11.21 ? 103  LEU A CA  1 
ATOM   820 C C   . LEU A 1 111 ? 8.533   -4.452  9.364   1.00 11.76 ? 103  LEU A C   1 
ATOM   821 O O   . LEU A 1 111 ? 7.605   -3.932  9.985   1.00 13.21 ? 103  LEU A O   1 
ATOM   822 C CB  . LEU A 1 111 ? 9.625   -3.023  7.608   1.00 11.14 ? 103  LEU A CB  1 
ATOM   823 C CG  . LEU A 1 111 ? 10.670  -1.972  7.219   1.00 10.75 ? 103  LEU A CG  1 
ATOM   824 C CD1 . LEU A 1 111 ? 10.458  -1.538  5.771   1.00 12.06 ? 103  LEU A CD1 1 
ATOM   825 C CD2 . LEU A 1 111 ? 10.638  -0.778  8.163   1.00 11.45 ? 103  LEU A CD2 1 
ATOM   826 N N   . LEU A 1 112 ? 8.539   -5.731  8.991   1.00 11.97 ? 104  LEU A N   1 
ATOM   827 C CA  . LEU A 1 112 ? 7.400   -6.625  9.200   1.00 14.04 ? 104  LEU A CA  1 
ATOM   828 C C   . LEU A 1 112 ? 7.342   -7.238  10.602  1.00 15.91 ? 104  LEU A C   1 
ATOM   829 O O   . LEU A 1 112 ? 6.289   -7.711  11.033  1.00 16.64 ? 104  LEU A O   1 
ATOM   830 C CB  . LEU A 1 112 ? 7.406   -7.759  8.160   1.00 12.57 ? 104  LEU A CB  1 
ATOM   831 C CG  . LEU A 1 112 ? 7.133   -7.401  6.691   1.00 11.21 ? 104  LEU A CG  1 
ATOM   832 C CD1 . LEU A 1 112 ? 7.315   -8.616  5.787   1.00 10.55 ? 104  LEU A CD1 1 
ATOM   833 C CD2 . LEU A 1 112 ? 5.738   -6.806  6.531   1.00 12.07 ? 104  LEU A CD2 1 
ATOM   834 N N   . GLU A 1 113 ? 8.477   -7.237  11.291  1.00 16.78 ? 105  GLU A N   1 
ATOM   835 C CA  . GLU A 1 113 ? 8.616   -7.879  12.594  1.00 19.51 ? 105  GLU A CA  1 
ATOM   836 C C   . GLU A 1 113 ? 7.530   -7.453  13.614  1.00 20.79 ? 105  GLU A C   1 
ATOM   837 O O   . GLU A 1 113 ? 6.863   -8.322  14.181  1.00 20.21 ? 105  GLU A O   1 
ATOM   838 C CB  . GLU A 1 113 ? 10.035  -7.649  13.139  1.00 20.40 ? 105  GLU A CB  1 
ATOM   839 C CG  . GLU A 1 113 ? 10.365  -8.378  14.452  1.00 26.84 ? 105  GLU A CG  1 
ATOM   840 C CD  . GLU A 1 113 ? 9.928   -7.604  15.688  1.00 29.00 ? 105  GLU A CD  1 
ATOM   841 O OE1 . GLU A 1 113 ? 10.311  -6.410  15.833  1.00 29.41 ? 105  GLU A OE1 1 
ATOM   842 O OE2 . GLU A 1 113 ? 9.211   -8.209  16.520  1.00 31.89 ? 105  GLU A OE2 1 
ATOM   843 N N   . PRO A 1 114 ? 7.342   -6.127  13.838  1.00 22.00 ? 106  PRO A N   1 
ATOM   844 C CA  . PRO A 1 114 ? 6.378   -5.678  14.851  1.00 24.29 ? 106  PRO A CA  1 
ATOM   845 C C   . PRO A 1 114 ? 4.951   -6.071  14.475  1.00 26.50 ? 106  PRO A C   1 
ATOM   846 O O   . PRO A 1 114 ? 4.118   -6.325  15.346  1.00 27.62 ? 106  PRO A O   1 
ATOM   847 C CB  . PRO A 1 114 ? 6.515   -4.149  14.817  1.00 23.99 ? 106  PRO A CB  1 
ATOM   848 C CG  . PRO A 1 114 ? 7.822   -3.889  14.194  1.00 24.88 ? 106  PRO A CG  1 
ATOM   849 C CD  . PRO A 1 114 ? 7.987   -4.974  13.182  1.00 21.35 ? 106  PRO A CD  1 
ATOM   850 N N   . ILE A 1 115 ? 4.696   -6.119  13.174  1.00 27.17 ? 107  ILE A N   1 
ATOM   851 C CA  . ILE A 1 115 ? 3.411   -6.519  12.629  1.00 28.71 ? 107  ILE A CA  1 
ATOM   852 C C   . ILE A 1 115 ? 3.141   -8.013  12.807  1.00 28.75 ? 107  ILE A C   1 
ATOM   853 O O   . ILE A 1 115 ? 2.049   -8.388  13.234  1.00 30.38 ? 107  ILE A O   1 
ATOM   854 C CB  . ILE A 1 115 ? 3.304   -6.072  11.157  1.00 28.23 ? 107  ILE A CB  1 
ATOM   855 C CG1 . ILE A 1 115 ? 3.031   -4.569  11.126  1.00 28.69 ? 107  ILE A CG1 1 
ATOM   856 C CG2 . ILE A 1 115 ? 2.228   -6.860  10.411  1.00 28.20 ? 107  ILE A CG2 1 
ATOM   857 C CD1 . ILE A 1 115 ? 4.050   -3.769  10.350  1.00 30.06 ? 107  ILE A CD1 1 
ATOM   858 N N   . LEU A 1 116 ? 4.125   -8.855  12.493  1.00 28.59 ? 108  LEU A N   1 
ATOM   859 C CA  . LEU A 1 116 ? 3.999   -10.308 12.701  1.00 29.84 ? 108  LEU A CA  1 
ATOM   860 C C   . LEU A 1 116 ? 3.905   -10.706 14.196  1.00 30.21 ? 108  LEU A C   1 
ATOM   861 O O   . LEU A 1 116 ? 3.647   -11.867 14.524  1.00 31.94 ? 108  LEU A O   1 
ATOM   862 C CB  . LEU A 1 116 ? 5.122   -11.067 11.976  1.00 29.44 ? 108  LEU A CB  1 
ATOM   863 C CG  . LEU A 1 116 ? 5.147   -10.956 10.443  1.00 28.72 ? 108  LEU A CG  1 
ATOM   864 C CD1 . LEU A 1 116 ? 6.548   -11.164 9.901   1.00 27.58 ? 108  LEU A CD1 1 
ATOM   865 C CD2 . LEU A 1 116 ? 4.163   -11.921 9.783   1.00 28.23 ? 108  LEU A CD2 1 
ATOM   866 N N   . ALA A 1 117 ? 4.075   -9.716  15.065  1.00 30.86 ? 109  ALA A N   1 
ATOM   867 C CA  . ALA A 1 117 ? 3.913   -9.854  16.525  1.00 31.56 ? 109  ALA A CA  1 
ATOM   868 C C   . ALA A 1 117 ? 2.720   -8.994  16.958  1.00 32.34 ? 109  ALA A C   1 
ATOM   869 O O   . ALA A 1 117 ? 2.032   -9.298  17.929  1.00 32.91 ? 109  ALA A O   1 
ATOM   870 C CB  . ALA A 1 117 ? 5.167   -9.418  17.273  1.00 31.23 ? 109  ALA A CB  1 
HETATM 871 O O1  . MES B 2 .   ? 8.156   -0.079  -15.670 1.00 20.18 ? 3440 MES A O1  1 
HETATM 872 C C2  . MES B 2 .   ? 9.305   -0.163  -14.827 1.00 19.32 ? 3440 MES A C2  1 
HETATM 873 C C3  . MES B 2 .   ? 8.926   0.221   -13.396 1.00 18.77 ? 3440 MES A C3  1 
HETATM 874 N N4  . MES B 2 .   ? 7.914   -0.718  -12.892 1.00 18.21 ? 3440 MES A N4  1 
HETATM 875 C C5  . MES B 2 .   ? 6.757   -0.712  -13.801 1.00 17.84 ? 3440 MES A C5  1 
HETATM 876 C C6  . MES B 2 .   ? 7.224   -1.059  -15.215 1.00 18.07 ? 3440 MES A C6  1 
HETATM 877 C C7  . MES B 2 .   ? 7.486   -0.305  -11.549 1.00 16.15 ? 3440 MES A C7  1 
HETATM 878 C C8  . MES B 2 .   ? 6.516   -1.340  -10.982 1.00 13.57 ? 3440 MES A C8  1 
HETATM 879 S S   . MES B 2 .   ? 5.989   -0.830  -9.323  1.00 12.85 ? 3440 MES A S   1 
HETATM 880 O O1S . MES B 2 .   ? 5.304   0.449   -9.407  1.00 12.75 ? 3440 MES A O1S 1 
HETATM 881 O O2S . MES B 2 .   ? 7.158   -0.702  -8.466  1.00 13.38 ? 3440 MES A O2S 1 
HETATM 882 O O3S . MES B 2 .   ? 5.089   -1.832  -8.775  1.00 11.98 ? 3440 MES A O3S 1 
HETATM 883 O O   . HOH C 3 .   ? -4.038  -3.917  9.927   1.00 8.43  ? 3441 HOH A O   1 
HETATM 884 O O   . HOH C 3 .   ? 18.261  -12.765 -1.128  1.00 20.20 ? 3442 HOH A O   1 
HETATM 885 O O   . HOH C 3 .   ? 14.093  -1.749  8.233   1.00 14.90 ? 3443 HOH A O   1 
HETATM 886 O O   . HOH C 3 .   ? 13.983  -8.839  4.063   1.00 9.89  ? 3444 HOH A O   1 
HETATM 887 O O   . HOH C 3 .   ? 18.087  -4.129  -2.777  1.00 6.50  ? 3445 HOH A O   1 
HETATM 888 O O   . HOH C 3 .   ? 7.533   -1.515  11.062  1.00 19.43 ? 3446 HOH A O   1 
HETATM 889 O O   . HOH C 3 .   ? -5.298  18.906  -2.493  1.00 12.71 ? 3447 HOH A O   1 
HETATM 890 O O   . HOH C 3 .   ? 0.334   1.548   7.230   1.00 10.67 ? 3448 HOH A O   1 
HETATM 891 O O   . HOH C 3 .   ? -6.368  10.150  -10.219 1.00 18.98 ? 3449 HOH A O   1 
HETATM 892 O O   . HOH C 3 .   ? -1.068  5.355   -5.916  1.00 10.37 ? 3450 HOH A O   1 
HETATM 893 O O   . HOH C 3 .   ? -0.437  -14.971 4.337   1.00 7.92  ? 3451 HOH A O   1 
HETATM 894 O O   . HOH C 3 .   ? -11.721 20.351  0.282   1.00 11.61 ? 3452 HOH A O   1 
HETATM 895 O O   . HOH C 3 .   ? 0.787   -3.730  -13.013 1.00 6.85  ? 3453 HOH A O   1 
HETATM 896 O O   . HOH C 3 .   ? 21.598  -6.689  -0.221  1.00 9.05  ? 3454 HOH A O   1 
HETATM 897 O O   . HOH C 3 .   ? -8.145  20.873  -0.874  1.00 13.70 ? 3455 HOH A O   1 
HETATM 898 O O   . HOH C 3 .   ? -5.065  9.336   11.768  1.00 29.65 ? 3456 HOH A O   1 
HETATM 899 O O   . HOH C 3 .   ? -14.206 7.737   -11.067 1.00 29.97 ? 3457 HOH A O   1 
HETATM 900 O O   . HOH C 3 .   ? -13.137 6.288   -9.487  1.00 28.66 ? 3458 HOH A O   1 
HETATM 901 O O   . HOH C 3 .   ? -12.833 -5.408  -6.968  1.00 28.94 ? 3459 HOH A O   1 
HETATM 902 O O   . HOH C 3 .   ? -11.562 15.118  -3.505  1.00 20.22 ? 3460 HOH A O   1 
HETATM 903 O O   . HOH C 3 .   ? 9.291   -2.843  -12.492 1.00 12.93 ? 3461 HOH A O   1 
HETATM 904 O O   . HOH C 3 .   ? -1.479  7.749   -6.992  1.00 18.37 ? 3462 HOH A O   1 
HETATM 905 O O   . HOH C 3 .   ? 17.282  -8.748  8.085   1.00 32.85 ? 3463 HOH A O   1 
HETATM 906 O O   . HOH C 3 .   ? -12.060 12.632  5.817   1.00 17.11 ? 3464 HOH A O   1 
HETATM 907 O O   . HOH C 3 .   ? 3.290   1.445   -8.236  1.00 8.90  ? 3465 HOH A O   1 
HETATM 908 O O   . HOH C 3 .   ? -17.652 2.716   -4.501  1.00 22.15 ? 3466 HOH A O   1 
HETATM 909 O O   . HOH C 3 .   ? 1.733   7.472   8.665   1.00 39.84 ? 3467 HOH A O   1 
HETATM 910 O O   . HOH C 3 .   ? 2.734   -10.458 -11.606 1.00 19.12 ? 3468 HOH A O   1 
HETATM 911 O O   . HOH C 3 .   ? -11.773 -2.290  -2.401  1.00 31.56 ? 3469 HOH A O   1 
HETATM 912 O O   . HOH C 3 .   ? -0.878  2.088   -11.827 1.00 15.03 ? 3470 HOH A O   1 
HETATM 913 O O   . HOH C 3 .   ? 14.002  0.041   6.245   1.00 13.57 ? 3471 HOH A O   1 
HETATM 914 O O   . HOH C 3 .   ? -9.033  1.732   7.720   1.00 26.68 ? 3472 HOH A O   1 
HETATM 915 O O   . HOH C 3 .   ? -11.494 8.190   7.564   1.00 24.65 ? 3473 HOH A O   1 
HETATM 916 O O   . HOH C 3 .   ? -7.669  -5.534  7.246   1.00 37.89 ? 3474 HOH A O   1 
HETATM 917 O O   . HOH C 3 .   ? 14.542  1.101   -2.670  1.00 13.52 ? 3475 HOH A O   1 
HETATM 918 O O   . HOH C 3 .   ? 10.482  1.851   -9.500  1.00 30.61 ? 3476 HOH A O   1 
HETATM 919 O O   . HOH C 3 .   ? 5.846   -12.288 -6.218  1.00 22.47 ? 3477 HOH A O   1 
HETATM 920 O O   . HOH C 3 .   ? 4.653   7.382   -9.980  1.00 27.40 ? 3478 HOH A O   1 
HETATM 921 O O   . HOH C 3 .   ? 0.274   -16.122 8.071   1.00 18.47 ? 3479 HOH A O   1 
HETATM 922 O O   . HOH C 3 .   ? 13.279  -0.906  10.550  1.00 34.11 ? 3480 HOH A O   1 
HETATM 923 O O   . HOH C 3 .   ? 1.373   -1.337  -12.160 1.00 24.05 ? 3481 HOH A O   1 
HETATM 924 O O   . HOH C 3 .   ? 9.396   -11.439 7.375   1.00 15.23 ? 3482 HOH A O   1 
HETATM 925 O O   . HOH C 3 .   ? -1.132  8.845   7.932   1.00 16.88 ? 3483 HOH A O   1 
HETATM 926 O O   . HOH C 3 .   ? -3.926  -8.477  12.748  1.00 37.14 ? 3484 HOH A O   1 
HETATM 927 O O   . HOH C 3 .   ? -3.832  14.736  -7.169  1.00 19.52 ? 3485 HOH A O   1 
HETATM 928 O O   . HOH C 3 .   ? 2.413   -1.934  12.492  1.00 35.00 ? 3486 HOH A O   1 
HETATM 929 O O   . HOH C 3 .   ? 2.523   -19.563 1.893   1.00 20.46 ? 3487 HOH A O   1 
HETATM 930 O O   . HOH C 3 .   ? 3.761   -15.728 9.272   1.00 11.76 ? 3488 HOH A O   1 
HETATM 931 O O   . HOH C 3 .   ? -2.950  -15.045 5.537   1.00 17.65 ? 3489 HOH A O   1 
HETATM 932 O O   . HOH C 3 .   ? 13.093  -11.185 12.285  1.00 24.34 ? 3490 HOH A O   1 
HETATM 933 O O   . HOH C 3 .   ? -1.827  -18.453 1.638   1.00 27.15 ? 3491 HOH A O   1 
HETATM 934 O O   . HOH C 3 .   ? -7.646  -8.185  4.318   1.00 8.93  ? 3492 HOH A O   1 
HETATM 935 O O   . HOH C 3 .   ? -14.393 3.894   3.433   1.00 39.47 ? 3493 HOH A O   1 
HETATM 936 O O   . HOH C 3 .   ? -1.695  -12.624 -4.179  1.00 22.83 ? 3494 HOH A O   1 
HETATM 937 O O   . HOH C 3 .   ? -3.704  -7.932  -7.034  1.00 25.99 ? 3495 HOH A O   1 
HETATM 938 O O   . HOH C 3 .   ? 9.731   -10.093 9.769   1.00 10.31 ? 3496 HOH A O   1 
HETATM 939 O O   . HOH C 3 .   ? 0.378   10.061  5.647   1.00 26.47 ? 3497 HOH A O   1 
HETATM 940 O O   . HOH C 3 .   ? 6.110   -0.262  15.454  1.00 26.27 ? 3498 HOH A O   1 
HETATM 941 O O   . HOH C 3 .   ? 8.493   -4.976  -9.762  1.00 17.85 ? 3499 HOH A O   1 
HETATM 942 O O   . HOH C 3 .   ? 7.381   -10.698 14.808  1.00 35.10 ? 3500 HOH A O   1 
HETATM 943 O O   . HOH C 3 .   ? -0.954  -13.090 13.671  1.00 37.33 ? 3501 HOH A O   1 
HETATM 944 O O   . HOH C 3 .   ? 7.385   9.221   -4.208  1.00 32.43 ? 3502 HOH A O   1 
HETATM 945 O O   . HOH C 3 .   ? 16.927  -2.274  9.172   1.00 29.00 ? 3503 HOH A O   1 
HETATM 946 O O   . HOH C 3 .   ? -6.188  -3.893  8.693   1.00 28.13 ? 3504 HOH A O   1 
HETATM 947 O O   . HOH C 3 .   ? 8.089   0.687   10.170  1.00 32.95 ? 3505 HOH A O   1 
HETATM 948 O O   . HOH C 3 .   ? -1.923  9.332   -10.110 1.00 27.03 ? 3506 HOH A O   1 
HETATM 949 O O   . HOH C 3 .   ? 7.606   0.539   7.902   1.00 27.09 ? 3507 HOH A O   1 
HETATM 950 O O   . HOH C 3 .   ? -13.181 9.135   -7.486  1.00 17.45 ? 3508 HOH A O   1 
HETATM 951 O O   . HOH C 3 .   ? 3.128   15.185  -5.393  1.00 31.92 ? 3509 HOH A O   1 
HETATM 952 O O   . HOH C 3 .   ? -9.983  15.963  -7.212  1.00 38.36 ? 3510 HOH A O   1 
HETATM 953 O O   . HOH C 3 .   ? 17.624  0.182   -6.410  1.00 17.57 ? 3511 HOH A O   1 
HETATM 954 O O   . HOH C 3 .   ? -3.730  -18.972 -1.237  1.00 26.81 ? 3512 HOH A O   1 
HETATM 955 O O   . HOH C 3 .   ? -5.424  -6.549  -5.954  1.00 25.30 ? 3513 HOH A O   1 
HETATM 956 O O   . HOH C 3 .   ? 5.294   5.067   -9.967  1.00 27.87 ? 3514 HOH A O   1 
HETATM 957 O O   . HOH C 3 .   ? 9.957   -11.542 12.007  1.00 34.89 ? 3515 HOH A O   1 
HETATM 958 O O   . HOH C 3 .   ? -13.115 8.155   0.025   1.00 39.57 ? 3516 HOH A O   1 
HETATM 959 O O   . HOH C 3 .   ? 12.625  0.147   -1.322  1.00 34.25 ? 3517 HOH A O   1 
HETATM 960 O O   . HOH C 3 .   ? -12.000 2.098   2.361   1.00 43.68 ? 3518 HOH A O   1 
HETATM 961 O O   . HOH C 3 .   ? 11.838  -3.947  13.800  1.00 24.07 ? 3519 HOH A O   1 
HETATM 962 O O   . HOH C 3 .   ? -15.994 4.294   -3.084  1.00 28.86 ? 3520 HOH A O   1 
HETATM 963 O O   . HOH C 3 .   ? 10.870  2.362   0.151   1.00 21.20 ? 3521 HOH A O   1 
HETATM 964 O O   . HOH C 3 .   ? 12.955  -4.345  -7.439  1.00 35.16 ? 3522 HOH A O   1 
HETATM 965 O O   . HOH C 3 .   ? 1.763   17.987  -9.884  1.00 40.19 ? 3523 HOH A O   1 
HETATM 966 O O   . HOH C 3 .   ? 0.381   -20.973 -0.118  1.00 38.17 ? 3524 HOH A O   1 
HETATM 967 O O   . HOH C 3 .   ? -4.526  -7.315  -9.029  1.00 31.62 ? 3525 HOH A O   1 
HETATM 968 O O   . HOH C 3 .   ? 12.565  2.824   -2.117  1.00 27.37 ? 3526 HOH A O   1 
HETATM 969 O O   . HOH C 3 .   ? -5.552  -10.164 12.605  1.00 36.23 ? 3527 HOH A O   1 
HETATM 970 O O   . HOH C 3 .   ? 6.108   2.894   12.116  1.00 33.35 ? 3528 HOH A O   1 
HETATM 971 O O   . HOH C 3 .   ? 2.700   -18.340 -5.094  1.00 37.78 ? 3529 HOH A O   1 
HETATM 972 O O   . HOH C 3 .   ? 9.909   -0.935  12.610  1.00 29.57 ? 3530 HOH A O   1 
HETATM 973 O O   . HOH C 3 .   ? 15.047  -6.176  -5.776  1.00 30.39 ? 3531 HOH A O   1 
HETATM 974 O O   . HOH C 3 .   ? 4.172   14.968  -3.438  1.00 41.52 ? 3532 HOH A O   1 
HETATM 975 O O   . HOH C 3 .   ? -10.639 13.762  -6.730  1.00 35.99 ? 3533 HOH A O   1 
HETATM 976 O O   . HOH C 3 .   ? 8.579   -9.557  -7.962  1.00 16.87 ? 3534 HOH A O   1 
HETATM 977 O O   . HOH C 3 .   ? -1.838  -2.950  -13.665 1.00 37.93 ? 3535 HOH A O   1 
HETATM 978 O O   . HOH C 3 .   ? -12.745 3.862   -9.811  1.00 21.15 ? 3536 HOH A O   1 
HETATM 979 O O   . HOH C 3 .   ? -12.868 18.714  2.128   1.00 11.86 ? 3537 HOH A O   1 
HETATM 980 O O   . HOH C 3 .   ? 1.015   -12.479 12.834  1.00 22.14 ? 3538 HOH A O   1 
HETATM 981 O O   . HOH C 3 .   ? 7.663   3.157   -7.795  1.00 39.11 ? 3539 HOH A O   1 
HETATM 982 O O   . HOH C 3 .   ? -13.225 -5.980  -11.193 1.00 30.14 ? 3540 HOH A O   1 
HETATM 983 O O   . HOH C 3 .   ? 6.108   12.793  -7.935  1.00 30.60 ? 3541 HOH A O   1 
HETATM 984 O O   . HOH C 3 .   ? 7.174   5.657   -5.208  1.00 20.87 ? 3542 HOH A O   1 
HETATM 985 O O   . HOH C 3 .   ? -4.333  10.909  -9.533  1.00 43.28 ? 3543 HOH A O   1 
HETATM 986 O O   . HOH C 3 .   ? -0.947  11.728  -11.682 1.00 40.37 ? 3544 HOH A O   1 
HETATM 987 O O   . HOH C 3 .   ? 4.297   -11.930 -10.198 1.00 40.07 ? 3545 HOH A O   1 
HETATM 988 O O   . HOH C 3 .   ? 2.608   -14.874 11.466  1.00 24.58 ? 3546 HOH A O   1 
HETATM 989 O O   . HOH C 3 .   ? 14.185  0.470   -8.655  1.00 26.51 ? 3547 HOH A O   1 
HETATM 990 O O   . HOH C 3 .   ? -0.450  15.968  0.964   1.00 26.74 ? 3548 HOH A O   1 
HETATM 991 O O   . HOH C 3 .   ? 12.306  -11.153 4.382   1.00 28.19 ? 3549 HOH A O   1 
HETATM 992 O O   . HOH C 3 .   ? 1.490   -21.427 6.228   1.00 43.75 ? 3550 HOH A O   1 
HETATM 993 O O   . HOH C 3 .   ? -15.310 11.296  -6.660  1.00 36.64 ? 3551 HOH A O   1 
HETATM 994 O O   . HOH C 3 .   ? 16.863  -12.571 -5.577  1.00 42.92 ? 3552 HOH A O   1 
HETATM 995 O O   . HOH C 3 .   ? -3.986  -5.716  12.006  1.00 35.86 ? 3553 HOH A O   1 
HETATM 996 O O   . HOH C 3 .   ? -10.462 3.619   -10.609 1.00 45.27 ? 3554 HOH A O   1 
HETATM 997 O O   . HOH C 3 .   ? -14.067 5.367   -1.960  1.00 45.72 ? 3555 HOH A O   1 
HETATM 998 O O   . HOH C 3 .   ? 6.549   7.697   4.848   1.00 25.86 ? 3556 HOH A O   1 
HETATM 999 O O   . HOH C 3 .   ? 14.705  -9.065  -5.622  1.00 29.45 ? 3557 HOH A O   1 
# 
